data_9EQ4
#
_entry.id   9EQ4
#
_cell.length_a   1.00
_cell.length_b   1.00
_cell.length_c   1.00
_cell.angle_alpha   90.00
_cell.angle_beta   90.00
_cell.angle_gamma   90.00
#
_symmetry.space_group_name_H-M   'P 1'
#
loop_
_entity.id
_entity.type
_entity.pdbx_description
1 polymer 'IgE HMM5 heavy chain'
2 polymer 'IgE HMM5 light chain'
3 polymer 'High affinity immunoglobulin epsilon receptor subunit alpha'
4 branched alpha-D-mannopyranose-(1-3)-[alpha-D-mannopyranose-(1-6)]beta-D-mannopyranose-(1-4)-2-acetamido-2-deoxy-beta-D-glucopyranose-(1-4)-2-acetamido-2-deoxy-beta-D-glucopyranose
5 branched alpha-D-mannopyranose-(1-3)-[alpha-D-mannopyranose-(1-6)]alpha-D-mannopyranose-(1-4)-2-acetamido-2-deoxy-beta-D-glucopyranose-(1-4)-2-acetamido-2-deoxy-beta-D-glucopyranose
6 branched alpha-D-mannopyranose-(1-6)-beta-D-mannopyranose-(1-4)-2-acetamido-2-deoxy-beta-D-glucopyranose-(1-4)-2-acetamido-2-deoxy-beta-D-glucopyranose
7 branched beta-D-mannopyranose-(1-4)-2-acetamido-2-deoxy-beta-D-glucopyranose-(1-4)-2-acetamido-2-deoxy-beta-D-glucopyranose
8 branched 2-acetamido-2-deoxy-beta-D-glucopyranose-(1-4)-2-acetamido-2-deoxy-beta-D-glucopyranose
9 non-polymer 2-acetamido-2-deoxy-beta-D-glucopyranose
#
loop_
_entity_poly.entity_id
_entity_poly.type
_entity_poly.pdbx_seq_one_letter_code
_entity_poly.pdbx_strand_id
1 'polypeptide(L)'
;QSLEESGGRLVTPGTPLTLTCTVSGFSLSTYNIHWVRQAPGKGLEWIGVIDTGGGTYFASWAKGRFAISKTSSTTVDLKM
TSLTAADTATYFCAKGFDYSASTNLWGPGTLVTISSASTQSPSVFPLTRCCKNIPSNATSVTLGCLATGYFPEPVMVTWD
TGSLNGTTMTLPATTLTLSGHYATISLLTVSGAWAKQMFTCRVAHTPSSTDWVDNKTFSVCSRDFTPPTVKILQSSCDGG
GHFPPTIQLLCLVSGYTPGTINITWLEDGQVMDVDLSTASTTQEGELASTQSELTLSQKHWLSDRTYTCQVTYQGHTFED
STKKCADSNPRGVSAYLSRPSPFDLFIRKSPTITCLVVDLAPSKGTVNLTWSRASGKPVNHSTRKEEKQRNGTLTVTSTL
PVGTRDWIEGETYQCRVTHPHLPRALMRSTTKTSGPRAAPEVYAFATPEWPGSRDKRTLACLIQNFMPEDISVQWLHNEV
QLPDARHSTTQPRKTKGSGFFVFSRLEVTRAEWEQKDEFICRAVHEAASPSQTVQRAVSSVNPGKHHHHHH
;
H,X
2 'polypeptide(L)'
;ELDMTQTPSSVSAPVGGSVTINCQSSQSVYGNNYLAWYQQKAGQPPKLLIYRASTLASGAPSRFKGSGSGTQFTLTISDL
ESDDAATYYCLGYYNGVINVFGGGTNVEIKRTVGAPSVFIFPPSDEQLKSGTASVVCLLNNFYPREAKVQWKVDNALQSG
NSQESVTEQDSKDSTYSLSSTLTLSKADYEKHKVYACEVTHQGLSSPVTKSFNRGEC
;
L,Y
3 'polypeptide(L)'
;KPKVSLNPPWNRIFKGENVTLTCNGNNFFEVSSTKWFHNGSLSEETNSSLNIVNAKFEDSGEYKCQHQQVNESEPVYLEV
FSDWLLLQASAEVVMEGQPLFLRCHGWRNWDVYKVIYYKDGEALKYWYENHNISITNATVEDSGTYYCTGKVWQLDYESE
PLNITVIKAPR
;
R
#
# COMPACT_ATOMS: atom_id res chain seq x y z
N GLN A 1 -5.95 -39.92 60.28
CA GLN A 1 -7.36 -40.26 60.24
C GLN A 1 -8.15 -39.20 59.49
N SER A 2 -8.35 -39.43 58.19
CA SER A 2 -9.07 -38.49 57.35
C SER A 2 -9.74 -39.25 56.21
N LEU A 3 -10.54 -38.52 55.45
CA LEU A 3 -11.28 -39.06 54.31
C LEU A 3 -11.14 -38.07 53.17
N GLU A 4 -11.16 -38.59 51.94
CA GLU A 4 -11.03 -37.70 50.78
C GLU A 4 -11.82 -38.26 49.61
N GLU A 5 -12.51 -37.37 48.90
CA GLU A 5 -13.38 -37.75 47.80
C GLU A 5 -12.71 -37.46 46.46
N SER A 6 -12.97 -38.32 45.48
CA SER A 6 -12.37 -38.16 44.17
C SER A 6 -13.33 -38.69 43.12
N GLY A 7 -13.13 -38.23 41.88
CA GLY A 7 -13.94 -38.66 40.76
C GLY A 7 -14.99 -37.66 40.30
N GLY A 8 -15.15 -36.55 41.00
CA GLY A 8 -16.13 -35.56 40.60
C GLY A 8 -15.66 -34.76 39.41
N ARG A 9 -16.47 -34.70 38.37
CA ARG A 9 -16.11 -34.06 37.12
C ARG A 9 -17.39 -33.64 36.39
N LEU A 10 -17.23 -33.19 35.16
CA LEU A 10 -18.35 -32.84 34.31
C LEU A 10 -18.69 -33.99 33.38
N VAL A 11 -19.93 -34.47 33.46
CA VAL A 11 -20.46 -35.45 32.52
C VAL A 11 -21.79 -34.93 31.99
N THR A 12 -22.24 -35.55 30.90
CA THR A 12 -23.52 -35.23 30.28
C THR A 12 -24.67 -35.80 31.13
N PRO A 13 -25.90 -35.30 30.93
CA PRO A 13 -27.07 -35.98 31.50
C PRO A 13 -27.24 -37.39 30.95
N GLY A 14 -27.58 -38.31 31.85
CA GLY A 14 -27.70 -39.72 31.52
C GLY A 14 -26.43 -40.53 31.67
N THR A 15 -25.29 -39.89 31.94
CA THR A 15 -24.02 -40.59 32.06
C THR A 15 -23.87 -41.13 33.49
N PRO A 16 -23.52 -42.41 33.67
CA PRO A 16 -23.21 -42.91 35.01
C PRO A 16 -21.90 -42.35 35.53
N LEU A 17 -21.79 -42.25 36.85
CA LEU A 17 -20.60 -41.64 37.46
C LEU A 17 -20.23 -42.37 38.74
N THR A 18 -18.95 -42.60 38.96
CA THR A 18 -18.46 -43.29 40.15
C THR A 18 -17.50 -42.39 40.91
N LEU A 19 -17.83 -42.12 42.18
CA LEU A 19 -16.96 -41.41 43.09
C LEU A 19 -16.27 -42.41 44.02
N THR A 20 -15.08 -42.03 44.48
CA THR A 20 -14.27 -42.86 45.37
C THR A 20 -13.95 -42.07 46.62
N CYS A 21 -14.33 -42.62 47.77
CA CYS A 21 -13.95 -42.11 49.07
C CYS A 21 -12.76 -42.93 49.56
N THR A 22 -11.58 -42.31 49.57
CA THR A 22 -10.37 -42.93 50.09
C THR A 22 -10.20 -42.50 51.54
N VAL A 23 -10.14 -43.46 52.44
CA VAL A 23 -10.01 -43.20 53.87
C VAL A 23 -8.60 -43.52 54.30
N SER A 24 -8.21 -42.99 55.46
CA SER A 24 -6.88 -43.23 56.02
C SER A 24 -6.96 -43.12 57.54
N GLY A 25 -6.33 -44.07 58.23
CA GLY A 25 -6.24 -44.00 59.68
C GLY A 25 -7.12 -44.99 60.40
N PHE A 26 -8.35 -45.18 59.92
CA PHE A 26 -9.30 -46.11 60.54
C PHE A 26 -9.57 -47.26 59.60
N SER A 27 -10.33 -48.23 60.12
CA SER A 27 -10.69 -49.43 59.37
C SER A 27 -12.16 -49.38 58.99
N LEU A 28 -12.48 -49.92 57.81
CA LEU A 28 -13.86 -50.00 57.37
C LEU A 28 -14.58 -51.23 57.92
N SER A 29 -13.86 -52.14 58.57
CA SER A 29 -14.47 -53.24 59.30
C SER A 29 -14.94 -52.84 60.69
N THR A 30 -14.59 -51.64 61.14
CA THR A 30 -15.08 -51.06 62.39
C THR A 30 -16.07 -49.92 62.15
N TYR A 31 -15.84 -49.12 61.12
CA TYR A 31 -16.60 -47.90 60.90
C TYR A 31 -17.40 -47.99 59.61
N ASN A 32 -18.57 -47.37 59.62
CA ASN A 32 -19.46 -47.26 58.47
C ASN A 32 -19.06 -46.06 57.61
N ILE A 33 -19.63 -45.99 56.41
CA ILE A 33 -19.35 -44.87 55.50
C ILE A 33 -20.67 -44.24 55.10
N HIS A 34 -20.83 -42.95 55.40
CA HIS A 34 -21.98 -42.16 54.99
C HIS A 34 -21.65 -41.34 53.75
N TRP A 35 -22.69 -41.12 52.93
CA TRP A 35 -22.64 -40.27 51.76
C TRP A 35 -23.71 -39.20 51.89
N VAL A 36 -23.28 -37.93 51.77
CA VAL A 36 -24.12 -36.74 51.91
C VAL A 36 -23.80 -35.86 50.69
N ARG A 37 -24.83 -35.26 50.07
CA ARG A 37 -24.56 -34.29 49.01
C ARG A 37 -25.10 -32.91 49.39
N GLN A 38 -24.65 -31.91 48.63
CA GLN A 38 -25.05 -30.52 48.87
C GLN A 38 -24.94 -29.75 47.57
N ALA A 39 -26.08 -29.27 47.06
CA ALA A 39 -26.07 -28.41 45.88
C ALA A 39 -25.53 -27.03 46.25
N PRO A 40 -24.98 -26.28 45.28
CA PRO A 40 -24.60 -24.88 45.54
C PRO A 40 -25.79 -23.99 45.84
N GLY A 41 -25.74 -23.32 46.99
CA GLY A 41 -26.83 -22.50 47.46
C GLY A 41 -27.91 -23.23 48.22
N LYS A 42 -27.75 -24.54 48.44
CA LYS A 42 -28.73 -25.37 49.12
C LYS A 42 -28.03 -26.02 50.32
N GLY A 43 -28.80 -26.48 51.30
CA GLY A 43 -28.27 -27.12 52.48
C GLY A 43 -27.81 -28.55 52.24
N LEU A 44 -27.55 -29.25 53.35
CA LEU A 44 -27.04 -30.61 53.28
C LEU A 44 -28.18 -31.61 53.07
N GLU A 45 -27.84 -32.73 52.45
CA GLU A 45 -28.82 -33.77 52.11
C GLU A 45 -28.17 -35.13 52.17
N TRP A 46 -28.71 -36.01 52.99
CA TRP A 46 -28.17 -37.35 53.18
C TRP A 46 -28.54 -38.24 52.00
N ILE A 47 -27.55 -38.97 51.48
CA ILE A 47 -27.81 -39.95 50.43
C ILE A 47 -27.91 -41.33 51.05
N GLY A 48 -26.83 -41.80 51.66
CA GLY A 48 -26.82 -43.21 52.02
C GLY A 48 -25.73 -43.57 53.01
N VAL A 49 -25.67 -44.86 53.32
CA VAL A 49 -24.67 -45.41 54.22
C VAL A 49 -24.40 -46.87 53.81
N ILE A 50 -23.13 -47.27 53.86
CA ILE A 50 -22.75 -48.67 53.85
C ILE A 50 -22.21 -48.99 55.25
N ASP A 51 -22.56 -50.17 55.76
CA ASP A 51 -22.06 -50.60 57.07
C ASP A 51 -20.77 -51.39 56.90
N THR A 52 -20.35 -52.06 57.97
CA THR A 52 -19.15 -52.89 57.91
C THR A 52 -19.41 -54.19 57.17
N GLY A 53 -20.65 -54.69 57.21
CA GLY A 53 -21.00 -55.92 56.52
C GLY A 53 -21.33 -55.77 55.06
N GLY A 54 -21.43 -54.54 54.55
CA GLY A 54 -21.73 -54.31 53.16
C GLY A 54 -23.16 -53.95 52.85
N GLY A 55 -24.03 -53.90 53.86
CA GLY A 55 -25.42 -53.52 53.62
C GLY A 55 -25.55 -52.03 53.42
N THR A 56 -26.27 -51.63 52.38
CA THR A 56 -26.41 -50.24 52.02
C THR A 56 -27.85 -49.77 52.25
N TYR A 57 -28.00 -48.64 52.92
CA TYR A 57 -29.29 -48.05 53.18
C TYR A 57 -29.31 -46.61 52.69
N PHE A 58 -30.40 -46.24 52.02
CA PHE A 58 -30.49 -44.97 51.32
C PHE A 58 -31.69 -44.18 51.82
N ALA A 59 -31.87 -42.99 51.26
CA ALA A 59 -33.00 -42.15 51.58
C ALA A 59 -34.20 -42.51 50.71
N SER A 60 -35.30 -41.79 50.91
CA SER A 60 -36.53 -42.07 50.18
C SER A 60 -36.47 -41.57 48.75
N TRP A 61 -35.71 -40.51 48.49
CA TRP A 61 -35.64 -39.92 47.15
C TRP A 61 -34.60 -40.57 46.26
N ALA A 62 -33.86 -41.57 46.76
CA ALA A 62 -32.77 -42.17 45.99
C ALA A 62 -33.30 -43.03 44.85
N LYS A 63 -34.29 -43.90 45.16
CA LYS A 63 -35.04 -44.73 44.21
C LYS A 63 -34.16 -45.69 43.40
N GLY A 64 -33.09 -46.18 44.02
CA GLY A 64 -32.22 -47.14 43.37
C GLY A 64 -31.22 -46.58 42.39
N ARG A 65 -31.13 -45.25 42.27
CA ARG A 65 -30.13 -44.65 41.38
C ARG A 65 -28.74 -44.62 41.99
N PHE A 66 -28.63 -44.84 43.30
CA PHE A 66 -27.37 -44.75 44.02
C PHE A 66 -26.99 -46.13 44.51
N ALA A 67 -25.70 -46.47 44.39
CA ALA A 67 -25.21 -47.74 44.89
C ALA A 67 -23.89 -47.51 45.60
N ILE A 68 -23.71 -48.14 46.76
CA ILE A 68 -22.47 -48.02 47.51
C ILE A 68 -21.81 -49.39 47.54
N SER A 69 -20.50 -49.43 47.32
CA SER A 69 -19.77 -50.69 47.35
C SER A 69 -18.44 -50.49 48.06
N LYS A 70 -18.01 -51.53 48.78
CA LYS A 70 -16.67 -51.55 49.36
C LYS A 70 -15.72 -52.22 48.37
N THR A 71 -14.81 -51.43 47.79
CA THR A 71 -13.90 -51.92 46.76
C THR A 71 -12.59 -52.45 47.33
N SER A 72 -12.06 -51.81 48.37
CA SER A 72 -10.84 -52.26 49.01
C SER A 72 -10.95 -51.94 50.50
N SER A 73 -9.82 -52.07 51.21
CA SER A 73 -9.82 -51.79 52.64
C SER A 73 -9.76 -50.30 52.95
N THR A 74 -9.43 -49.46 51.96
CA THR A 74 -9.35 -48.02 52.14
C THR A 74 -10.28 -47.22 51.24
N THR A 75 -10.90 -47.84 50.24
CA THR A 75 -11.71 -47.11 49.26
C THR A 75 -13.15 -47.61 49.28
N VAL A 76 -14.09 -46.68 49.20
CA VAL A 76 -15.52 -46.96 49.11
C VAL A 76 -16.07 -46.24 47.89
N ASP A 77 -16.68 -46.97 46.98
CA ASP A 77 -17.19 -46.39 45.75
C ASP A 77 -18.69 -46.10 45.84
N LEU A 78 -19.09 -44.99 45.24
CA LEU A 78 -20.50 -44.61 45.11
C LEU A 78 -20.80 -44.42 43.63
N LYS A 79 -21.78 -45.17 43.13
CA LYS A 79 -22.15 -45.16 41.72
C LYS A 79 -23.52 -44.50 41.56
N MET A 80 -23.60 -43.57 40.61
CA MET A 80 -24.82 -42.86 40.27
C MET A 80 -25.22 -43.22 38.85
N THR A 81 -26.51 -43.50 38.66
CA THR A 81 -27.13 -43.59 37.35
C THR A 81 -28.26 -42.56 37.29
N SER A 82 -28.73 -42.30 36.05
CA SER A 82 -29.85 -41.41 35.72
C SER A 82 -29.64 -39.98 36.22
N LEU A 83 -28.47 -39.42 35.93
CA LEU A 83 -28.12 -38.09 36.44
C LEU A 83 -28.75 -37.01 35.57
N THR A 84 -29.44 -36.08 36.23
CA THR A 84 -29.97 -34.87 35.63
C THR A 84 -29.29 -33.66 36.27
N ALA A 85 -29.80 -32.46 35.96
CA ALA A 85 -29.14 -31.22 36.38
C ALA A 85 -29.37 -30.90 37.85
N ALA A 86 -30.28 -31.59 38.53
CA ALA A 86 -30.49 -31.40 39.96
C ALA A 86 -29.42 -32.08 40.81
N ASP A 87 -28.60 -32.95 40.23
CA ASP A 87 -27.55 -33.66 40.95
C ASP A 87 -26.21 -32.93 40.92
N THR A 88 -26.17 -31.71 40.40
CA THR A 88 -24.97 -30.89 40.40
C THR A 88 -24.68 -30.45 41.83
N ALA A 89 -23.68 -31.07 42.45
CA ALA A 89 -23.52 -30.95 43.90
C ALA A 89 -22.09 -31.26 44.32
N THR A 90 -21.77 -30.80 45.53
CA THR A 90 -20.54 -31.20 46.23
C THR A 90 -20.90 -32.37 47.14
N TYR A 91 -20.16 -33.46 47.01
CA TYR A 91 -20.45 -34.73 47.65
C TYR A 91 -19.42 -34.97 48.74
N PHE A 92 -19.89 -35.33 49.93
CA PHE A 92 -19.07 -35.62 51.09
C PHE A 92 -19.26 -37.08 51.51
N CYS A 93 -18.14 -37.72 51.86
CA CYS A 93 -18.16 -39.02 52.52
C CYS A 93 -17.70 -38.84 53.96
N ALA A 94 -18.27 -39.65 54.85
CA ALA A 94 -18.04 -39.46 56.28
C ALA A 94 -17.85 -40.80 56.97
N LYS A 95 -17.02 -40.79 58.02
CA LYS A 95 -16.81 -41.96 58.86
C LYS A 95 -17.93 -42.03 59.89
N GLY A 96 -18.83 -43.01 59.75
CA GLY A 96 -19.96 -43.14 60.64
C GLY A 96 -19.68 -44.13 61.76
N PHE A 97 -19.92 -43.68 62.99
CA PHE A 97 -19.80 -44.56 64.15
C PHE A 97 -20.95 -45.56 64.19
N ASP A 98 -22.13 -45.14 63.77
CA ASP A 98 -23.30 -46.00 63.72
C ASP A 98 -24.06 -45.65 62.44
N TYR A 99 -25.32 -46.09 62.35
CA TYR A 99 -26.16 -45.76 61.21
C TYR A 99 -26.65 -44.32 61.22
N SER A 100 -26.56 -43.63 62.35
CA SER A 100 -26.76 -42.19 62.36
C SER A 100 -25.56 -41.49 61.73
N ALA A 101 -25.82 -40.41 61.00
CA ALA A 101 -24.74 -39.61 60.42
C ALA A 101 -24.35 -38.44 61.33
N SER A 102 -24.09 -38.76 62.60
CA SER A 102 -23.66 -37.78 63.60
C SER A 102 -22.17 -38.02 63.82
N THR A 103 -21.33 -37.25 63.14
CA THR A 103 -19.91 -37.55 63.13
C THR A 103 -19.10 -36.27 62.96
N ASN A 104 -17.84 -36.34 63.39
CA ASN A 104 -16.93 -35.20 63.35
C ASN A 104 -15.83 -35.35 62.31
N LEU A 105 -15.81 -36.46 61.56
CA LEU A 105 -14.76 -36.73 60.57
C LEU A 105 -15.40 -36.77 59.19
N TRP A 106 -15.16 -35.72 58.40
CA TRP A 106 -15.73 -35.59 57.07
C TRP A 106 -14.61 -35.33 56.07
N GLY A 107 -14.85 -35.69 54.82
CA GLY A 107 -13.94 -35.36 53.75
C GLY A 107 -14.21 -33.96 53.21
N PRO A 108 -13.31 -33.44 52.36
CA PRO A 108 -13.52 -32.09 51.81
C PRO A 108 -14.60 -32.00 50.74
N GLY A 109 -15.01 -33.12 50.16
CA GLY A 109 -16.05 -33.09 49.15
C GLY A 109 -15.49 -32.96 47.75
N THR A 110 -16.21 -33.54 46.78
CA THR A 110 -15.86 -33.41 45.38
C THR A 110 -17.06 -32.88 44.60
N LEU A 111 -16.80 -32.22 43.48
CA LEU A 111 -17.81 -31.39 42.83
C LEU A 111 -18.24 -32.06 41.53
N VAL A 112 -19.54 -32.26 41.36
CA VAL A 112 -20.12 -32.93 40.22
C VAL A 112 -21.03 -31.95 39.48
N THR A 113 -20.76 -31.75 38.20
CA THR A 113 -21.49 -30.81 37.35
C THR A 113 -22.20 -31.58 36.25
N ILE A 114 -23.49 -31.29 36.05
CA ILE A 114 -24.29 -31.90 35.01
C ILE A 114 -24.78 -30.77 34.11
N SER A 115 -24.08 -30.53 33.00
CA SER A 115 -24.46 -29.43 32.12
C SER A 115 -24.11 -29.79 30.69
N SER A 116 -24.40 -28.86 29.77
CA SER A 116 -24.27 -29.10 28.34
C SER A 116 -23.46 -28.01 27.63
N ALA A 117 -22.38 -27.54 28.23
CA ALA A 117 -21.49 -26.61 27.55
C ALA A 117 -20.13 -27.26 27.30
N SER A 118 -19.27 -26.54 26.58
CA SER A 118 -17.94 -27.02 26.26
C SER A 118 -17.03 -26.92 27.46
N THR A 119 -16.14 -27.90 27.59
CA THR A 119 -15.10 -27.84 28.62
C THR A 119 -13.98 -26.93 28.13
N GLN A 120 -13.83 -25.78 28.78
CA GLN A 120 -12.89 -24.77 28.34
C GLN A 120 -11.78 -24.61 29.38
N SER A 121 -10.55 -24.50 28.90
CA SER A 121 -9.40 -24.21 29.73
C SER A 121 -9.40 -22.73 30.14
N PRO A 122 -8.93 -22.40 31.34
CA PRO A 122 -8.88 -20.99 31.75
C PRO A 122 -7.77 -20.24 31.06
N SER A 123 -8.02 -18.94 30.88
CA SER A 123 -7.00 -18.01 30.44
C SER A 123 -6.55 -17.23 31.68
N VAL A 124 -5.25 -17.28 31.95
CA VAL A 124 -4.67 -16.77 33.19
C VAL A 124 -3.87 -15.52 32.87
N PHE A 125 -4.21 -14.41 33.52
CA PHE A 125 -3.57 -13.14 33.25
C PHE A 125 -3.13 -12.50 34.56
N PRO A 126 -1.98 -11.84 34.60
CA PRO A 126 -1.56 -11.15 35.82
C PRO A 126 -2.36 -9.88 36.09
N LEU A 127 -2.48 -9.56 37.37
CA LEU A 127 -3.16 -8.36 37.83
C LEU A 127 -2.19 -7.59 38.71
N THR A 128 -1.56 -6.57 38.13
CA THR A 128 -0.67 -5.67 38.84
C THR A 128 -1.25 -4.27 38.76
N ARG A 129 -1.01 -3.50 39.81
CA ARG A 129 -1.49 -2.13 39.84
C ARG A 129 -0.60 -1.23 38.99
N CYS A 130 -1.05 0.01 38.81
CA CYS A 130 -0.24 1.02 38.17
C CYS A 130 0.88 1.44 39.12
N CYS A 131 2.13 1.37 38.65
CA CYS A 131 3.28 1.62 39.52
C CYS A 131 3.45 3.08 39.87
N LYS A 132 2.90 3.99 39.06
CA LYS A 132 2.82 5.38 39.47
C LYS A 132 1.85 5.58 40.63
N ASN A 133 0.79 4.78 40.68
CA ASN A 133 -0.12 4.75 41.82
C ASN A 133 0.40 3.88 42.96
N ILE A 134 1.38 3.01 42.71
CA ILE A 134 2.05 2.27 43.78
C ILE A 134 3.04 3.21 44.46
N PRO A 135 2.93 3.44 45.76
CA PRO A 135 3.88 4.32 46.46
C PRO A 135 5.24 3.65 46.65
N SER A 136 6.27 4.48 46.80
CA SER A 136 7.64 3.98 46.89
C SER A 136 7.96 3.41 48.27
N ASN A 137 7.24 3.82 49.31
CA ASN A 137 7.50 3.38 50.68
C ASN A 137 6.69 2.15 51.04
N ALA A 138 6.04 1.52 50.06
CA ALA A 138 5.08 0.45 50.28
C ALA A 138 5.76 -0.82 50.79
N THR A 139 5.59 -1.08 52.08
CA THR A 139 6.20 -2.24 52.71
C THR A 139 5.53 -3.53 52.27
N SER A 140 4.24 -3.48 51.95
CA SER A 140 3.50 -4.61 51.43
C SER A 140 2.86 -4.24 50.11
N VAL A 141 2.57 -5.25 49.30
CA VAL A 141 1.90 -5.02 48.01
C VAL A 141 0.94 -6.18 47.77
N THR A 142 -0.16 -5.87 47.09
CA THR A 142 -1.22 -6.81 46.75
C THR A 142 -1.23 -6.99 45.24
N LEU A 143 -1.28 -8.24 44.79
CA LEU A 143 -1.10 -8.58 43.39
C LEU A 143 -2.07 -9.72 43.08
N GLY A 144 -2.16 -10.16 41.83
CA GLY A 144 -3.05 -11.29 41.61
C GLY A 144 -2.95 -11.93 40.25
N CYS A 145 -3.76 -12.97 40.07
CA CYS A 145 -4.02 -13.59 38.78
C CYS A 145 -5.52 -13.69 38.55
N LEU A 146 -5.94 -13.48 37.31
CA LEU A 146 -7.31 -13.68 36.85
C LEU A 146 -7.34 -14.92 35.99
N ALA A 147 -8.09 -15.93 36.41
CA ALA A 147 -8.31 -17.15 35.62
C ALA A 147 -9.74 -17.11 35.12
N THR A 148 -9.91 -16.76 33.85
CA THR A 148 -11.23 -16.47 33.32
C THR A 148 -11.55 -17.36 32.13
N GLY A 149 -12.85 -17.47 31.85
CA GLY A 149 -13.30 -18.12 30.63
C GLY A 149 -13.30 -19.63 30.68
N TYR A 150 -13.15 -20.23 31.84
CA TYR A 150 -13.13 -21.69 31.93
C TYR A 150 -14.52 -22.24 32.21
N PHE A 151 -14.71 -23.47 31.76
CA PHE A 151 -15.91 -24.20 32.11
C PHE A 151 -15.55 -25.67 32.29
N PRO A 152 -16.08 -26.33 33.31
CA PRO A 152 -16.77 -25.81 34.50
C PRO A 152 -15.86 -25.64 35.70
N GLU A 153 -16.49 -25.43 36.85
CA GLU A 153 -15.85 -25.41 38.16
C GLU A 153 -15.26 -26.80 38.46
N PRO A 154 -14.07 -26.87 39.09
CA PRO A 154 -13.16 -25.79 39.55
C PRO A 154 -11.78 -25.63 38.91
N VAL A 155 -11.17 -24.49 39.24
CA VAL A 155 -9.74 -24.27 39.12
C VAL A 155 -9.18 -24.17 40.54
N MET A 156 -7.87 -24.31 40.66
CA MET A 156 -7.19 -24.10 41.93
C MET A 156 -5.91 -23.32 41.66
N VAL A 157 -5.64 -22.31 42.49
CA VAL A 157 -4.49 -21.45 42.32
C VAL A 157 -3.62 -21.56 43.56
N THR A 158 -2.37 -21.97 43.37
CA THR A 158 -1.34 -21.82 44.40
C THR A 158 -0.35 -20.75 43.97
N TRP A 159 0.53 -20.37 44.88
CA TRP A 159 1.40 -19.23 44.66
C TRP A 159 2.84 -19.57 45.01
N ASP A 160 3.75 -19.20 44.12
CA ASP A 160 5.18 -19.22 44.38
C ASP A 160 5.63 -17.78 44.61
N THR A 161 6.02 -17.49 45.86
CA THR A 161 6.40 -16.16 46.30
C THR A 161 7.90 -16.00 46.41
N GLY A 162 8.67 -17.05 46.16
CA GLY A 162 10.10 -17.04 46.37
C GLY A 162 10.47 -17.13 47.84
N SER A 163 11.33 -16.23 48.31
CA SER A 163 11.71 -16.21 49.71
C SER A 163 10.72 -15.42 50.55
N LEU A 164 9.79 -14.73 49.92
CA LEU A 164 8.85 -13.91 50.65
C LEU A 164 7.67 -14.75 51.16
N ASN A 165 7.06 -14.22 52.20
CA ASN A 165 5.81 -14.70 52.77
C ASN A 165 4.62 -14.13 52.01
N GLY A 166 3.56 -14.92 51.87
CA GLY A 166 2.43 -14.42 51.13
C GLY A 166 1.05 -14.90 51.55
N THR A 167 0.16 -13.96 51.86
CA THR A 167 -1.21 -14.33 52.14
C THR A 167 -1.98 -14.45 50.83
N THR A 168 -2.60 -15.62 50.63
CA THR A 168 -3.29 -15.97 49.40
C THR A 168 -4.79 -16.01 49.65
N MET A 169 -5.53 -15.20 48.91
CA MET A 169 -6.98 -15.11 49.06
C MET A 169 -7.60 -15.42 47.70
N THR A 170 -8.38 -16.50 47.65
CA THR A 170 -9.08 -16.88 46.43
C THR A 170 -10.56 -16.58 46.58
N LEU A 171 -11.07 -15.72 45.70
CA LEU A 171 -12.45 -15.34 45.70
C LEU A 171 -13.30 -16.40 45.02
N PRO A 172 -14.59 -16.49 45.35
CA PRO A 172 -15.48 -17.42 44.63
C PRO A 172 -15.72 -16.99 43.18
N ALA A 173 -16.13 -17.97 42.38
CA ALA A 173 -16.27 -17.77 40.95
C ALA A 173 -17.52 -16.98 40.62
N THR A 174 -17.45 -16.22 39.54
CA THR A 174 -18.60 -15.57 38.93
C THR A 174 -18.84 -16.18 37.56
N THR A 175 -20.11 -16.52 37.29
CA THR A 175 -20.51 -16.97 35.97
C THR A 175 -20.55 -15.75 35.05
N LEU A 176 -19.86 -15.84 33.91
CA LEU A 176 -19.89 -14.77 32.93
C LEU A 176 -21.25 -14.73 32.24
N THR A 177 -21.80 -13.53 32.09
CA THR A 177 -23.19 -13.40 31.64
C THR A 177 -23.34 -13.65 30.15
N LEU A 178 -22.30 -13.41 29.36
CA LEU A 178 -22.41 -13.59 27.91
C LEU A 178 -22.12 -15.02 27.49
N SER A 179 -21.17 -15.68 28.15
CA SER A 179 -20.72 -17.00 27.72
C SER A 179 -21.18 -18.14 28.61
N GLY A 180 -21.45 -17.89 29.89
CA GLY A 180 -21.74 -18.95 30.83
C GLY A 180 -20.51 -19.55 31.50
N HIS A 181 -19.32 -19.13 31.10
CA HIS A 181 -18.09 -19.64 31.69
C HIS A 181 -17.83 -18.98 33.04
N TYR A 182 -16.86 -19.54 33.76
CA TYR A 182 -16.53 -19.07 35.10
C TYR A 182 -15.26 -18.23 35.07
N ALA A 183 -15.09 -17.44 36.11
CA ALA A 183 -13.90 -16.61 36.28
C ALA A 183 -13.61 -16.45 37.76
N THR A 184 -12.35 -16.65 38.12
CA THR A 184 -11.88 -16.43 39.48
C THR A 184 -10.72 -15.46 39.46
N ILE A 185 -10.50 -14.81 40.60
CA ILE A 185 -9.25 -14.11 40.86
C ILE A 185 -8.59 -14.78 42.05
N SER A 186 -7.27 -14.73 42.10
CA SER A 186 -6.51 -15.09 43.29
C SER A 186 -5.57 -13.95 43.59
N LEU A 187 -5.58 -13.50 44.84
CA LEU A 187 -4.80 -12.35 45.26
C LEU A 187 -3.73 -12.81 46.22
N LEU A 188 -2.55 -12.21 46.07
CA LEU A 188 -1.41 -12.53 46.90
C LEU A 188 -0.89 -11.23 47.47
N THR A 189 -0.81 -11.14 48.79
CA THR A 189 -0.25 -9.96 49.45
C THR A 189 1.07 -10.38 50.08
N VAL A 190 2.15 -9.72 49.65
CA VAL A 190 3.50 -10.01 50.11
C VAL A 190 4.08 -8.76 50.76
N SER A 191 5.19 -8.97 51.47
CA SER A 191 5.91 -7.88 52.10
C SER A 191 7.40 -8.03 51.84
N GLY A 192 8.15 -6.98 52.16
CA GLY A 192 9.60 -7.02 52.06
C GLY A 192 10.17 -6.50 50.75
N ALA A 193 11.00 -7.32 50.10
CA ALA A 193 11.66 -6.93 48.85
C ALA A 193 10.85 -7.43 47.65
N TRP A 194 9.65 -6.87 47.51
CA TRP A 194 8.72 -7.26 46.47
C TRP A 194 9.04 -6.66 45.11
N ALA A 195 9.85 -5.59 45.06
CA ALA A 195 10.08 -4.87 43.80
C ALA A 195 11.00 -5.63 42.87
N LYS A 196 11.84 -6.51 43.42
CA LYS A 196 12.72 -7.34 42.61
C LYS A 196 12.34 -8.81 42.64
N GLN A 197 11.23 -9.16 43.27
CA GLN A 197 10.85 -10.55 43.47
C GLN A 197 9.92 -11.02 42.35
N MET A 198 10.11 -12.26 41.91
CA MET A 198 9.46 -12.76 40.72
C MET A 198 8.36 -13.72 41.18
N PHE A 199 7.10 -13.42 40.85
CA PHE A 199 5.96 -14.13 41.45
C PHE A 199 5.25 -15.02 40.44
N THR A 200 4.80 -16.19 40.90
CA THR A 200 4.18 -17.16 40.03
C THR A 200 2.84 -17.61 40.60
N CYS A 201 1.80 -17.66 39.76
CA CYS A 201 0.58 -18.35 40.13
C CYS A 201 0.43 -19.64 39.32
N ARG A 202 -0.05 -20.68 40.00
CA ARG A 202 -0.23 -22.00 39.43
C ARG A 202 -1.73 -22.29 39.44
N VAL A 203 -2.33 -22.26 38.25
CA VAL A 203 -3.75 -22.48 38.07
C VAL A 203 -3.93 -23.84 37.42
N ALA A 204 -4.72 -24.69 38.05
CA ALA A 204 -5.03 -26.02 37.53
C ALA A 204 -6.54 -26.17 37.34
N HIS A 205 -6.92 -26.81 36.24
CA HIS A 205 -8.31 -27.05 35.87
C HIS A 205 -8.46 -28.53 35.58
N THR A 206 -8.80 -29.29 36.63
CA THR A 206 -9.05 -30.72 36.48
C THR A 206 -10.22 -31.15 35.57
N PRO A 207 -11.28 -30.37 35.30
CA PRO A 207 -12.16 -30.75 34.18
C PRO A 207 -11.53 -30.74 32.79
N SER A 208 -10.51 -29.91 32.55
CA SER A 208 -9.84 -29.94 31.23
C SER A 208 -8.97 -31.18 31.11
N SER A 209 -7.96 -31.29 31.96
CA SER A 209 -7.20 -32.53 32.16
C SER A 209 -6.67 -32.49 33.58
N THR A 210 -6.26 -33.67 34.07
CA THR A 210 -5.75 -33.81 35.42
C THR A 210 -4.43 -33.07 35.62
N ASP A 211 -3.56 -33.05 34.61
CA ASP A 211 -2.29 -32.36 34.68
C ASP A 211 -2.25 -31.07 33.87
N TRP A 212 -3.41 -30.45 33.65
CA TRP A 212 -3.43 -29.09 33.08
C TRP A 212 -2.95 -28.12 34.15
N VAL A 213 -1.72 -27.64 34.01
CA VAL A 213 -1.13 -26.70 34.97
C VAL A 213 -0.62 -25.49 34.19
N ASP A 214 -1.08 -24.29 34.55
CA ASP A 214 -0.61 -23.06 33.96
C ASP A 214 0.12 -22.26 35.04
N ASN A 215 1.39 -21.96 34.79
CA ASN A 215 2.17 -21.07 35.64
C ASN A 215 2.27 -19.72 34.95
N LYS A 216 1.65 -18.71 35.55
CA LYS A 216 1.81 -17.34 35.09
C LYS A 216 2.86 -16.68 35.99
N THR A 217 3.99 -16.31 35.39
CA THR A 217 5.15 -15.80 36.11
C THR A 217 5.36 -14.35 35.71
N PHE A 218 5.32 -13.46 36.69
CA PHE A 218 5.29 -12.02 36.43
C PHE A 218 5.89 -11.29 37.61
N SER A 219 6.39 -10.10 37.34
CA SER A 219 6.84 -9.18 38.38
C SER A 219 5.80 -8.08 38.55
N VAL A 220 5.84 -7.42 39.70
CA VAL A 220 4.81 -6.43 39.99
C VAL A 220 5.20 -4.99 39.62
N CYS A 221 5.09 -4.66 38.34
CA CYS A 221 5.09 -3.25 37.99
C CYS A 221 4.32 -3.07 36.69
N SER A 222 3.88 -1.84 36.45
CA SER A 222 3.36 -1.45 35.16
C SER A 222 3.79 -0.05 34.70
N ARG A 223 4.72 0.61 35.40
CA ARG A 223 5.44 1.73 34.81
C ARG A 223 6.28 1.26 33.64
N ASP A 224 6.15 1.95 32.52
CA ASP A 224 6.98 1.57 31.39
C ASP A 224 7.96 2.68 31.00
N PHE A 225 7.43 3.78 30.47
CA PHE A 225 8.15 4.83 29.76
C PHE A 225 7.15 5.91 29.37
N THR A 226 7.65 7.03 28.87
CA THR A 226 6.77 7.94 28.15
C THR A 226 6.42 7.35 26.78
N PRO A 227 5.14 7.36 26.40
CA PRO A 227 4.72 6.55 25.25
C PRO A 227 5.09 7.20 23.93
N PRO A 228 5.63 6.44 22.99
CA PRO A 228 5.81 6.95 21.62
C PRO A 228 4.48 7.04 20.91
N THR A 229 4.45 7.86 19.86
CA THR A 229 3.35 7.86 18.92
C THR A 229 3.88 7.44 17.56
N VAL A 230 3.14 6.55 16.91
CA VAL A 230 3.49 6.03 15.59
C VAL A 230 2.60 6.72 14.57
N LYS A 231 3.20 7.25 13.51
CA LYS A 231 2.43 7.69 12.35
C LYS A 231 3.20 7.35 11.08
N ILE A 232 2.45 7.09 10.01
CA ILE A 232 3.03 6.72 8.73
C ILE A 232 2.71 7.82 7.74
N LEU A 233 3.73 8.34 7.08
CA LEU A 233 3.58 9.25 5.97
C LEU A 233 3.88 8.54 4.64
N GLN A 234 3.40 9.13 3.53
CA GLN A 234 3.62 8.52 2.22
C GLN A 234 3.95 9.60 1.21
N SER A 235 4.60 9.16 0.12
CA SER A 235 4.78 9.91 -1.12
C SER A 235 3.49 10.53 -1.64
N SER A 236 3.60 11.72 -2.19
CA SER A 236 2.49 12.33 -2.88
C SER A 236 2.41 11.81 -4.31
N CYS A 237 1.19 11.69 -4.82
CA CYS A 237 1.02 11.62 -6.26
C CYS A 237 1.28 12.99 -6.88
N ASP A 238 1.49 13.01 -8.19
CA ASP A 238 1.94 14.24 -8.83
C ASP A 238 0.77 15.18 -9.19
N GLY A 239 1.11 16.27 -9.89
CA GLY A 239 0.17 17.31 -10.31
C GLY A 239 -0.92 16.87 -11.27
N GLY A 240 -0.77 15.71 -11.92
CA GLY A 240 -1.81 15.15 -12.75
C GLY A 240 -2.61 14.08 -12.06
N GLY A 241 -2.30 13.81 -10.80
CA GLY A 241 -2.93 12.75 -10.04
C GLY A 241 -2.31 11.39 -10.23
N HIS A 242 -1.14 11.30 -10.84
CA HIS A 242 -0.58 10.00 -11.18
C HIS A 242 0.45 9.60 -10.12
N PHE A 243 0.47 8.31 -9.83
CA PHE A 243 1.43 7.73 -8.90
C PHE A 243 2.84 7.77 -9.47
N PRO A 244 3.86 7.99 -8.61
CA PRO A 244 5.24 7.75 -9.05
C PRO A 244 5.52 6.26 -9.25
N PRO A 245 6.62 5.89 -9.93
CA PRO A 245 6.89 4.46 -10.18
C PRO A 245 7.27 3.64 -8.95
N THR A 246 7.76 4.27 -7.89
CA THR A 246 7.91 3.61 -6.60
C THR A 246 7.23 4.44 -5.53
N ILE A 247 6.83 3.76 -4.46
CA ILE A 247 6.13 4.35 -3.34
C ILE A 247 7.03 4.24 -2.12
N GLN A 248 7.23 5.36 -1.43
CA GLN A 248 7.94 5.40 -0.17
C GLN A 248 6.96 5.47 0.99
N LEU A 249 7.17 4.62 1.98
CA LEU A 249 6.47 4.63 3.26
C LEU A 249 7.39 5.04 4.39
N LEU A 250 7.02 6.07 5.16
CA LEU A 250 7.86 6.53 6.24
C LEU A 250 7.13 6.29 7.55
N CYS A 251 7.58 5.30 8.31
CA CYS A 251 7.02 5.03 9.62
C CYS A 251 7.81 5.86 10.63
N LEU A 252 7.13 6.75 11.34
CA LEU A 252 7.75 7.68 12.28
C LEU A 252 7.33 7.27 13.68
N VAL A 253 8.32 6.98 14.51
CA VAL A 253 8.15 6.73 15.92
C VAL A 253 8.71 7.94 16.66
N SER A 254 7.80 8.85 17.04
CA SER A 254 8.10 10.12 17.71
C SER A 254 8.73 9.93 19.08
N GLY A 255 9.10 11.06 19.74
CA GLY A 255 9.88 11.10 20.97
C GLY A 255 9.58 10.20 22.17
N TYR A 256 10.52 9.31 22.41
CA TYR A 256 10.47 8.34 23.50
C TYR A 256 11.80 8.26 24.23
N THR A 257 11.73 7.75 25.48
CA THR A 257 12.89 7.45 26.32
C THR A 257 13.77 6.45 25.59
N PRO A 258 15.06 6.73 25.35
CA PRO A 258 15.95 5.82 24.59
C PRO A 258 16.03 4.37 25.06
N GLY A 259 15.97 3.46 24.08
CA GLY A 259 15.98 2.03 24.34
C GLY A 259 16.04 1.24 23.05
N THR A 260 16.11 -0.08 23.19
CA THR A 260 16.16 -0.96 22.03
C THR A 260 14.79 -1.04 21.37
N ILE A 261 14.78 -0.97 20.04
CA ILE A 261 13.55 -0.86 19.27
C ILE A 261 13.72 -1.65 17.96
N ASN A 262 12.64 -2.31 17.53
CA ASN A 262 12.61 -3.07 16.30
C ASN A 262 11.40 -2.64 15.48
N ILE A 263 11.55 -2.67 14.14
CA ILE A 263 10.48 -2.28 13.24
C ILE A 263 10.29 -3.42 12.23
N THR A 264 9.06 -3.89 12.11
CA THR A 264 8.69 -4.90 11.14
C THR A 264 7.61 -4.32 10.22
N TRP A 265 7.77 -4.51 8.91
CA TRP A 265 6.75 -4.10 7.98
C TRP A 265 5.94 -5.35 7.63
N LEU A 266 4.63 -5.22 7.53
CA LEU A 266 3.79 -6.35 7.17
C LEU A 266 3.03 -6.03 5.88
N GLU A 267 2.92 -7.02 5.01
CA GLU A 267 2.10 -6.90 3.80
C GLU A 267 0.99 -7.91 4.01
N ASP A 268 -0.22 -7.38 4.22
CA ASP A 268 -1.43 -8.13 4.64
C ASP A 268 -1.16 -9.08 5.82
N GLY A 269 -0.34 -8.62 6.77
CA GLY A 269 -0.04 -9.35 7.97
C GLY A 269 1.17 -10.27 7.89
N GLN A 270 1.76 -10.46 6.71
CA GLN A 270 2.89 -11.37 6.57
C GLN A 270 4.23 -10.63 6.56
N VAL A 271 5.18 -11.15 7.35
CA VAL A 271 6.51 -10.56 7.50
C VAL A 271 7.28 -10.51 6.18
N MET A 272 7.78 -9.34 5.84
CA MET A 272 8.63 -9.07 4.68
C MET A 272 10.10 -9.22 5.03
N ASP A 273 10.91 -9.57 4.00
CA ASP A 273 12.36 -9.64 4.18
C ASP A 273 12.88 -8.24 4.49
N VAL A 274 13.70 -8.13 5.55
CA VAL A 274 14.29 -6.87 6.02
C VAL A 274 15.21 -6.13 5.02
N ASP A 275 15.74 -6.81 3.99
CA ASP A 275 16.62 -6.17 3.01
C ASP A 275 15.96 -5.08 2.14
N LEU A 276 14.64 -5.16 1.91
CA LEU A 276 13.99 -4.22 1.01
C LEU A 276 13.64 -2.87 1.67
N SER A 277 13.99 -2.67 2.94
CA SER A 277 13.64 -1.44 3.65
C SER A 277 14.82 -1.03 4.53
N THR A 278 14.87 0.26 4.90
CA THR A 278 15.84 0.75 5.87
C THR A 278 15.15 1.26 7.13
N ALA A 279 15.98 1.59 8.12
CA ALA A 279 15.56 2.15 9.39
C ALA A 279 16.69 2.99 9.96
N SER A 280 16.33 4.06 10.68
CA SER A 280 17.26 5.03 11.24
C SER A 280 16.76 5.52 12.58
N THR A 281 17.68 5.64 13.54
CA THR A 281 17.42 6.17 14.87
C THR A 281 18.36 7.32 15.17
N THR A 282 17.80 8.46 15.58
CA THR A 282 18.61 9.59 16.04
C THR A 282 18.22 9.91 17.48
N GLN A 283 19.11 10.61 18.17
CA GLN A 283 18.85 11.09 19.53
C GLN A 283 19.12 12.58 19.63
N GLU A 284 18.15 13.31 20.18
CA GLU A 284 18.29 14.74 20.42
C GLU A 284 18.04 14.96 21.91
N GLY A 285 19.09 15.41 22.62
CA GLY A 285 19.01 15.59 24.06
C GLY A 285 18.86 14.26 24.77
N GLU A 286 17.78 14.18 25.53
CA GLU A 286 17.40 13.02 26.29
C GLU A 286 16.31 12.22 25.59
N LEU A 287 15.98 12.57 24.33
CA LEU A 287 14.87 11.93 23.65
C LEU A 287 15.31 11.34 22.31
N ALA A 288 14.81 10.15 22.01
CA ALA A 288 15.10 9.47 20.76
C ALA A 288 13.98 9.67 19.74
N SER A 289 14.33 9.51 18.47
CA SER A 289 13.41 9.59 17.35
C SER A 289 13.77 8.50 16.37
N THR A 290 12.75 7.85 15.80
CA THR A 290 13.00 6.72 14.91
C THR A 290 12.18 6.88 13.63
N GLN A 291 12.80 6.55 12.50
CA GLN A 291 12.14 6.54 11.21
C GLN A 291 12.48 5.22 10.51
N SER A 292 11.53 4.73 9.73
CA SER A 292 11.75 3.57 8.90
C SER A 292 11.22 3.87 7.51
N GLU A 293 11.98 3.50 6.49
CA GLU A 293 11.61 3.79 5.12
C GLU A 293 11.40 2.47 4.40
N LEU A 294 10.27 2.36 3.70
CA LEU A 294 9.90 1.21 2.87
C LEU A 294 9.70 1.59 1.42
N THR A 295 10.24 0.76 0.50
CA THR A 295 10.08 1.03 -0.93
C THR A 295 9.21 -0.05 -1.55
N LEU A 296 8.22 0.36 -2.35
CA LEU A 296 7.29 -0.55 -2.99
C LEU A 296 7.16 -0.20 -4.46
N SER A 297 6.84 -1.21 -5.27
CA SER A 297 6.54 -0.94 -6.66
C SER A 297 5.15 -0.31 -6.73
N GLN A 298 4.92 0.46 -7.81
CA GLN A 298 3.61 1.07 -8.09
C GLN A 298 2.50 0.02 -8.22
N LYS A 299 2.83 -1.15 -8.80
CA LYS A 299 1.89 -2.27 -9.02
C LYS A 299 1.34 -2.80 -7.70
N HIS A 300 2.25 -3.00 -6.73
CA HIS A 300 1.88 -3.48 -5.40
C HIS A 300 0.99 -2.47 -4.68
N TRP A 301 1.31 -1.17 -4.82
CA TRP A 301 0.48 -0.13 -4.23
C TRP A 301 -0.92 -0.13 -4.82
N LEU A 302 -1.03 -0.27 -6.15
CA LEU A 302 -2.32 -0.32 -6.83
C LEU A 302 -3.07 -1.63 -6.60
N SER A 303 -2.43 -2.66 -6.07
CA SER A 303 -3.10 -3.92 -5.82
C SER A 303 -3.89 -3.97 -4.50
N ASP A 304 -3.98 -2.83 -3.78
CA ASP A 304 -4.83 -2.57 -2.61
C ASP A 304 -4.38 -3.43 -1.40
N ARG A 305 -3.12 -3.84 -1.37
CA ARG A 305 -2.61 -4.57 -0.21
C ARG A 305 -2.44 -3.65 1.00
N THR A 306 -2.53 -4.24 2.18
CA THR A 306 -2.48 -3.50 3.43
C THR A 306 -1.11 -3.73 4.06
N TYR A 307 -0.49 -2.64 4.51
CA TYR A 307 0.85 -2.63 5.06
C TYR A 307 0.76 -2.14 6.51
N THR A 308 1.49 -2.82 7.38
CA THR A 308 1.43 -2.58 8.83
C THR A 308 2.83 -2.24 9.31
N CYS A 309 2.96 -1.13 10.05
CA CYS A 309 4.21 -0.79 10.74
C CYS A 309 4.12 -1.29 12.17
N GLN A 310 4.99 -2.25 12.48
CA GLN A 310 5.05 -2.97 13.75
C GLN A 310 6.26 -2.51 14.53
N VAL A 311 6.02 -1.92 15.70
CA VAL A 311 7.10 -1.40 16.52
C VAL A 311 7.20 -2.30 17.74
N THR A 312 8.38 -2.82 18.02
CA THR A 312 8.58 -3.57 19.25
C THR A 312 9.56 -2.77 20.08
N TYR A 313 9.12 -2.34 21.26
CA TYR A 313 9.97 -1.52 22.12
C TYR A 313 9.76 -2.00 23.55
N GLN A 314 10.86 -2.40 24.20
CA GLN A 314 10.93 -2.92 25.59
C GLN A 314 9.85 -3.95 25.92
N GLY A 315 9.66 -4.90 25.00
CA GLY A 315 8.68 -5.95 25.24
C GLY A 315 7.24 -5.52 25.06
N HIS A 316 7.00 -4.34 24.49
CA HIS A 316 5.67 -3.84 24.20
C HIS A 316 5.53 -3.56 22.72
N THR A 317 4.35 -3.88 22.17
CA THR A 317 4.10 -3.78 20.75
C THR A 317 3.23 -2.56 20.50
N PHE A 318 3.63 -1.77 19.52
CA PHE A 318 2.90 -0.66 18.93
C PHE A 318 2.62 -1.05 17.49
N GLU A 319 1.63 -0.40 16.87
CA GLU A 319 1.36 -0.77 15.48
C GLU A 319 0.64 0.40 14.81
N ASP A 320 0.69 0.39 13.48
CA ASP A 320 -0.03 1.35 12.65
C ASP A 320 -0.32 0.66 11.33
N SER A 321 -1.35 1.13 10.61
CA SER A 321 -1.73 0.45 9.39
C SER A 321 -1.98 1.46 8.27
N THR A 322 -1.91 0.95 7.05
CA THR A 322 -2.15 1.72 5.83
C THR A 322 -2.55 0.73 4.74
N LYS A 323 -3.35 1.20 3.79
CA LYS A 323 -3.56 0.55 2.51
C LYS A 323 -3.61 1.69 1.52
N LYS A 324 -3.69 1.36 0.22
CA LYS A 324 -3.90 2.39 -0.81
C LYS A 324 -5.10 3.25 -0.41
N CYS A 325 -4.91 4.57 -0.51
CA CYS A 325 -5.93 5.52 -0.11
C CYS A 325 -7.14 5.43 -1.04
N ALA A 326 -8.30 5.93 -0.60
CA ALA A 326 -9.44 5.99 -1.51
C ALA A 326 -10.34 7.17 -1.17
N ASP A 327 -10.96 7.72 -2.22
CA ASP A 327 -12.00 8.72 -2.04
C ASP A 327 -13.27 8.13 -1.44
N SER A 328 -13.70 6.96 -1.94
CA SER A 328 -14.82 6.26 -1.37
C SER A 328 -14.45 4.78 -1.29
N ASN A 329 -14.93 4.12 -0.24
CA ASN A 329 -14.60 2.72 0.02
C ASN A 329 -15.89 1.92 0.19
N PRO A 330 -16.47 1.44 -0.90
CA PRO A 330 -17.56 0.48 -0.76
C PRO A 330 -17.02 -0.89 -0.39
N ARG A 331 -17.83 -1.63 0.36
CA ARG A 331 -17.54 -2.98 0.78
C ARG A 331 -18.85 -3.62 1.16
N GLY A 332 -18.94 -4.94 0.97
CA GLY A 332 -20.09 -5.68 1.39
C GLY A 332 -19.67 -6.91 2.18
N VAL A 333 -20.65 -7.49 2.84
CA VAL A 333 -20.41 -8.65 3.67
C VAL A 333 -20.27 -9.89 2.78
N SER A 334 -19.33 -10.78 3.13
CA SER A 334 -19.17 -12.05 2.45
C SER A 334 -19.03 -13.16 3.49
N ALA A 335 -19.27 -14.40 3.06
CA ALA A 335 -19.29 -15.52 3.99
C ALA A 335 -18.71 -16.75 3.31
N TYR A 336 -18.01 -17.56 4.11
CA TYR A 336 -17.32 -18.74 3.64
C TYR A 336 -17.60 -19.85 4.64
N LEU A 337 -17.70 -21.07 4.15
CA LEU A 337 -18.05 -22.19 5.02
C LEU A 337 -17.16 -23.38 4.65
N SER A 338 -16.43 -23.89 5.62
CA SER A 338 -15.45 -24.93 5.38
C SER A 338 -16.04 -26.30 5.67
N ARG A 339 -15.39 -27.31 5.14
CA ARG A 339 -15.61 -28.69 5.57
C ARG A 339 -14.63 -29.02 6.70
N PRO A 340 -14.84 -30.09 7.48
CA PRO A 340 -13.84 -30.44 8.50
C PRO A 340 -12.57 -30.95 7.85
N SER A 341 -11.47 -30.75 8.55
CA SER A 341 -10.24 -31.27 7.99
C SER A 341 -10.17 -32.76 8.29
N PRO A 342 -9.52 -33.54 7.39
CA PRO A 342 -9.29 -34.97 7.66
C PRO A 342 -8.55 -35.27 8.95
N PHE A 343 -7.57 -34.43 9.32
CA PHE A 343 -6.87 -34.54 10.60
C PHE A 343 -7.82 -34.47 11.78
N ASP A 344 -8.75 -33.50 11.75
CA ASP A 344 -9.74 -33.39 12.82
C ASP A 344 -10.73 -34.54 12.80
N LEU A 345 -11.10 -35.01 11.60
CA LEU A 345 -12.07 -36.09 11.48
C LEU A 345 -11.51 -37.44 11.95
N PHE A 346 -10.27 -37.78 11.57
CA PHE A 346 -9.77 -39.14 11.67
C PHE A 346 -8.61 -39.35 12.63
N ILE A 347 -7.82 -38.33 12.91
CA ILE A 347 -6.74 -38.44 13.88
C ILE A 347 -7.20 -37.90 15.21
N ARG A 348 -7.56 -36.62 15.23
CA ARG A 348 -8.06 -35.98 16.45
C ARG A 348 -9.43 -36.51 16.84
N LYS A 349 -10.21 -36.98 15.85
CA LYS A 349 -11.58 -37.52 15.96
C LYS A 349 -12.53 -36.53 16.64
N SER A 350 -12.43 -35.25 16.25
CA SER A 350 -13.29 -34.21 16.79
C SER A 350 -13.55 -33.15 15.71
N PRO A 351 -14.35 -33.49 14.69
CA PRO A 351 -14.48 -32.58 13.54
C PRO A 351 -15.36 -31.38 13.87
N THR A 352 -15.04 -30.27 13.22
CA THR A 352 -15.81 -29.04 13.35
C THR A 352 -15.92 -28.43 11.97
N ILE A 353 -16.90 -27.56 11.82
CA ILE A 353 -17.01 -26.72 10.64
C ILE A 353 -17.00 -25.27 11.07
N THR A 354 -16.52 -24.40 10.21
CA THR A 354 -16.41 -23.01 10.55
C THR A 354 -17.11 -22.17 9.50
N CYS A 355 -17.99 -21.28 9.93
CA CYS A 355 -18.57 -20.30 9.04
C CYS A 355 -17.86 -19.01 9.36
N LEU A 356 -17.20 -18.44 8.38
CA LEU A 356 -16.39 -17.24 8.57
C LEU A 356 -17.06 -16.17 7.76
N VAL A 357 -17.46 -15.08 8.43
CA VAL A 357 -18.12 -14.01 7.74
C VAL A 357 -17.23 -12.76 7.88
N VAL A 358 -16.82 -12.21 6.73
CA VAL A 358 -15.85 -11.13 6.66
C VAL A 358 -16.39 -9.97 5.85
N ASP A 359 -15.78 -8.80 6.08
CA ASP A 359 -16.01 -7.53 5.40
C ASP A 359 -17.38 -6.93 5.66
N LEU A 360 -18.01 -7.26 6.78
CA LEU A 360 -19.23 -6.57 7.18
C LEU A 360 -18.88 -5.16 7.62
N ALA A 361 -19.80 -4.25 7.40
CA ALA A 361 -19.61 -2.89 7.90
C ALA A 361 -20.08 -2.86 9.35
N PRO A 362 -19.21 -2.45 10.30
CA PRO A 362 -19.61 -2.37 11.71
C PRO A 362 -20.66 -1.32 12.01
N SER A 363 -21.91 -1.67 11.70
CA SER A 363 -23.09 -0.84 11.96
C SER A 363 -23.55 -0.99 13.41
N LYS A 364 -24.78 -0.59 13.68
CA LYS A 364 -25.40 -0.87 14.97
C LYS A 364 -26.01 -2.27 15.00
N GLY A 365 -25.60 -3.06 15.98
CA GLY A 365 -26.19 -4.30 16.43
C GLY A 365 -25.36 -5.52 16.03
N THR A 366 -25.60 -6.60 16.76
CA THR A 366 -24.98 -7.89 16.51
C THR A 366 -25.60 -8.59 15.30
N VAL A 367 -24.78 -9.38 14.62
CA VAL A 367 -25.20 -10.03 13.38
C VAL A 367 -25.77 -11.41 13.74
N ASN A 368 -26.93 -11.72 13.17
CA ASN A 368 -27.60 -12.98 13.45
C ASN A 368 -26.92 -14.10 12.68
N LEU A 369 -26.50 -15.14 13.39
CA LEU A 369 -25.74 -16.23 12.80
C LEU A 369 -26.30 -17.54 13.34
N THR A 370 -26.92 -18.35 12.47
CA THR A 370 -27.65 -19.53 12.89
C THR A 370 -27.20 -20.76 12.13
N TRP A 371 -27.00 -21.86 12.87
CA TRP A 371 -26.62 -23.13 12.27
C TRP A 371 -27.86 -24.02 12.18
N SER A 372 -27.97 -24.79 11.09
CA SER A 372 -29.05 -25.76 11.03
C SER A 372 -28.68 -26.97 10.18
N ARG A 373 -29.44 -28.06 10.37
CA ARG A 373 -29.27 -29.27 9.59
C ARG A 373 -30.55 -29.47 8.78
N ALA A 374 -30.41 -29.93 7.53
CA ALA A 374 -31.55 -30.23 6.67
C ALA A 374 -32.46 -31.32 7.22
N SER A 375 -31.91 -32.28 7.98
CA SER A 375 -32.69 -33.35 8.57
C SER A 375 -33.58 -32.93 9.73
N GLY A 376 -33.38 -31.73 10.28
CA GLY A 376 -34.12 -31.33 11.46
C GLY A 376 -33.61 -31.87 12.77
N LYS A 377 -32.53 -32.66 12.76
CA LYS A 377 -31.94 -33.17 13.98
C LYS A 377 -31.16 -32.04 14.67
N PRO A 378 -30.89 -32.12 15.98
CA PRO A 378 -30.33 -30.95 16.67
C PRO A 378 -28.86 -30.71 16.36
N VAL A 379 -28.48 -29.45 16.41
CA VAL A 379 -27.09 -29.06 16.28
C VAL A 379 -26.51 -28.90 17.67
N ASN A 380 -25.18 -29.00 17.75
CA ASN A 380 -24.48 -28.74 18.99
C ASN A 380 -24.38 -27.22 19.22
N HIS A 381 -23.99 -26.85 20.43
CA HIS A 381 -23.70 -25.44 20.69
C HIS A 381 -22.43 -25.04 19.96
N SER A 382 -22.45 -23.86 19.34
CA SER A 382 -21.30 -23.35 18.62
C SER A 382 -20.58 -22.28 19.44
N THR A 383 -19.36 -21.97 19.02
CA THR A 383 -18.61 -20.85 19.57
C THR A 383 -18.52 -19.72 18.55
N ARG A 384 -18.46 -18.48 19.06
CA ARG A 384 -18.53 -17.30 18.22
C ARG A 384 -17.47 -16.31 18.69
N LYS A 385 -16.65 -15.85 17.76
CA LYS A 385 -15.65 -14.81 18.02
C LYS A 385 -15.92 -13.64 17.09
N GLU A 386 -15.82 -12.42 17.60
CA GLU A 386 -15.94 -11.22 16.78
C GLU A 386 -14.68 -10.40 16.99
N GLU A 387 -14.03 -10.00 15.89
CA GLU A 387 -12.73 -9.35 16.00
C GLU A 387 -12.63 -8.20 15.01
N LYS A 388 -12.34 -7.01 15.52
CA LYS A 388 -12.08 -5.88 14.65
C LYS A 388 -10.71 -6.04 14.00
N GLN A 389 -10.63 -5.76 12.71
CA GLN A 389 -9.42 -5.97 11.95
C GLN A 389 -8.72 -4.65 11.68
N ARG A 390 -7.44 -4.76 11.26
CA ARG A 390 -6.58 -3.61 10.95
C ARG A 390 -7.14 -2.74 9.84
N ASN A 391 -7.70 -3.35 8.79
CA ASN A 391 -8.30 -2.64 7.66
C ASN A 391 -9.70 -2.02 7.97
N GLY A 392 -10.19 -2.04 9.22
CA GLY A 392 -11.42 -1.39 9.59
C GLY A 392 -12.67 -2.25 9.56
N THR A 393 -12.59 -3.49 9.09
CA THR A 393 -13.78 -4.31 9.08
C THR A 393 -13.89 -5.09 10.40
N LEU A 394 -14.99 -5.83 10.53
CA LEU A 394 -15.24 -6.68 11.68
C LEU A 394 -15.45 -8.09 11.16
N THR A 395 -14.67 -9.05 11.65
CA THR A 395 -14.76 -10.42 11.18
C THR A 395 -15.33 -11.30 12.27
N VAL A 396 -16.37 -12.07 11.93
CA VAL A 396 -17.05 -12.92 12.89
C VAL A 396 -16.83 -14.37 12.47
N THR A 397 -16.40 -15.18 13.41
CA THR A 397 -16.09 -16.59 13.21
C THR A 397 -17.02 -17.43 14.07
N SER A 398 -17.70 -18.39 13.48
CA SER A 398 -18.50 -19.32 14.26
C SER A 398 -18.01 -20.74 13.96
N THR A 399 -17.73 -21.49 15.02
CA THR A 399 -17.22 -22.84 14.91
C THR A 399 -18.21 -23.80 15.54
N LEU A 400 -18.67 -24.78 14.76
CA LEU A 400 -19.70 -25.72 15.16
C LEU A 400 -19.08 -27.11 15.22
N PRO A 401 -19.10 -27.80 16.37
CA PRO A 401 -18.73 -29.21 16.38
C PRO A 401 -19.77 -30.06 15.64
N VAL A 402 -19.27 -30.99 14.83
CA VAL A 402 -20.15 -31.90 14.11
C VAL A 402 -19.85 -33.34 14.53
N GLY A 403 -20.89 -34.17 14.47
CA GLY A 403 -20.72 -35.59 14.71
C GLY A 403 -19.90 -36.26 13.62
N THR A 404 -19.03 -37.19 14.04
CA THR A 404 -18.12 -37.86 13.11
C THR A 404 -18.89 -38.79 12.19
N ARG A 405 -19.77 -39.61 12.78
CA ARG A 405 -20.65 -40.50 12.05
C ARG A 405 -21.67 -39.72 11.24
N ASP A 406 -22.17 -38.61 11.81
CA ASP A 406 -23.08 -37.68 11.13
C ASP A 406 -22.49 -37.17 9.83
N TRP A 407 -21.23 -36.72 9.87
CA TRP A 407 -20.55 -36.16 8.70
C TRP A 407 -20.33 -37.24 7.65
N ILE A 408 -19.82 -38.42 8.10
CA ILE A 408 -19.49 -39.52 7.18
C ILE A 408 -20.72 -40.06 6.44
N GLU A 409 -21.92 -39.95 7.00
CA GLU A 409 -23.07 -40.52 6.32
C GLU A 409 -23.79 -39.53 5.43
N GLY A 410 -23.23 -38.34 5.23
CA GLY A 410 -23.67 -37.49 4.15
C GLY A 410 -24.60 -36.37 4.54
N GLU A 411 -24.60 -35.96 5.82
CA GLU A 411 -25.43 -34.86 6.29
C GLU A 411 -24.99 -33.54 5.66
N THR A 412 -25.96 -32.66 5.46
CA THR A 412 -25.75 -31.32 4.93
C THR A 412 -25.98 -30.32 6.05
N TYR A 413 -25.02 -29.44 6.25
CA TYR A 413 -25.05 -28.42 7.28
C TYR A 413 -25.19 -27.06 6.64
N GLN A 414 -25.93 -26.18 7.32
CA GLN A 414 -26.24 -24.85 6.83
C GLN A 414 -25.81 -23.76 7.81
N CYS A 415 -25.21 -22.72 7.25
CA CYS A 415 -24.91 -21.46 7.92
C CYS A 415 -25.87 -20.43 7.35
N ARG A 416 -26.63 -19.77 8.22
CA ARG A 416 -27.58 -18.76 7.82
C ARG A 416 -27.24 -17.43 8.49
N VAL A 417 -27.13 -16.38 7.68
CA VAL A 417 -26.64 -15.08 8.11
C VAL A 417 -27.78 -14.11 7.90
N THR A 418 -28.18 -13.43 8.96
CA THR A 418 -29.22 -12.41 8.90
C THR A 418 -28.65 -11.19 9.63
N HIS A 419 -29.16 -10.00 9.29
CA HIS A 419 -28.82 -8.72 9.90
C HIS A 419 -29.87 -7.72 9.40
N PRO A 420 -30.29 -6.74 10.23
CA PRO A 420 -31.33 -5.79 9.81
C PRO A 420 -30.97 -4.95 8.60
N HIS A 421 -29.68 -4.65 8.42
CA HIS A 421 -29.22 -3.87 7.30
C HIS A 421 -28.98 -4.72 6.06
N LEU A 422 -29.12 -6.05 6.18
CA LEU A 422 -28.97 -6.88 5.01
C LEU A 422 -30.23 -6.84 4.15
N PRO A 423 -30.05 -6.96 2.82
CA PRO A 423 -31.21 -7.04 1.91
C PRO A 423 -32.00 -8.33 2.08
N ARG A 424 -31.24 -9.41 2.07
CA ARG A 424 -31.74 -10.75 2.23
C ARG A 424 -30.75 -11.51 3.12
N ALA A 425 -31.15 -12.73 3.47
CA ALA A 425 -30.30 -13.62 4.23
C ALA A 425 -29.20 -14.16 3.32
N LEU A 426 -28.02 -14.31 3.91
CA LEU A 426 -26.88 -14.91 3.23
C LEU A 426 -26.95 -16.37 3.64
N MET A 427 -26.78 -17.26 2.67
CA MET A 427 -26.91 -18.68 2.92
C MET A 427 -25.70 -19.44 2.41
N ARG A 428 -25.16 -20.31 3.27
CA ARG A 428 -24.07 -21.19 2.89
C ARG A 428 -24.41 -22.59 3.37
N SER A 429 -23.92 -23.59 2.64
CA SER A 429 -24.15 -24.97 3.02
C SER A 429 -22.90 -25.78 2.73
N THR A 430 -22.77 -26.91 3.43
CA THR A 430 -21.59 -27.73 3.27
C THR A 430 -21.99 -29.19 3.51
N THR A 431 -21.28 -30.08 2.82
CA THR A 431 -21.57 -31.51 2.85
C THR A 431 -20.39 -32.28 2.29
N LYS A 432 -20.36 -33.57 2.64
CA LYS A 432 -19.33 -34.49 2.19
C LYS A 432 -19.47 -34.59 0.67
N THR A 433 -18.33 -34.62 -0.05
CA THR A 433 -18.36 -34.67 -1.50
C THR A 433 -18.98 -35.97 -2.02
N SER A 434 -19.88 -35.83 -2.98
CA SER A 434 -20.63 -36.93 -3.57
C SER A 434 -19.90 -37.64 -4.70
N GLY A 435 -18.62 -37.34 -4.91
CA GLY A 435 -17.85 -38.05 -5.88
C GLY A 435 -17.40 -39.40 -5.36
N PRO A 436 -16.74 -40.18 -6.23
CA PRO A 436 -16.09 -41.42 -5.78
C PRO A 436 -14.81 -41.22 -4.96
N ARG A 437 -14.02 -42.28 -4.80
CA ARG A 437 -12.88 -42.25 -3.92
C ARG A 437 -11.64 -42.83 -4.59
N ALA A 438 -10.47 -42.33 -4.19
CA ALA A 438 -9.18 -42.85 -4.65
C ALA A 438 -8.12 -42.48 -3.64
N ALA A 439 -7.19 -43.42 -3.40
CA ALA A 439 -6.20 -43.30 -2.35
C ALA A 439 -5.00 -42.45 -2.78
N PRO A 440 -4.36 -41.75 -1.84
CA PRO A 440 -3.17 -40.96 -2.20
C PRO A 440 -1.94 -41.82 -2.41
N GLU A 441 -1.13 -41.41 -3.39
CA GLU A 441 0.26 -41.82 -3.50
C GLU A 441 1.09 -40.78 -2.80
N VAL A 442 2.14 -41.22 -2.09
CA VAL A 442 3.01 -40.33 -1.32
C VAL A 442 4.45 -40.59 -1.76
N TYR A 443 5.20 -39.50 -1.95
CA TYR A 443 6.61 -39.56 -2.31
C TYR A 443 7.32 -38.44 -1.57
N ALA A 444 8.35 -38.77 -0.80
CA ALA A 444 9.11 -37.76 -0.09
C ALA A 444 10.53 -37.70 -0.62
N PHE A 445 11.09 -36.49 -0.66
CA PHE A 445 12.39 -36.26 -1.29
C PHE A 445 13.16 -35.25 -0.44
N ALA A 446 14.49 -35.31 -0.56
CA ALA A 446 15.38 -34.32 0.01
C ALA A 446 16.22 -33.72 -1.10
N THR A 447 16.45 -32.42 -1.01
CA THR A 447 17.39 -31.78 -1.92
C THR A 447 18.84 -32.13 -1.56
N PRO A 448 19.75 -32.07 -2.54
CA PRO A 448 21.15 -32.43 -2.27
C PRO A 448 21.89 -31.36 -1.49
N GLU A 449 23.02 -31.75 -0.94
CA GLU A 449 23.94 -30.81 -0.32
C GLU A 449 24.73 -30.08 -1.41
N TRP A 450 24.89 -28.78 -1.25
CA TRP A 450 25.67 -27.97 -2.18
C TRP A 450 26.14 -26.75 -1.37
N PRO A 451 27.04 -25.88 -1.94
CA PRO A 451 27.53 -24.71 -1.17
C PRO A 451 26.46 -23.74 -0.67
N GLY A 452 26.68 -23.20 0.52
CA GLY A 452 25.77 -22.20 1.05
C GLY A 452 24.55 -22.75 1.75
N SER A 453 24.45 -24.07 1.93
CA SER A 453 23.26 -24.68 2.53
C SER A 453 23.73 -25.88 3.35
N ARG A 454 24.71 -25.64 4.21
CA ARG A 454 25.32 -26.68 5.03
C ARG A 454 24.43 -27.03 6.22
N ASP A 455 23.94 -26.02 6.92
CA ASP A 455 23.14 -26.16 8.12
C ASP A 455 21.68 -25.80 7.92
N LYS A 456 21.23 -25.63 6.67
CA LYS A 456 19.80 -25.47 6.43
C LYS A 456 19.43 -26.20 5.15
N ARG A 457 18.43 -27.08 5.23
CA ARG A 457 18.08 -27.92 4.07
C ARG A 457 16.59 -27.76 3.79
N THR A 458 16.22 -27.92 2.52
CA THR A 458 14.83 -27.96 2.09
C THR A 458 14.43 -29.41 1.84
N LEU A 459 13.33 -29.84 2.45
CA LEU A 459 12.72 -31.14 2.25
C LEU A 459 11.41 -30.95 1.48
N ALA A 460 11.00 -31.96 0.72
CA ALA A 460 9.78 -31.84 -0.08
C ALA A 460 8.96 -33.13 -0.08
N CYS A 461 7.65 -32.98 -0.32
CA CYS A 461 6.73 -34.12 -0.38
C CYS A 461 5.69 -33.90 -1.47
N LEU A 462 5.46 -34.94 -2.27
CA LEU A 462 4.44 -34.99 -3.32
C LEU A 462 3.33 -35.96 -2.94
N ILE A 463 2.10 -35.47 -2.95
CA ILE A 463 0.93 -36.28 -2.65
C ILE A 463 0.05 -36.21 -3.89
N GLN A 464 -0.30 -37.34 -4.47
CA GLN A 464 -0.91 -37.25 -5.78
C GLN A 464 -1.84 -38.43 -6.02
N ASN A 465 -2.70 -38.26 -7.04
CA ASN A 465 -3.66 -39.22 -7.56
C ASN A 465 -4.76 -39.55 -6.56
N PHE A 466 -4.98 -38.68 -5.58
CA PHE A 466 -6.07 -38.92 -4.64
C PHE A 466 -7.29 -38.21 -5.15
N MET A 467 -8.45 -38.71 -4.73
CA MET A 467 -9.68 -38.09 -5.10
C MET A 467 -10.60 -38.55 -3.97
N PRO A 468 -11.44 -37.65 -3.41
CA PRO A 468 -11.61 -36.21 -3.67
C PRO A 468 -10.51 -35.30 -3.11
N GLU A 469 -10.74 -33.99 -3.14
CA GLU A 469 -9.70 -32.99 -2.90
C GLU A 469 -9.38 -32.71 -1.43
N ASP A 470 -10.22 -33.12 -0.48
CA ASP A 470 -9.99 -32.73 0.91
C ASP A 470 -8.93 -33.62 1.55
N ILE A 471 -7.78 -33.03 1.91
CA ILE A 471 -6.66 -33.78 2.46
C ILE A 471 -5.91 -32.90 3.45
N SER A 472 -5.34 -33.53 4.47
CA SER A 472 -4.45 -32.85 5.42
C SER A 472 -3.06 -33.43 5.38
N VAL A 473 -2.04 -32.60 5.19
CA VAL A 473 -0.66 -33.06 5.16
C VAL A 473 0.06 -32.42 6.33
N GLN A 474 0.77 -33.24 7.09
CA GLN A 474 1.60 -32.76 8.19
C GLN A 474 2.96 -33.44 8.08
N TRP A 475 3.95 -32.84 8.75
CA TRP A 475 5.25 -33.45 8.91
C TRP A 475 5.54 -33.84 10.35
N LEU A 476 6.09 -35.05 10.51
CA LEU A 476 6.40 -35.62 11.80
C LEU A 476 7.91 -35.83 11.87
N HIS A 477 8.48 -35.56 13.04
CA HIS A 477 9.92 -35.74 13.27
C HIS A 477 10.14 -36.12 14.72
N ASN A 478 10.74 -37.30 14.94
CA ASN A 478 11.23 -37.81 16.23
C ASN A 478 10.11 -37.80 17.29
N GLU A 479 9.00 -38.45 16.92
CA GLU A 479 7.81 -38.74 17.75
C GLU A 479 7.10 -37.48 18.25
N VAL A 480 7.26 -36.35 17.55
CA VAL A 480 6.44 -35.15 17.75
C VAL A 480 5.92 -34.77 16.37
N GLN A 481 4.64 -34.41 16.31
CA GLN A 481 4.06 -33.80 15.12
C GLN A 481 4.37 -32.32 15.10
N LEU A 482 5.18 -31.92 14.12
CA LEU A 482 5.70 -30.57 13.99
C LEU A 482 4.55 -29.60 13.67
N PRO A 483 4.65 -28.33 14.13
CA PRO A 483 3.61 -27.34 13.81
C PRO A 483 3.44 -27.08 12.33
N ASP A 484 2.18 -26.80 11.95
CA ASP A 484 1.80 -26.49 10.57
C ASP A 484 2.56 -25.31 9.99
N ALA A 485 2.91 -24.31 10.82
CA ALA A 485 3.57 -23.10 10.37
C ALA A 485 5.01 -23.35 9.90
N ARG A 486 5.61 -24.50 10.27
CA ARG A 486 6.98 -24.82 9.90
C ARG A 486 7.13 -25.06 8.41
N HIS A 487 6.07 -25.55 7.76
CA HIS A 487 6.09 -25.95 6.38
C HIS A 487 5.05 -25.16 5.59
N SER A 488 5.08 -25.36 4.27
CA SER A 488 4.18 -24.71 3.34
C SER A 488 3.52 -25.76 2.47
N THR A 489 2.27 -25.51 2.08
CA THR A 489 1.51 -26.49 1.33
C THR A 489 0.68 -25.83 0.25
N THR A 490 0.79 -26.35 -0.98
CA THR A 490 0.07 -25.76 -2.09
C THR A 490 -1.42 -26.12 -2.01
N GLN A 491 -2.21 -25.42 -2.78
CA GLN A 491 -3.63 -25.72 -2.88
C GLN A 491 -3.83 -26.89 -3.85
N PRO A 492 -4.80 -27.77 -3.57
CA PRO A 492 -5.07 -28.93 -4.46
C PRO A 492 -5.44 -28.49 -5.88
N ARG A 493 -4.79 -29.12 -6.86
CA ARG A 493 -5.06 -28.88 -8.27
C ARG A 493 -5.30 -30.21 -8.95
N LYS A 494 -6.02 -30.16 -10.08
CA LYS A 494 -6.37 -31.38 -10.80
C LYS A 494 -5.13 -31.89 -11.54
N THR A 495 -4.87 -33.19 -11.43
CA THR A 495 -3.92 -33.88 -12.30
C THR A 495 -4.44 -34.02 -13.73
N LYS A 496 -3.48 -34.27 -14.65
CA LYS A 496 -3.79 -34.44 -16.08
C LYS A 496 -4.75 -35.60 -16.32
N GLY A 497 -4.55 -36.71 -15.62
CA GLY A 497 -5.47 -37.82 -15.70
C GLY A 497 -6.59 -37.67 -14.69
N SER A 498 -6.50 -38.46 -13.62
CA SER A 498 -7.58 -38.65 -12.67
C SER A 498 -7.08 -38.35 -11.26
N GLY A 499 -7.70 -37.39 -10.58
CA GLY A 499 -7.38 -37.12 -9.20
C GLY A 499 -6.67 -35.79 -9.01
N PHE A 500 -6.32 -35.54 -7.76
CA PHE A 500 -5.71 -34.28 -7.34
C PHE A 500 -4.29 -34.51 -6.88
N PHE A 501 -3.57 -33.40 -6.71
CA PHE A 501 -2.24 -33.42 -6.11
C PHE A 501 -2.00 -32.20 -5.24
N VAL A 502 -1.10 -32.35 -4.27
CA VAL A 502 -0.56 -31.25 -3.48
C VAL A 502 0.94 -31.46 -3.34
N PHE A 503 1.63 -30.34 -3.11
CA PHE A 503 3.03 -30.26 -2.77
C PHE A 503 3.19 -29.71 -1.36
N SER A 504 4.16 -30.24 -0.60
CA SER A 504 4.54 -29.64 0.67
C SER A 504 6.03 -29.41 0.72
N ARG A 505 6.42 -28.26 1.27
CA ARG A 505 7.82 -27.85 1.39
C ARG A 505 8.15 -27.55 2.84
N LEU A 506 9.22 -28.14 3.36
CA LEU A 506 9.60 -27.95 4.76
C LEU A 506 11.08 -27.66 4.86
N GLU A 507 11.43 -26.46 5.32
CA GLU A 507 12.81 -26.16 5.62
C GLU A 507 13.17 -26.64 7.01
N VAL A 508 14.29 -27.36 7.12
CA VAL A 508 14.75 -27.93 8.38
C VAL A 508 16.16 -27.43 8.67
N THR A 509 16.53 -27.51 9.93
CA THR A 509 17.79 -27.02 10.44
C THR A 509 18.68 -28.21 10.81
N ARG A 510 19.98 -27.92 10.93
CA ARG A 510 21.03 -28.90 11.22
C ARG A 510 20.79 -29.66 12.52
N ALA A 511 20.39 -28.96 13.59
CA ALA A 511 20.12 -29.57 14.89
C ALA A 511 19.00 -30.61 14.84
N GLU A 512 18.02 -30.41 13.93
CA GLU A 512 16.92 -31.35 13.81
C GLU A 512 17.38 -32.65 13.15
N TRP A 513 18.13 -32.56 12.04
CA TRP A 513 18.54 -33.81 11.41
C TRP A 513 19.70 -34.49 12.14
N GLU A 514 20.49 -33.74 12.91
CA GLU A 514 21.45 -34.38 13.80
C GLU A 514 20.76 -35.04 15.00
N GLN A 515 19.61 -34.50 15.41
CA GLN A 515 18.77 -35.15 16.41
C GLN A 515 18.19 -36.46 15.88
N LYS A 516 17.48 -36.38 14.75
CA LYS A 516 16.99 -37.56 14.04
C LYS A 516 16.81 -37.16 12.58
N ASP A 517 17.38 -37.95 11.68
CA ASP A 517 17.40 -37.60 10.26
C ASP A 517 16.19 -38.23 9.56
N GLU A 518 15.35 -38.94 10.30
CA GLU A 518 14.14 -39.55 9.74
C GLU A 518 13.00 -38.54 9.89
N PHE A 519 12.46 -38.10 8.76
CA PHE A 519 11.34 -37.16 8.72
C PHE A 519 10.21 -37.81 7.94
N ILE A 520 9.01 -37.81 8.49
CA ILE A 520 7.89 -38.54 7.89
C ILE A 520 6.89 -37.51 7.39
N CYS A 521 6.58 -37.60 6.10
CA CYS A 521 5.46 -36.86 5.53
C CYS A 521 4.22 -37.73 5.58
N ARG A 522 3.16 -37.23 6.21
CA ARG A 522 1.94 -38.01 6.39
C ARG A 522 0.74 -37.23 5.86
N ALA A 523 -0.07 -37.92 5.06
CA ALA A 523 -1.33 -37.40 4.57
C ALA A 523 -2.49 -38.14 5.20
N VAL A 524 -3.50 -37.38 5.61
CA VAL A 524 -4.76 -37.87 6.13
C VAL A 524 -5.81 -37.54 5.08
N HIS A 525 -6.56 -38.56 4.66
CA HIS A 525 -7.49 -38.46 3.54
C HIS A 525 -8.52 -39.56 3.72
N GLU A 526 -9.78 -39.24 3.34
CA GLU A 526 -10.93 -40.11 3.60
C GLU A 526 -10.85 -41.44 2.87
N ALA A 527 -10.18 -41.47 1.72
CA ALA A 527 -10.07 -42.65 0.89
C ALA A 527 -8.84 -43.48 1.21
N ALA A 528 -7.98 -43.00 2.10
CA ALA A 528 -6.80 -43.76 2.50
C ALA A 528 -7.19 -44.96 3.36
N SER A 529 -6.31 -45.95 3.36
CA SER A 529 -6.57 -47.26 3.94
C SER A 529 -5.42 -47.65 4.87
N PRO A 530 -5.69 -48.42 5.94
CA PRO A 530 -6.99 -48.89 6.47
C PRO A 530 -7.62 -47.95 7.47
N SER A 531 -6.92 -46.87 7.86
CA SER A 531 -7.35 -46.02 8.96
C SER A 531 -7.29 -44.55 8.56
N GLN A 532 -7.50 -44.29 7.25
CA GLN A 532 -7.60 -42.97 6.63
C GLN A 532 -6.31 -42.16 6.73
N THR A 533 -5.16 -42.83 6.88
CA THR A 533 -3.88 -42.14 6.83
C THR A 533 -2.92 -42.96 5.98
N VAL A 534 -1.98 -42.25 5.36
CA VAL A 534 -0.87 -42.82 4.62
C VAL A 534 0.39 -42.00 4.94
N GLN A 535 1.52 -42.67 5.16
CA GLN A 535 2.72 -41.94 5.52
C GLN A 535 3.96 -42.57 4.92
N ARG A 536 4.98 -41.74 4.75
CA ARG A 536 6.26 -42.18 4.22
C ARG A 536 7.41 -41.46 4.92
N ALA A 537 8.45 -42.21 5.25
CA ALA A 537 9.62 -41.64 5.92
C ALA A 537 10.70 -41.38 4.88
N VAL A 538 11.52 -40.38 5.14
CA VAL A 538 12.71 -40.12 4.32
C VAL A 538 13.88 -39.78 5.26
N SER A 539 15.07 -40.25 4.88
CA SER A 539 16.32 -39.82 5.50
C SER A 539 17.08 -38.94 4.50
N SER A 540 17.62 -37.84 4.98
CA SER A 540 18.25 -36.86 4.08
C SER A 540 19.73 -37.16 3.86
N VAL A 541 20.24 -38.23 4.47
CA VAL A 541 21.66 -38.58 4.36
C VAL A 541 21.99 -39.06 2.94
N ASN A 542 21.04 -39.81 2.30
CA ASN A 542 20.91 -40.38 0.94
C ASN A 542 22.23 -40.74 0.26
N PRO A 543 22.99 -41.72 0.81
CA PRO A 543 24.44 -41.77 0.58
C PRO A 543 24.84 -42.21 -0.83
N GLY A 544 25.90 -41.58 -1.34
CA GLY A 544 26.28 -41.72 -2.73
C GLY A 544 26.96 -43.02 -3.08
N LYS A 545 26.21 -44.12 -3.06
CA LYS A 545 26.71 -45.42 -3.49
C LYS A 545 26.60 -45.49 -5.01
N HIS A 546 27.64 -44.96 -5.66
CA HIS A 546 27.69 -44.97 -7.11
C HIS A 546 27.95 -46.38 -7.63
N HIS A 547 27.21 -46.75 -8.68
CA HIS A 547 27.12 -48.11 -9.25
C HIS A 547 26.79 -49.15 -8.19
N HIS A 548 25.82 -48.81 -7.34
CA HIS A 548 25.33 -49.57 -6.17
C HIS A 548 26.45 -49.98 -5.20
N GLU B 1 -41.27 -38.61 53.27
CA GLU B 1 -42.55 -38.52 53.93
C GLU B 1 -42.46 -37.65 55.17
N LEU B 2 -41.62 -38.07 56.10
CA LEU B 2 -41.41 -37.36 57.36
C LEU B 2 -40.57 -36.10 57.16
N ASP B 3 -40.68 -35.18 58.12
CA ASP B 3 -40.14 -33.83 57.95
C ASP B 3 -39.23 -33.44 59.10
N MET B 4 -38.22 -32.63 58.77
CA MET B 4 -37.42 -31.86 59.71
C MET B 4 -37.62 -30.39 59.41
N THR B 5 -38.30 -29.67 60.30
CA THR B 5 -38.56 -28.24 60.15
C THR B 5 -37.59 -27.49 61.03
N GLN B 6 -36.68 -26.72 60.42
CA GLN B 6 -35.71 -25.92 61.14
C GLN B 6 -36.14 -24.46 61.08
N THR B 7 -36.37 -23.85 62.25
CA THR B 7 -36.84 -22.48 62.35
C THR B 7 -35.95 -21.70 63.31
N PRO B 8 -35.60 -20.45 62.99
CA PRO B 8 -35.86 -19.72 61.74
C PRO B 8 -34.82 -20.04 60.67
N SER B 9 -35.02 -19.60 59.43
CA SER B 9 -34.00 -19.75 58.41
C SER B 9 -32.87 -18.74 58.54
N SER B 10 -33.11 -17.62 59.22
CA SER B 10 -32.11 -16.60 59.43
C SER B 10 -32.35 -15.93 60.78
N VAL B 11 -31.27 -15.64 61.50
CA VAL B 11 -31.34 -14.99 62.80
C VAL B 11 -30.09 -14.11 62.95
N SER B 12 -30.25 -12.95 63.59
CA SER B 12 -29.17 -11.99 63.76
C SER B 12 -29.07 -11.59 65.22
N ALA B 13 -27.84 -11.53 65.73
CA ALA B 13 -27.55 -11.15 67.10
C ALA B 13 -26.10 -10.66 67.16
N PRO B 14 -25.80 -9.65 67.98
CA PRO B 14 -24.44 -9.09 68.00
C PRO B 14 -23.46 -9.95 68.79
N VAL B 15 -22.26 -9.42 68.97
CA VAL B 15 -21.21 -10.10 69.73
C VAL B 15 -21.57 -10.06 71.21
N GLY B 16 -21.66 -11.25 71.82
CA GLY B 16 -22.10 -11.38 73.19
C GLY B 16 -23.56 -11.76 73.33
N GLY B 17 -24.30 -11.83 72.24
CA GLY B 17 -25.70 -12.21 72.26
C GLY B 17 -25.87 -13.72 72.20
N SER B 18 -27.12 -14.12 71.99
CA SER B 18 -27.47 -15.54 71.91
C SER B 18 -28.50 -15.75 70.82
N VAL B 19 -28.44 -16.91 70.18
CA VAL B 19 -29.45 -17.32 69.21
C VAL B 19 -30.01 -18.68 69.60
N THR B 20 -31.26 -18.91 69.21
CA THR B 20 -31.95 -20.18 69.43
C THR B 20 -32.46 -20.70 68.10
N ILE B 21 -32.07 -21.94 67.77
CA ILE B 21 -32.46 -22.60 66.54
C ILE B 21 -33.25 -23.85 66.91
N ASN B 22 -34.48 -23.95 66.43
CA ASN B 22 -35.37 -25.04 66.80
C ASN B 22 -35.55 -25.98 65.61
N CYS B 23 -35.53 -27.28 65.90
CA CYS B 23 -35.90 -28.30 64.92
C CYS B 23 -37.08 -29.08 65.46
N GLN B 24 -38.15 -29.10 64.67
CA GLN B 24 -39.38 -29.82 64.99
C GLN B 24 -39.50 -30.99 64.02
N SER B 25 -39.82 -32.16 64.54
CA SER B 25 -39.92 -33.38 63.75
C SER B 25 -41.36 -33.84 63.66
N SER B 26 -41.71 -34.41 62.50
CA SER B 26 -43.05 -34.97 62.34
C SER B 26 -43.19 -36.31 63.05
N GLN B 27 -42.13 -37.10 63.10
CA GLN B 27 -42.09 -38.38 63.81
C GLN B 27 -40.93 -38.31 64.78
N SER B 28 -41.09 -38.93 65.96
CA SER B 28 -40.04 -38.94 66.97
C SER B 28 -38.83 -39.73 66.50
N VAL B 29 -37.64 -39.24 66.88
CA VAL B 29 -36.37 -39.80 66.41
C VAL B 29 -36.08 -41.12 67.12
N TYR B 30 -35.07 -41.83 66.63
CA TYR B 30 -34.73 -43.17 67.09
C TYR B 30 -34.15 -43.14 68.51
N GLY B 31 -34.90 -43.69 69.46
CA GLY B 31 -34.51 -43.67 70.86
C GLY B 31 -34.52 -42.31 71.49
N ASN B 32 -35.40 -41.42 71.00
CA ASN B 32 -35.83 -40.08 71.40
C ASN B 32 -34.69 -39.09 71.72
N ASN B 33 -33.44 -39.34 71.29
CA ASN B 33 -32.44 -38.30 71.36
C ASN B 33 -31.47 -38.29 70.17
N TYR B 34 -31.67 -39.12 69.14
CA TYR B 34 -30.68 -39.21 68.06
C TYR B 34 -30.86 -38.03 67.11
N LEU B 35 -30.24 -36.91 67.49
CA LEU B 35 -30.18 -35.73 66.65
C LEU B 35 -28.82 -35.07 66.85
N ALA B 36 -28.27 -34.56 65.75
CA ALA B 36 -27.01 -33.84 65.74
C ALA B 36 -27.23 -32.39 65.34
N TRP B 37 -26.30 -31.55 65.78
CA TRP B 37 -26.22 -30.15 65.36
C TRP B 37 -24.84 -29.90 64.77
N TYR B 38 -24.84 -29.39 63.54
CA TYR B 38 -23.67 -29.16 62.70
C TYR B 38 -23.51 -27.68 62.41
N GLN B 39 -22.26 -27.26 62.27
CA GLN B 39 -21.89 -25.92 61.81
C GLN B 39 -21.11 -26.03 60.51
N GLN B 40 -21.54 -25.30 59.48
CA GLN B 40 -20.89 -25.34 58.19
C GLN B 40 -20.66 -23.93 57.66
N LYS B 41 -19.45 -23.68 57.20
CA LYS B 41 -19.08 -22.46 56.50
C LYS B 41 -18.95 -22.76 55.01
N ALA B 42 -18.63 -21.71 54.24
CA ALA B 42 -18.59 -21.83 52.79
C ALA B 42 -17.33 -22.56 52.34
N GLY B 43 -17.50 -23.55 51.45
CA GLY B 43 -16.39 -24.31 50.93
C GLY B 43 -15.82 -25.35 51.87
N GLN B 44 -16.49 -25.64 52.97
CA GLN B 44 -15.99 -26.53 53.99
C GLN B 44 -17.01 -27.62 54.30
N PRO B 45 -16.56 -28.79 54.74
CA PRO B 45 -17.48 -29.79 55.31
C PRO B 45 -18.06 -29.30 56.63
N PRO B 46 -19.26 -29.77 57.00
CA PRO B 46 -19.83 -29.38 58.30
C PRO B 46 -19.09 -29.99 59.47
N LYS B 47 -19.02 -29.23 60.55
CA LYS B 47 -18.32 -29.62 61.76
C LYS B 47 -19.35 -29.94 62.85
N LEU B 48 -19.16 -31.07 63.52
CA LEU B 48 -20.12 -31.50 64.54
C LEU B 48 -19.98 -30.68 65.80
N LEU B 49 -21.10 -30.12 66.27
CA LEU B 49 -21.17 -29.45 67.55
C LEU B 49 -21.87 -30.30 68.60
N ILE B 50 -23.07 -30.79 68.29
CA ILE B 50 -23.85 -31.59 69.24
C ILE B 50 -24.15 -32.93 68.60
N TYR B 51 -23.91 -34.01 69.33
CA TYR B 51 -24.48 -35.30 68.99
C TYR B 51 -25.27 -35.78 70.20
N ARG B 52 -26.25 -36.67 69.92
CA ARG B 52 -27.21 -37.26 70.88
C ARG B 52 -28.05 -36.18 71.60
N ALA B 53 -28.26 -35.05 70.92
CA ALA B 53 -29.14 -33.91 71.23
C ALA B 53 -28.80 -33.09 72.46
N SER B 54 -27.84 -33.50 73.28
CA SER B 54 -27.38 -32.66 74.39
C SER B 54 -25.87 -32.73 74.59
N THR B 55 -25.22 -33.75 74.03
CA THR B 55 -23.81 -34.00 74.33
C THR B 55 -22.93 -33.22 73.38
N LEU B 56 -22.01 -32.44 73.95
CA LEU B 56 -21.10 -31.62 73.16
C LEU B 56 -20.04 -32.48 72.48
N ALA B 57 -19.75 -32.18 71.22
CA ALA B 57 -18.72 -32.90 70.50
C ALA B 57 -17.33 -32.45 70.95
N SER B 58 -16.34 -33.28 70.63
CA SER B 58 -14.96 -32.98 71.01
C SER B 58 -14.39 -31.88 70.12
N GLY B 59 -13.86 -30.84 70.74
CA GLY B 59 -13.35 -29.68 70.04
C GLY B 59 -14.34 -28.53 69.93
N ALA B 60 -15.63 -28.80 70.09
CA ALA B 60 -16.64 -27.76 70.09
C ALA B 60 -16.57 -26.99 71.42
N PRO B 61 -16.78 -25.67 71.41
CA PRO B 61 -16.77 -24.91 72.65
C PRO B 61 -18.03 -25.16 73.48
N SER B 62 -17.93 -24.82 74.77
CA SER B 62 -19.00 -25.08 75.72
C SER B 62 -20.18 -24.12 75.58
N ARG B 63 -20.02 -23.03 74.82
CA ARG B 63 -21.08 -22.07 74.60
C ARG B 63 -22.18 -22.57 73.68
N PHE B 64 -21.93 -23.62 72.91
CA PHE B 64 -22.97 -24.30 72.13
C PHE B 64 -23.66 -25.29 73.05
N LYS B 65 -24.96 -25.11 73.28
CA LYS B 65 -25.70 -26.06 74.12
C LYS B 65 -26.87 -26.62 73.34
N GLY B 66 -27.09 -27.92 73.47
CA GLY B 66 -28.21 -28.59 72.83
C GLY B 66 -29.18 -29.12 73.85
N SER B 67 -30.46 -29.12 73.48
CA SER B 67 -31.50 -29.58 74.38
C SER B 67 -32.67 -30.09 73.55
N GLY B 68 -33.60 -30.75 74.22
CA GLY B 68 -34.82 -31.22 73.60
C GLY B 68 -34.89 -32.73 73.56
N SER B 69 -36.09 -33.20 73.22
CA SER B 69 -36.37 -34.63 73.18
C SER B 69 -37.52 -34.87 72.22
N GLY B 70 -37.64 -36.13 71.77
CA GLY B 70 -38.82 -36.56 71.06
C GLY B 70 -38.86 -36.04 69.65
N THR B 71 -39.69 -35.02 69.47
CA THR B 71 -39.77 -34.27 68.23
C THR B 71 -39.20 -32.87 68.31
N GLN B 72 -39.07 -32.30 69.51
CA GLN B 72 -38.74 -30.88 69.66
C GLN B 72 -37.33 -30.73 70.19
N PHE B 73 -36.46 -30.05 69.44
CA PHE B 73 -35.06 -29.93 69.76
C PHE B 73 -34.61 -28.49 69.55
N THR B 74 -33.63 -28.04 70.34
CA THR B 74 -33.22 -26.64 70.34
C THR B 74 -31.71 -26.54 70.56
N LEU B 75 -31.04 -25.81 69.66
CA LEU B 75 -29.65 -25.41 69.86
C LEU B 75 -29.61 -23.95 70.28
N THR B 76 -28.95 -23.67 71.40
CA THR B 76 -28.77 -22.31 71.87
C THR B 76 -27.29 -21.98 71.83
N ILE B 77 -26.95 -20.90 71.13
CA ILE B 77 -25.59 -20.38 71.09
C ILE B 77 -25.58 -19.07 71.87
N SER B 78 -25.12 -19.14 73.12
CA SER B 78 -24.85 -17.98 73.93
C SER B 78 -23.39 -17.57 73.77
N ASP B 79 -23.09 -16.34 74.21
CA ASP B 79 -21.75 -15.70 74.18
C ASP B 79 -21.17 -15.67 72.77
N LEU B 80 -21.89 -14.97 71.89
CA LEU B 80 -21.63 -15.06 70.46
C LEU B 80 -20.36 -14.30 70.07
N GLU B 81 -19.54 -14.95 69.25
CA GLU B 81 -18.31 -14.37 68.74
C GLU B 81 -18.46 -14.12 67.25
N SER B 82 -17.44 -13.50 66.67
CA SER B 82 -17.44 -13.21 65.24
C SER B 82 -17.10 -14.43 64.39
N ASP B 83 -16.57 -15.50 65.01
CA ASP B 83 -16.28 -16.73 64.28
C ASP B 83 -17.54 -17.55 64.03
N ASP B 84 -18.59 -17.34 64.82
CA ASP B 84 -19.75 -18.22 64.83
C ASP B 84 -20.75 -17.94 63.70
N ALA B 85 -20.49 -16.96 62.84
CA ALA B 85 -21.40 -16.65 61.73
C ALA B 85 -21.24 -17.71 60.65
N ALA B 86 -22.18 -18.67 60.62
CA ALA B 86 -22.14 -19.77 59.68
C ALA B 86 -23.56 -20.28 59.47
N THR B 87 -23.69 -21.39 58.75
CA THR B 87 -24.99 -22.02 58.55
C THR B 87 -25.07 -23.26 59.42
N TYR B 88 -26.15 -23.36 60.20
CA TYR B 88 -26.27 -24.39 61.22
C TYR B 88 -27.39 -25.35 60.85
N TYR B 89 -27.15 -26.63 61.11
CA TYR B 89 -28.05 -27.69 60.66
C TYR B 89 -28.34 -28.65 61.80
N CYS B 90 -29.49 -29.31 61.72
CA CYS B 90 -29.80 -30.44 62.59
C CYS B 90 -30.02 -31.69 61.75
N LEU B 91 -29.71 -32.83 62.36
CA LEU B 91 -29.76 -34.13 61.70
C LEU B 91 -30.56 -35.09 62.57
N GLY B 92 -31.67 -35.59 62.05
CA GLY B 92 -32.50 -36.57 62.75
C GLY B 92 -32.32 -37.95 62.17
N TYR B 93 -31.97 -38.90 63.05
CA TYR B 93 -31.89 -40.31 62.70
C TYR B 93 -33.15 -41.02 63.17
N TYR B 94 -33.64 -41.95 62.36
CA TYR B 94 -34.95 -42.56 62.53
C TYR B 94 -34.85 -44.08 62.43
N ASN B 95 -35.99 -44.72 62.72
CA ASN B 95 -36.14 -46.14 62.45
C ASN B 95 -36.15 -46.44 60.95
N GLY B 96 -35.68 -47.64 60.59
CA GLY B 96 -35.54 -48.01 59.20
C GLY B 96 -34.27 -47.52 58.54
N VAL B 97 -33.34 -46.96 59.34
CA VAL B 97 -32.08 -46.30 58.95
C VAL B 97 -32.41 -45.17 57.98
N ILE B 98 -32.91 -44.05 58.52
CA ILE B 98 -33.24 -42.85 57.77
C ILE B 98 -32.60 -41.66 58.47
N ASN B 99 -31.75 -40.93 57.75
CA ASN B 99 -31.16 -39.69 58.25
C ASN B 99 -31.68 -38.53 57.43
N VAL B 100 -32.31 -37.56 58.09
CA VAL B 100 -32.86 -36.38 57.43
C VAL B 100 -32.21 -35.14 58.04
N PHE B 101 -31.61 -34.31 57.19
CA PHE B 101 -31.04 -33.04 57.62
C PHE B 101 -32.13 -32.01 57.88
N GLY B 102 -31.77 -30.97 58.63
CA GLY B 102 -32.65 -29.83 58.80
C GLY B 102 -32.56 -28.88 57.62
N GLY B 103 -33.42 -27.87 57.66
CA GLY B 103 -33.48 -26.89 56.58
C GLY B 103 -32.32 -25.91 56.57
N GLY B 104 -31.70 -25.68 57.70
CA GLY B 104 -30.58 -24.76 57.77
C GLY B 104 -30.97 -23.44 58.42
N THR B 105 -30.00 -22.81 59.07
CA THR B 105 -30.21 -21.52 59.72
C THR B 105 -28.94 -20.70 59.60
N ASN B 106 -29.05 -19.53 58.98
CA ASN B 106 -27.93 -18.61 58.84
C ASN B 106 -27.88 -17.70 60.06
N VAL B 107 -26.70 -17.57 60.67
CA VAL B 107 -26.49 -16.74 61.85
C VAL B 107 -25.62 -15.56 61.44
N GLU B 108 -26.08 -14.34 61.71
CA GLU B 108 -25.41 -13.12 61.30
C GLU B 108 -24.88 -12.38 62.52
N ILE B 109 -23.60 -12.02 62.50
CA ILE B 109 -22.93 -11.45 63.66
C ILE B 109 -22.63 -9.97 63.42
N LYS B 110 -23.17 -9.12 64.28
CA LYS B 110 -22.98 -7.67 64.16
C LYS B 110 -21.68 -7.27 64.88
N ARG B 111 -20.68 -6.83 64.13
CA ARG B 111 -19.40 -6.42 64.70
C ARG B 111 -19.02 -5.05 64.15
N THR B 112 -17.76 -4.66 64.40
CA THR B 112 -17.33 -3.27 64.25
C THR B 112 -17.11 -2.90 62.79
N VAL B 113 -17.27 -1.61 62.50
CA VAL B 113 -17.29 -1.15 61.12
C VAL B 113 -15.87 -0.97 60.60
N GLY B 114 -15.55 -1.65 59.49
CA GLY B 114 -14.29 -1.47 58.81
C GLY B 114 -14.41 -0.89 57.42
N ALA B 115 -13.59 0.10 57.10
CA ALA B 115 -13.62 0.69 55.76
C ALA B 115 -12.86 -0.19 54.77
N PRO B 116 -13.33 -0.30 53.52
CA PRO B 116 -12.59 -1.09 52.53
C PRO B 116 -11.35 -0.38 52.03
N SER B 117 -10.33 -1.18 51.73
CA SER B 117 -9.14 -0.70 51.04
C SER B 117 -9.33 -0.97 49.55
N VAL B 118 -9.28 0.07 48.74
CA VAL B 118 -9.63 -0.01 47.34
C VAL B 118 -8.37 -0.06 46.50
N PHE B 119 -8.31 -1.05 45.60
CA PHE B 119 -7.22 -1.15 44.64
C PHE B 119 -7.82 -1.29 43.25
N ILE B 120 -7.11 -0.77 42.25
CA ILE B 120 -7.55 -0.89 40.87
C ILE B 120 -6.44 -1.56 40.07
N PHE B 121 -6.83 -2.52 39.23
CA PHE B 121 -5.93 -3.31 38.42
C PHE B 121 -6.27 -3.09 36.95
N PRO B 122 -5.39 -2.47 36.17
CA PRO B 122 -5.56 -2.45 34.72
C PRO B 122 -5.39 -3.85 34.14
N PRO B 123 -6.06 -4.16 33.03
CA PRO B 123 -5.86 -5.46 32.39
C PRO B 123 -4.47 -5.63 31.79
N SER B 124 -3.94 -6.84 31.88
CA SER B 124 -2.60 -7.07 31.40
C SER B 124 -2.60 -7.36 29.90
N ASP B 125 -1.40 -7.17 29.31
CA ASP B 125 -1.18 -7.16 27.86
C ASP B 125 -1.40 -8.52 27.21
N GLU B 126 -1.32 -9.60 27.99
CA GLU B 126 -1.65 -10.92 27.48
C GLU B 126 -3.16 -11.07 27.30
N GLN B 127 -3.97 -10.36 28.09
CA GLN B 127 -5.40 -10.26 27.78
C GLN B 127 -5.65 -9.25 26.67
N LEU B 128 -4.80 -8.21 26.58
CA LEU B 128 -4.91 -7.28 25.46
C LEU B 128 -4.47 -7.85 24.11
N LYS B 129 -3.99 -9.09 24.02
CA LYS B 129 -3.95 -9.67 22.70
C LYS B 129 -5.15 -10.59 22.41
N SER B 130 -6.01 -10.85 23.39
CA SER B 130 -7.14 -11.75 23.18
C SER B 130 -8.42 -11.02 22.79
N GLY B 131 -8.40 -9.69 22.71
CA GLY B 131 -9.58 -8.94 22.31
C GLY B 131 -10.54 -8.59 23.43
N THR B 132 -10.17 -8.84 24.68
CA THR B 132 -11.04 -8.60 25.81
C THR B 132 -10.23 -7.79 26.82
N ALA B 133 -10.87 -6.90 27.57
CA ALA B 133 -10.20 -6.13 28.62
C ALA B 133 -11.05 -6.19 29.88
N SER B 134 -10.46 -6.66 30.98
CA SER B 134 -11.16 -6.74 32.26
C SER B 134 -10.41 -5.90 33.29
N VAL B 135 -11.08 -4.86 33.79
CA VAL B 135 -10.52 -3.95 34.78
C VAL B 135 -11.03 -4.37 36.15
N VAL B 136 -10.13 -4.53 37.11
CA VAL B 136 -10.48 -5.15 38.39
C VAL B 136 -10.46 -4.09 39.48
N CYS B 137 -11.55 -3.98 40.23
CA CYS B 137 -11.59 -3.15 41.43
C CYS B 137 -11.73 -4.06 42.64
N LEU B 138 -10.82 -3.91 43.60
CA LEU B 138 -10.77 -4.74 44.78
C LEU B 138 -11.10 -3.91 46.01
N LEU B 139 -12.03 -4.42 46.84
CA LEU B 139 -12.42 -3.84 48.11
C LEU B 139 -11.96 -4.83 49.18
N ASN B 140 -11.03 -4.42 50.02
CA ASN B 140 -10.34 -5.32 50.92
C ASN B 140 -10.67 -5.00 52.37
N ASN B 141 -11.11 -6.03 53.10
CA ASN B 141 -11.19 -6.10 54.57
C ASN B 141 -12.14 -5.04 55.15
N PHE B 142 -13.41 -5.20 54.79
CA PHE B 142 -14.45 -4.27 55.22
C PHE B 142 -15.53 -5.00 56.01
N TYR B 143 -16.08 -4.31 57.00
CA TYR B 143 -17.26 -4.76 57.70
C TYR B 143 -18.12 -3.50 57.83
N PRO B 144 -19.46 -3.59 57.67
CA PRO B 144 -20.23 -4.73 57.15
C PRO B 144 -20.25 -4.88 55.63
N ARG B 145 -21.12 -5.79 55.20
CA ARG B 145 -21.18 -6.28 53.82
C ARG B 145 -21.52 -5.20 52.81
N GLU B 146 -22.38 -4.26 53.18
CA GLU B 146 -23.08 -3.42 52.23
C GLU B 146 -22.16 -2.33 51.68
N ALA B 147 -21.83 -2.44 50.40
CA ALA B 147 -21.01 -1.47 49.70
C ALA B 147 -21.47 -1.40 48.25
N LYS B 148 -21.23 -0.26 47.62
CA LYS B 148 -21.67 -0.04 46.24
C LYS B 148 -20.46 0.31 45.38
N VAL B 149 -20.35 -0.33 44.23
CA VAL B 149 -19.26 -0.12 43.29
C VAL B 149 -19.84 0.46 42.00
N GLN B 150 -19.28 1.58 41.55
CA GLN B 150 -19.69 2.23 40.31
C GLN B 150 -18.49 2.36 39.40
N TRP B 151 -18.69 2.05 38.12
CA TRP B 151 -17.62 2.12 37.13
C TRP B 151 -17.81 3.36 36.27
N LYS B 152 -16.71 4.10 36.06
CA LYS B 152 -16.72 5.31 35.27
C LYS B 152 -15.69 5.19 34.16
N VAL B 153 -16.18 5.14 32.92
CA VAL B 153 -15.35 5.03 31.74
C VAL B 153 -15.54 6.30 30.93
N ASP B 154 -14.51 7.15 30.91
CA ASP B 154 -14.54 8.55 30.44
C ASP B 154 -15.67 9.35 31.07
N ASN B 155 -15.76 9.23 32.40
CA ASN B 155 -16.76 9.83 33.29
C ASN B 155 -18.20 9.43 32.94
N ALA B 156 -18.41 8.26 32.34
CA ALA B 156 -19.73 7.75 32.04
C ALA B 156 -20.00 6.52 32.89
N LEU B 157 -21.17 6.49 33.54
CA LEU B 157 -21.48 5.41 34.47
C LEU B 157 -21.87 4.15 33.71
N GLN B 158 -21.13 3.07 33.98
CA GLN B 158 -21.32 1.81 33.28
C GLN B 158 -22.50 1.03 33.85
N SER B 159 -23.08 0.17 33.02
CA SER B 159 -24.22 -0.64 33.42
C SER B 159 -24.26 -1.90 32.57
N GLY B 160 -24.43 -3.05 33.22
CA GLY B 160 -24.60 -4.31 32.54
C GLY B 160 -23.31 -4.99 32.11
N ASN B 161 -22.16 -4.43 32.43
CA ASN B 161 -20.86 -4.96 32.00
C ASN B 161 -19.87 -5.14 33.15
N SER B 162 -20.37 -5.32 34.37
CA SER B 162 -19.53 -5.54 35.55
C SER B 162 -20.14 -6.63 36.41
N GLN B 163 -19.28 -7.43 37.03
CA GLN B 163 -19.72 -8.52 37.89
C GLN B 163 -18.91 -8.56 39.17
N GLU B 164 -19.56 -8.87 40.28
CA GLU B 164 -18.91 -8.83 41.59
C GLU B 164 -18.79 -10.21 42.20
N SER B 165 -17.62 -10.45 42.78
CA SER B 165 -17.28 -11.68 43.50
C SER B 165 -16.97 -11.31 44.93
N VAL B 166 -17.66 -11.95 45.88
CA VAL B 166 -17.53 -11.63 47.31
C VAL B 166 -17.11 -12.90 48.05
N THR B 167 -16.14 -12.79 48.94
CA THR B 167 -15.70 -13.91 49.78
C THR B 167 -16.69 -14.17 50.91
N GLU B 168 -16.45 -15.25 51.63
CA GLU B 168 -17.18 -15.49 52.87
C GLU B 168 -16.63 -14.59 53.97
N GLN B 169 -17.36 -14.53 55.07
CA GLN B 169 -16.89 -13.79 56.24
C GLN B 169 -15.75 -14.54 56.91
N ASP B 170 -14.68 -13.80 57.20
CA ASP B 170 -13.39 -14.37 57.52
C ASP B 170 -13.37 -14.96 58.94
N SER B 171 -12.42 -15.86 59.19
CA SER B 171 -12.39 -16.60 60.44
C SER B 171 -11.54 -15.95 61.53
N LYS B 172 -10.82 -14.86 61.24
CA LYS B 172 -9.95 -14.25 62.25
C LYS B 172 -10.28 -12.80 62.53
N ASP B 173 -10.82 -12.06 61.56
CA ASP B 173 -11.25 -10.68 61.79
C ASP B 173 -12.69 -10.43 61.37
N SER B 174 -13.29 -11.37 60.64
CA SER B 174 -14.69 -11.36 60.16
C SER B 174 -15.04 -10.14 59.33
N THR B 175 -14.15 -9.79 58.41
CA THR B 175 -14.42 -8.79 57.40
C THR B 175 -14.75 -9.46 56.07
N TYR B 176 -15.12 -8.64 55.10
CA TYR B 176 -15.47 -9.11 53.77
C TYR B 176 -14.49 -8.59 52.74
N SER B 177 -14.45 -9.26 51.59
CA SER B 177 -13.65 -8.84 50.47
C SER B 177 -14.50 -8.92 49.21
N LEU B 178 -14.39 -7.90 48.36
CA LEU B 178 -15.22 -7.81 47.17
C LEU B 178 -14.32 -7.50 45.98
N SER B 179 -14.73 -7.94 44.81
CA SER B 179 -14.11 -7.50 43.57
C SER B 179 -15.20 -7.26 42.54
N SER B 180 -15.05 -6.18 41.78
CA SER B 180 -15.88 -5.90 40.63
C SER B 180 -15.01 -5.96 39.40
N THR B 181 -15.39 -6.80 38.45
CA THR B 181 -14.69 -6.96 37.19
C THR B 181 -15.50 -6.25 36.11
N LEU B 182 -14.87 -5.27 35.47
CA LEU B 182 -15.45 -4.55 34.34
C LEU B 182 -14.95 -5.20 33.06
N THR B 183 -15.87 -5.78 32.30
CA THR B 183 -15.53 -6.50 31.07
C THR B 183 -15.91 -5.64 29.88
N LEU B 184 -14.93 -5.31 29.05
CA LEU B 184 -15.13 -4.56 27.81
C LEU B 184 -14.41 -5.30 26.69
N SER B 185 -14.74 -4.92 25.45
CA SER B 185 -14.09 -5.45 24.26
C SER B 185 -12.79 -4.70 23.96
N LYS B 186 -12.13 -5.11 22.85
CA LYS B 186 -10.91 -4.43 22.35
C LYS B 186 -11.16 -2.98 21.95
N ALA B 187 -12.20 -2.74 21.16
CA ALA B 187 -12.44 -1.39 20.63
C ALA B 187 -13.06 -0.48 21.67
N ASP B 188 -13.86 -1.05 22.59
CA ASP B 188 -14.44 -0.23 23.65
C ASP B 188 -13.42 0.14 24.71
N TYR B 189 -12.33 -0.62 24.80
CA TYR B 189 -11.30 -0.27 25.77
C TYR B 189 -10.38 0.82 25.22
N GLU B 190 -9.97 0.71 23.96
CA GLU B 190 -8.97 1.62 23.41
C GLU B 190 -9.57 2.93 22.90
N LYS B 191 -10.89 3.08 22.88
CA LYS B 191 -11.49 4.37 22.57
C LYS B 191 -11.61 5.29 23.77
N HIS B 192 -11.25 4.82 24.96
CA HIS B 192 -11.41 5.59 26.18
C HIS B 192 -10.09 5.66 26.94
N LYS B 193 -9.97 6.69 27.78
CA LYS B 193 -8.71 7.00 28.43
C LYS B 193 -8.75 6.74 29.93
N VAL B 194 -9.65 7.40 30.67
CA VAL B 194 -9.64 7.34 32.13
C VAL B 194 -10.63 6.25 32.57
N TYR B 195 -10.22 5.46 33.56
CA TYR B 195 -11.00 4.35 34.07
C TYR B 195 -11.01 4.47 35.59
N ALA B 196 -12.21 4.64 36.15
CA ALA B 196 -12.38 4.96 37.56
C ALA B 196 -13.32 3.97 38.23
N CYS B 197 -12.97 3.57 39.45
CA CYS B 197 -13.82 2.77 40.32
C CYS B 197 -14.19 3.63 41.52
N GLU B 198 -15.49 3.81 41.73
CA GLU B 198 -16.03 4.61 42.83
C GLU B 198 -16.69 3.68 43.83
N VAL B 199 -16.24 3.73 45.07
CA VAL B 199 -16.68 2.84 46.13
C VAL B 199 -17.41 3.67 47.18
N THR B 200 -18.66 3.28 47.47
CA THR B 200 -19.46 3.88 48.52
C THR B 200 -19.64 2.86 49.64
N HIS B 201 -19.25 3.25 50.84
CA HIS B 201 -19.37 2.39 52.01
C HIS B 201 -19.71 3.27 53.19
N GLN B 202 -20.45 2.69 54.14
CA GLN B 202 -20.90 3.40 55.34
C GLN B 202 -19.78 3.72 56.32
N GLY B 203 -18.64 3.03 56.24
CA GLY B 203 -17.46 3.45 56.98
C GLY B 203 -16.71 4.61 56.35
N LEU B 204 -17.05 4.96 55.12
CA LEU B 204 -16.45 6.10 54.42
C LEU B 204 -17.43 7.28 54.46
N SER B 205 -16.91 8.46 54.74
CA SER B 205 -17.76 9.65 54.74
C SER B 205 -18.08 10.09 53.31
N SER B 206 -17.21 9.81 52.36
CA SER B 206 -17.40 10.14 50.96
C SER B 206 -17.08 8.91 50.13
N PRO B 207 -17.70 8.77 48.95
CA PRO B 207 -17.31 7.66 48.05
C PRO B 207 -15.93 7.88 47.47
N VAL B 208 -15.03 6.94 47.75
CA VAL B 208 -13.63 7.05 47.36
C VAL B 208 -13.51 6.57 45.92
N THR B 209 -12.57 7.15 45.17
CA THR B 209 -12.42 6.81 43.76
C THR B 209 -10.95 6.51 43.46
N LYS B 210 -10.70 5.35 42.87
CA LYS B 210 -9.37 5.02 42.36
C LYS B 210 -9.45 4.89 40.85
N SER B 211 -8.53 5.55 40.15
CA SER B 211 -8.61 5.65 38.70
C SER B 211 -7.22 5.50 38.10
N PHE B 212 -7.20 5.25 36.80
CA PHE B 212 -5.96 5.27 36.03
C PHE B 212 -6.26 5.75 34.62
N ASN B 213 -5.21 5.95 33.85
CA ASN B 213 -5.31 6.32 32.44
C ASN B 213 -4.74 5.19 31.58
N ARG B 214 -5.35 4.99 30.42
CA ARG B 214 -4.93 3.91 29.54
C ARG B 214 -3.64 4.27 28.81
N GLY B 215 -2.60 3.49 29.05
CA GLY B 215 -1.31 3.72 28.42
C GLY B 215 -0.39 4.68 29.14
N GLU B 216 -0.88 5.41 30.13
CA GLU B 216 -0.08 6.37 30.89
C GLU B 216 0.47 5.80 32.18
N CYS B 217 0.56 4.48 32.29
CA CYS B 217 1.01 3.89 33.54
C CYS B 217 2.52 3.78 33.59
N LYS C 1 -65.86 0.97 -17.19
CA LYS C 1 -65.11 0.45 -16.06
C LYS C 1 -63.95 1.38 -15.71
N PRO C 2 -63.54 1.43 -14.45
CA PRO C 2 -62.31 2.17 -14.11
C PRO C 2 -61.09 1.29 -14.34
N LYS C 3 -59.93 1.93 -14.47
CA LYS C 3 -58.68 1.19 -14.53
C LYS C 3 -57.81 1.53 -13.32
N VAL C 4 -56.84 0.66 -13.05
CA VAL C 4 -55.98 0.79 -11.88
C VAL C 4 -54.58 1.21 -12.33
N SER C 5 -54.11 2.30 -11.76
CA SER C 5 -52.82 2.92 -12.05
C SER C 5 -51.93 2.70 -10.84
N LEU C 6 -50.64 2.59 -11.10
CA LEU C 6 -49.61 2.31 -10.11
C LEU C 6 -48.65 3.48 -10.06
N ASN C 7 -48.37 3.98 -8.87
CA ASN C 7 -47.29 4.97 -8.76
C ASN C 7 -46.36 4.51 -7.64
N PRO C 8 -45.08 4.16 -7.96
CA PRO C 8 -44.43 4.09 -9.31
C PRO C 8 -44.97 2.93 -10.20
N PRO C 9 -44.79 2.89 -11.55
CA PRO C 9 -45.48 1.86 -12.38
C PRO C 9 -45.10 0.40 -12.09
N TRP C 10 -43.96 0.19 -11.46
CA TRP C 10 -43.32 -1.10 -11.27
C TRP C 10 -44.12 -2.00 -10.33
N ASN C 11 -44.58 -3.13 -10.87
CA ASN C 11 -45.31 -4.17 -10.15
C ASN C 11 -44.43 -5.10 -9.33
N ARG C 12 -43.12 -4.85 -9.29
CA ARG C 12 -42.19 -5.61 -8.48
C ARG C 12 -41.42 -4.57 -7.69
N ILE C 13 -41.55 -4.63 -6.37
CA ILE C 13 -40.88 -3.70 -5.48
C ILE C 13 -40.03 -4.52 -4.52
N PHE C 14 -39.27 -3.82 -3.68
CA PHE C 14 -38.52 -4.49 -2.64
C PHE C 14 -39.34 -4.49 -1.36
N LYS C 15 -38.91 -5.34 -0.41
CA LYS C 15 -39.52 -5.34 0.92
C LYS C 15 -39.27 -3.98 1.56
N GLY C 16 -40.20 -3.53 2.38
CA GLY C 16 -39.92 -2.27 3.05
C GLY C 16 -40.19 -1.00 2.26
N GLU C 17 -40.38 -1.07 0.94
CA GLU C 17 -40.66 0.00 -0.01
C GLU C 17 -42.12 0.48 0.04
N ASN C 18 -42.36 1.71 -0.44
CA ASN C 18 -43.71 2.27 -0.48
C ASN C 18 -44.21 2.11 -1.91
N VAL C 19 -45.51 2.43 -2.15
CA VAL C 19 -46.22 2.41 -3.45
C VAL C 19 -47.67 2.88 -3.23
N THR C 20 -48.31 3.47 -4.25
CA THR C 20 -49.65 4.04 -4.11
C THR C 20 -50.51 3.64 -5.32
N LEU C 21 -51.58 2.88 -5.06
CA LEU C 21 -52.51 2.43 -6.09
C LEU C 21 -53.64 3.43 -6.27
N THR C 22 -53.75 4.02 -7.45
CA THR C 22 -54.79 4.99 -7.79
C THR C 22 -55.70 4.27 -8.80
N CYS C 23 -56.98 4.63 -8.87
CA CYS C 23 -57.94 3.83 -9.64
C CYS C 23 -59.09 4.73 -10.06
N ASN C 24 -59.17 4.94 -11.38
CA ASN C 24 -60.00 5.97 -12.00
C ASN C 24 -60.35 5.52 -13.40
N GLY C 25 -61.49 6.02 -13.90
CA GLY C 25 -61.90 5.74 -15.25
C GLY C 25 -62.55 6.94 -15.90
N ASN C 26 -63.46 6.69 -16.85
CA ASN C 26 -64.30 7.75 -17.37
C ASN C 26 -65.30 8.20 -16.32
N ASN C 27 -65.56 9.50 -16.29
CA ASN C 27 -66.46 10.07 -15.28
C ASN C 27 -67.91 10.11 -15.76
N PHE C 28 -68.42 8.93 -16.16
CA PHE C 28 -69.84 8.79 -16.44
C PHE C 28 -70.66 8.92 -15.16
N PHE C 29 -70.15 8.37 -14.06
CA PHE C 29 -70.69 8.58 -12.73
C PHE C 29 -69.62 9.29 -11.89
N GLU C 30 -70.07 10.19 -11.02
CA GLU C 30 -69.19 11.09 -10.28
C GLU C 30 -68.40 10.32 -9.21
N VAL C 31 -67.12 10.66 -9.08
CA VAL C 31 -66.21 9.98 -8.17
C VAL C 31 -66.55 10.38 -6.74
N SER C 32 -67.11 9.43 -5.99
CA SER C 32 -67.44 9.60 -4.58
C SER C 32 -66.71 8.62 -3.69
N SER C 33 -66.73 7.33 -4.03
CA SER C 33 -66.10 6.31 -3.21
C SER C 33 -65.61 5.19 -4.11
N THR C 34 -64.62 4.44 -3.61
CA THR C 34 -64.00 3.37 -4.38
C THR C 34 -63.90 2.15 -3.46
N LYS C 35 -63.78 0.96 -4.05
CA LYS C 35 -63.62 -0.30 -3.32
C LYS C 35 -62.29 -0.92 -3.69
N TRP C 36 -61.62 -1.56 -2.72
CA TRP C 36 -60.33 -2.19 -2.98
C TRP C 36 -60.41 -3.69 -2.67
N PHE C 37 -59.63 -4.49 -3.40
CA PHE C 37 -59.67 -5.97 -3.35
C PHE C 37 -58.29 -6.65 -3.27
N HIS C 38 -57.72 -6.78 -2.06
CA HIS C 38 -56.46 -7.52 -1.94
C HIS C 38 -56.83 -8.99 -1.99
N ASN C 39 -56.41 -9.71 -3.06
CA ASN C 39 -56.71 -11.14 -3.29
C ASN C 39 -58.18 -11.52 -3.51
N GLY C 40 -59.13 -10.62 -3.26
CA GLY C 40 -60.54 -10.91 -3.32
C GLY C 40 -61.18 -10.31 -2.09
N SER C 41 -60.43 -10.21 -0.99
CA SER C 41 -60.98 -9.60 0.22
C SER C 41 -61.09 -8.09 0.06
N LEU C 42 -62.20 -7.54 0.54
CA LEU C 42 -62.43 -6.10 0.53
C LEU C 42 -61.54 -5.38 1.54
N SER C 43 -60.82 -4.37 1.08
CA SER C 43 -59.99 -3.54 1.94
C SER C 43 -60.82 -2.42 2.56
N GLU C 44 -60.40 -2.00 3.75
CA GLU C 44 -61.03 -0.94 4.54
C GLU C 44 -60.69 0.50 4.10
N GLU C 45 -60.53 0.74 2.80
CA GLU C 45 -60.24 2.07 2.25
C GLU C 45 -61.34 2.50 1.30
N THR C 46 -61.89 3.70 1.51
CA THR C 46 -62.94 4.15 0.60
C THR C 46 -62.42 5.05 -0.52
N ASN C 47 -61.57 6.06 -0.22
CA ASN C 47 -60.90 7.01 -1.13
C ASN C 47 -60.30 6.29 -2.35
N SER C 48 -60.25 6.99 -3.49
CA SER C 48 -59.76 6.42 -4.75
C SER C 48 -58.27 6.06 -4.77
N SER C 49 -57.43 6.62 -3.89
CA SER C 49 -56.05 6.17 -3.87
C SER C 49 -55.77 5.40 -2.58
N LEU C 50 -55.26 4.18 -2.73
CA LEU C 50 -54.88 3.31 -1.63
C LEU C 50 -53.36 3.37 -1.48
N ASN C 51 -52.89 3.65 -0.27
CA ASN C 51 -51.45 3.76 -0.03
C ASN C 51 -51.03 2.38 0.47
N ILE C 52 -49.85 1.91 0.06
CA ILE C 52 -49.30 0.66 0.55
C ILE C 52 -47.88 1.01 0.99
N VAL C 53 -47.77 1.18 2.28
CA VAL C 53 -46.59 1.47 3.08
C VAL C 53 -46.01 0.17 3.65
N ASN C 54 -44.67 0.12 3.75
CA ASN C 54 -43.78 -0.96 4.21
C ASN C 54 -44.22 -2.36 3.87
N ALA C 55 -43.89 -2.80 2.65
CA ALA C 55 -44.35 -4.09 2.15
C ALA C 55 -43.79 -5.24 2.98
N LYS C 56 -44.66 -6.19 3.26
CA LYS C 56 -44.35 -7.50 3.82
C LYS C 56 -44.61 -8.51 2.72
N PHE C 57 -44.23 -9.78 2.96
CA PHE C 57 -44.41 -10.84 1.97
C PHE C 57 -45.89 -11.06 1.66
N GLU C 58 -46.76 -10.88 2.66
CA GLU C 58 -48.19 -11.08 2.48
C GLU C 58 -48.84 -9.98 1.65
N ASP C 59 -48.15 -8.85 1.42
CA ASP C 59 -48.59 -7.80 0.48
C ASP C 59 -48.52 -8.21 -1.00
N SER C 60 -48.02 -9.41 -1.32
CA SER C 60 -47.99 -9.98 -2.65
C SER C 60 -49.39 -10.35 -3.10
N GLY C 61 -49.52 -10.71 -4.37
CA GLY C 61 -50.77 -11.29 -4.77
C GLY C 61 -51.61 -10.36 -5.62
N GLU C 62 -52.68 -10.97 -6.09
CA GLU C 62 -53.69 -10.39 -6.95
C GLU C 62 -54.35 -9.17 -6.28
N TYR C 63 -54.41 -8.06 -6.99
CA TYR C 63 -55.04 -6.79 -6.60
C TYR C 63 -56.14 -6.44 -7.61
N LYS C 64 -57.14 -5.71 -7.10
CA LYS C 64 -58.27 -5.18 -7.88
C LYS C 64 -59.01 -4.05 -7.17
N CYS C 65 -59.64 -3.21 -7.98
CA CYS C 65 -60.35 -2.00 -7.57
C CYS C 65 -61.73 -2.06 -8.21
N GLN C 66 -62.62 -1.17 -7.75
CA GLN C 66 -64.00 -1.09 -8.26
C GLN C 66 -64.52 0.28 -7.84
N HIS C 67 -65.48 0.82 -8.58
CA HIS C 67 -66.21 2.04 -8.21
C HIS C 67 -67.70 1.65 -8.05
N GLN C 68 -68.59 2.62 -7.97
CA GLN C 68 -70.02 2.34 -8.02
C GLN C 68 -70.54 1.89 -9.44
N GLN C 69 -69.71 1.49 -10.43
CA GLN C 69 -70.16 0.85 -11.65
C GLN C 69 -70.49 -0.62 -11.34
N VAL C 70 -70.97 -1.33 -12.36
CA VAL C 70 -71.45 -2.68 -12.17
C VAL C 70 -70.29 -3.68 -12.18
N ASN C 71 -69.32 -3.50 -13.07
CA ASN C 71 -68.40 -4.60 -13.34
C ASN C 71 -66.97 -4.13 -13.00
N GLU C 72 -66.08 -5.07 -12.75
CA GLU C 72 -64.86 -4.74 -12.02
C GLU C 72 -63.69 -4.43 -12.97
N SER C 73 -62.50 -4.33 -12.38
CA SER C 73 -61.31 -3.90 -13.09
C SER C 73 -60.39 -5.10 -13.27
N GLU C 74 -59.19 -4.88 -13.78
CA GLU C 74 -58.46 -6.06 -14.22
C GLU C 74 -57.61 -6.61 -13.06
N PRO C 75 -57.02 -7.85 -13.21
CA PRO C 75 -56.43 -8.46 -11.99
C PRO C 75 -54.96 -8.05 -12.07
N VAL C 76 -54.60 -6.86 -11.56
CA VAL C 76 -53.17 -6.57 -11.49
C VAL C 76 -52.53 -7.40 -10.38
N TYR C 77 -51.31 -7.87 -10.63
CA TYR C 77 -50.64 -8.75 -9.69
C TYR C 77 -49.42 -8.03 -9.14
N LEU C 78 -49.17 -8.17 -7.84
CA LEU C 78 -48.07 -7.44 -7.22
C LEU C 78 -47.17 -8.44 -6.51
N GLU C 79 -45.99 -8.67 -7.08
CA GLU C 79 -45.00 -9.50 -6.45
C GLU C 79 -44.09 -8.64 -5.58
N VAL C 80 -43.81 -9.12 -4.37
CA VAL C 80 -42.86 -8.48 -3.47
C VAL C 80 -41.68 -9.40 -3.14
N PHE C 81 -40.48 -8.91 -3.37
CA PHE C 81 -39.30 -9.72 -3.11
C PHE C 81 -38.41 -9.01 -2.10
N SER C 82 -37.65 -9.82 -1.38
CA SER C 82 -36.50 -9.37 -0.64
C SER C 82 -35.35 -10.14 -1.26
N ASP C 83 -34.33 -9.42 -1.72
CA ASP C 83 -33.17 -9.94 -2.45
C ASP C 83 -32.22 -8.75 -2.59
N TRP C 84 -31.16 -8.92 -3.36
CA TRP C 84 -30.17 -7.89 -3.60
C TRP C 84 -30.44 -7.03 -4.83
N LEU C 85 -30.73 -7.67 -5.96
CA LEU C 85 -30.99 -6.96 -7.20
C LEU C 85 -32.32 -7.38 -7.80
N LEU C 86 -33.23 -6.43 -8.02
CA LEU C 86 -34.47 -6.72 -8.73
C LEU C 86 -34.44 -5.95 -10.05
N LEU C 87 -34.47 -6.67 -11.18
CA LEU C 87 -34.56 -5.98 -12.47
C LEU C 87 -36.02 -5.58 -12.65
N GLN C 88 -36.35 -4.36 -12.26
CA GLN C 88 -37.71 -3.87 -12.43
C GLN C 88 -37.98 -3.52 -13.90
N ALA C 89 -39.27 -3.60 -14.25
CA ALA C 89 -39.79 -3.33 -15.58
C ALA C 89 -41.15 -2.65 -15.53
N SER C 90 -41.37 -1.76 -16.50
CA SER C 90 -42.59 -0.99 -16.73
C SER C 90 -43.85 -1.84 -16.88
N ALA C 91 -43.95 -2.65 -17.94
CA ALA C 91 -45.11 -3.53 -18.11
C ALA C 91 -44.69 -4.96 -18.44
N GLU C 92 -45.50 -5.90 -17.96
CA GLU C 92 -45.24 -7.34 -18.10
C GLU C 92 -45.74 -7.84 -19.45
N VAL C 93 -46.70 -7.16 -20.03
CA VAL C 93 -47.18 -7.39 -21.39
C VAL C 93 -47.24 -6.03 -22.03
N VAL C 94 -46.67 -5.90 -23.23
CA VAL C 94 -46.73 -4.57 -23.82
C VAL C 94 -47.29 -4.65 -25.23
N MET C 95 -47.82 -3.52 -25.66
CA MET C 95 -48.30 -3.23 -26.99
C MET C 95 -47.39 -2.22 -27.64
N GLU C 96 -46.94 -2.48 -28.88
CA GLU C 96 -46.07 -1.64 -29.72
C GLU C 96 -46.16 -0.12 -29.54
N GLY C 97 -45.03 0.57 -29.55
CA GLY C 97 -44.90 2.01 -29.50
C GLY C 97 -45.08 2.70 -28.17
N GLN C 98 -45.61 2.03 -27.14
CA GLN C 98 -45.58 2.73 -25.87
C GLN C 98 -44.19 2.56 -25.26
N PRO C 99 -43.73 3.50 -24.42
CA PRO C 99 -42.41 3.37 -23.77
C PRO C 99 -42.24 2.23 -22.78
N LEU C 100 -41.03 1.65 -22.80
CA LEU C 100 -40.64 0.58 -21.89
C LEU C 100 -39.34 1.02 -21.27
N PHE C 101 -39.34 1.10 -19.94
CA PHE C 101 -38.18 1.47 -19.13
C PHE C 101 -37.75 0.27 -18.27
N LEU C 102 -36.46 -0.02 -18.30
CA LEU C 102 -35.88 -1.07 -17.46
C LEU C 102 -34.89 -0.50 -16.45
N ARG C 103 -34.80 -1.17 -15.29
CA ARG C 103 -34.05 -0.65 -14.15
C ARG C 103 -33.58 -1.79 -13.28
N CYS C 104 -32.27 -2.01 -13.20
CA CYS C 104 -31.74 -3.07 -12.36
C CYS C 104 -31.55 -2.37 -11.02
N HIS C 105 -32.51 -2.55 -10.11
CA HIS C 105 -32.60 -1.76 -8.89
C HIS C 105 -32.01 -2.51 -7.71
N GLY C 106 -31.33 -1.77 -6.83
CA GLY C 106 -30.68 -2.36 -5.68
C GLY C 106 -31.32 -1.83 -4.41
N TRP C 107 -31.37 -2.71 -3.40
CA TRP C 107 -31.90 -2.54 -2.04
C TRP C 107 -31.59 -1.23 -1.34
N ARG C 108 -32.61 -0.39 -1.09
CA ARG C 108 -32.53 0.84 -0.26
C ARG C 108 -31.57 1.88 -0.84
N ASN C 109 -31.81 2.24 -2.11
CA ASN C 109 -31.12 3.28 -2.89
C ASN C 109 -29.63 2.99 -3.17
N TRP C 110 -29.15 1.79 -2.87
CA TRP C 110 -27.77 1.36 -3.05
C TRP C 110 -27.41 1.34 -4.53
N ASP C 111 -26.14 1.59 -4.81
CA ASP C 111 -25.68 1.74 -6.19
C ASP C 111 -25.01 0.47 -6.67
N VAL C 112 -25.61 -0.08 -7.72
CA VAL C 112 -25.17 -1.26 -8.43
C VAL C 112 -24.28 -0.84 -9.59
N TYR C 113 -23.08 -1.41 -9.63
CA TYR C 113 -22.09 -1.08 -10.63
C TYR C 113 -21.99 -2.24 -11.58
N LYS C 114 -21.20 -2.05 -12.65
CA LYS C 114 -20.93 -3.00 -13.75
C LYS C 114 -22.17 -3.77 -14.22
N VAL C 115 -23.23 -3.00 -14.49
CA VAL C 115 -24.55 -3.56 -14.78
C VAL C 115 -24.66 -4.06 -16.23
N ILE C 116 -25.12 -5.31 -16.40
CA ILE C 116 -25.33 -5.90 -17.72
C ILE C 116 -26.74 -6.46 -17.76
N TYR C 117 -27.51 -6.06 -18.79
CA TYR C 117 -28.83 -6.64 -19.04
C TYR C 117 -28.69 -7.80 -20.01
N TYR C 118 -29.46 -8.86 -19.76
CA TYR C 118 -29.56 -10.03 -20.62
C TYR C 118 -30.98 -10.22 -21.11
N LYS C 119 -31.12 -10.40 -22.43
CA LYS C 119 -32.38 -10.74 -23.09
C LYS C 119 -32.22 -12.09 -23.76
N ASP C 120 -32.87 -13.12 -23.20
CA ASP C 120 -32.93 -14.51 -23.69
C ASP C 120 -31.60 -15.23 -23.63
N GLY C 121 -30.65 -14.72 -22.84
CA GLY C 121 -29.34 -15.30 -22.67
C GLY C 121 -28.23 -14.39 -23.14
N GLU C 122 -28.48 -13.63 -24.21
CA GLU C 122 -27.43 -12.79 -24.77
C GLU C 122 -27.44 -11.45 -24.06
N ALA C 123 -26.27 -10.81 -24.06
CA ALA C 123 -26.04 -9.51 -23.45
C ALA C 123 -26.57 -8.33 -24.25
N LEU C 124 -27.71 -7.79 -23.81
CA LEU C 124 -28.39 -6.71 -24.53
C LEU C 124 -27.63 -5.38 -24.44
N LYS C 125 -27.30 -4.93 -23.22
CA LYS C 125 -26.47 -3.74 -23.04
C LYS C 125 -25.74 -3.83 -21.71
N TYR C 126 -24.54 -3.23 -21.66
CA TYR C 126 -23.73 -3.09 -20.46
C TYR C 126 -23.37 -1.63 -20.24
N TRP C 127 -23.41 -1.20 -18.98
CA TRP C 127 -22.93 0.12 -18.63
C TRP C 127 -22.22 0.03 -17.27
N TYR C 128 -21.30 0.97 -17.08
CA TYR C 128 -20.40 1.07 -15.92
C TYR C 128 -21.18 1.18 -14.63
N GLU C 129 -22.10 2.12 -14.60
CA GLU C 129 -22.98 2.40 -13.51
C GLU C 129 -24.30 1.77 -13.88
N ASN C 130 -25.31 1.99 -13.04
CA ASN C 130 -26.62 1.43 -13.31
C ASN C 130 -27.20 2.22 -14.47
N HIS C 131 -28.03 1.58 -15.29
CA HIS C 131 -28.53 2.39 -16.37
C HIS C 131 -29.97 2.03 -16.64
N ASN C 132 -30.54 2.78 -17.57
CA ASN C 132 -31.95 2.89 -17.70
C ASN C 132 -32.12 2.78 -19.21
N ILE C 133 -32.20 1.53 -19.67
CA ILE C 133 -32.55 1.28 -21.05
C ILE C 133 -33.98 1.79 -21.18
N SER C 134 -34.23 2.45 -22.28
CA SER C 134 -35.53 2.99 -22.61
C SER C 134 -35.61 2.76 -24.10
N ILE C 135 -36.49 1.88 -24.46
CA ILE C 135 -36.77 1.54 -25.82
C ILE C 135 -38.19 2.03 -25.89
N THR C 136 -38.42 3.03 -26.74
CA THR C 136 -39.76 3.57 -26.87
C THR C 136 -40.66 2.69 -27.69
N ASN C 137 -40.11 1.79 -28.50
CA ASN C 137 -40.99 0.97 -29.29
C ASN C 137 -40.74 -0.49 -28.92
N ALA C 138 -41.58 -1.41 -29.36
CA ALA C 138 -41.39 -2.79 -28.93
C ALA C 138 -41.67 -3.74 -30.08
N THR C 139 -40.61 -4.32 -30.64
CA THR C 139 -40.77 -5.29 -31.70
C THR C 139 -41.33 -6.60 -31.15
N VAL C 140 -41.81 -7.44 -32.06
CA VAL C 140 -42.38 -8.71 -31.63
C VAL C 140 -41.29 -9.73 -31.34
N GLU C 141 -40.04 -9.43 -31.73
CA GLU C 141 -38.90 -10.18 -31.27
C GLU C 141 -38.36 -9.67 -29.94
N ASP C 142 -38.93 -8.60 -29.35
CA ASP C 142 -38.39 -8.08 -28.09
C ASP C 142 -38.77 -8.96 -26.91
N SER C 143 -39.85 -9.74 -27.07
CA SER C 143 -40.33 -10.76 -26.13
C SER C 143 -39.19 -11.63 -25.65
N GLY C 144 -38.94 -11.64 -24.35
CA GLY C 144 -37.91 -12.51 -23.85
C GLY C 144 -37.96 -12.64 -22.35
N THR C 145 -37.16 -13.58 -21.86
CA THR C 145 -36.91 -13.69 -20.44
C THR C 145 -35.66 -12.87 -20.14
N TYR C 146 -35.84 -11.84 -19.32
CA TYR C 146 -34.78 -10.91 -19.04
C TYR C 146 -34.19 -11.26 -17.68
N TYR C 147 -32.93 -10.85 -17.50
CA TYR C 147 -32.17 -10.85 -16.24
C TYR C 147 -30.91 -9.99 -16.31
N CYS C 148 -30.47 -9.51 -15.14
CA CYS C 148 -29.33 -8.60 -15.06
C CYS C 148 -28.28 -9.00 -14.05
N THR C 149 -27.01 -8.90 -14.44
CA THR C 149 -25.91 -9.17 -13.51
C THR C 149 -25.37 -7.82 -13.05
N GLY C 150 -25.12 -7.70 -11.74
CA GLY C 150 -24.62 -6.45 -11.20
C GLY C 150 -23.60 -6.67 -10.10
N LYS C 151 -23.06 -5.54 -9.62
CA LYS C 151 -22.04 -5.53 -8.59
C LYS C 151 -22.47 -4.48 -7.57
N VAL C 152 -22.83 -4.94 -6.38
CA VAL C 152 -23.31 -4.11 -5.29
C VAL C 152 -22.34 -4.29 -4.13
N TRP C 153 -21.72 -3.18 -3.70
CA TRP C 153 -20.72 -3.14 -2.61
C TRP C 153 -19.53 -4.08 -2.83
N GLN C 154 -19.08 -4.13 -4.09
CA GLN C 154 -18.01 -4.86 -4.78
C GLN C 154 -18.40 -6.30 -5.08
N LEU C 155 -19.56 -6.79 -4.64
CA LEU C 155 -19.86 -8.21 -4.85
C LEU C 155 -20.92 -8.39 -5.93
N ASP C 156 -20.89 -9.56 -6.56
CA ASP C 156 -21.75 -9.85 -7.70
C ASP C 156 -23.08 -10.41 -7.26
N TYR C 157 -24.16 -9.96 -7.92
CA TYR C 157 -25.51 -10.38 -7.61
C TYR C 157 -26.27 -10.48 -8.92
N GLU C 158 -26.94 -11.62 -9.11
CA GLU C 158 -27.86 -11.80 -10.22
C GLU C 158 -29.32 -11.68 -9.80
N SER C 159 -30.11 -10.96 -10.62
CA SER C 159 -31.53 -10.75 -10.38
C SER C 159 -32.33 -11.99 -10.80
N GLU C 160 -33.52 -12.12 -10.21
CA GLU C 160 -34.45 -13.15 -10.66
C GLU C 160 -34.97 -12.81 -12.07
N PRO C 161 -35.12 -13.81 -12.94
CA PRO C 161 -35.55 -13.52 -14.32
C PRO C 161 -37.02 -13.11 -14.38
N LEU C 162 -37.37 -12.35 -15.41
CA LEU C 162 -38.74 -11.89 -15.59
C LEU C 162 -39.05 -12.04 -17.06
N ASN C 163 -40.06 -12.83 -17.35
CA ASN C 163 -40.49 -13.06 -18.72
C ASN C 163 -41.41 -11.92 -19.13
N ILE C 164 -41.18 -11.36 -20.33
CA ILE C 164 -41.91 -10.24 -20.91
C ILE C 164 -42.23 -10.65 -22.35
N THR C 165 -43.43 -10.30 -22.83
CA THR C 165 -43.89 -10.73 -24.15
C THR C 165 -44.71 -9.63 -24.83
N VAL C 166 -44.29 -9.25 -26.04
CA VAL C 166 -44.99 -8.24 -26.83
C VAL C 166 -46.08 -8.95 -27.64
N ILE C 167 -47.12 -8.21 -28.06
CA ILE C 167 -48.21 -8.74 -28.85
C ILE C 167 -48.48 -7.75 -29.99
N LYS C 168 -49.19 -8.22 -31.04
CA LYS C 168 -49.60 -7.42 -32.20
C LYS C 168 -50.84 -6.56 -31.97
N ALA C 169 -50.73 -5.26 -32.29
CA ALA C 169 -51.77 -4.25 -32.03
C ALA C 169 -53.02 -4.33 -32.93
N PRO C 170 -52.96 -4.73 -34.20
CA PRO C 170 -54.20 -5.24 -34.78
C PRO C 170 -54.55 -6.60 -34.19
N ARG C 171 -55.82 -6.70 -33.73
CA ARG C 171 -56.47 -7.90 -33.16
C ARG C 171 -55.74 -8.53 -31.98
N GLN D 1 47.95 57.48 -45.27
CA GLN D 1 47.13 57.37 -46.46
C GLN D 1 46.03 56.33 -46.27
N SER D 2 44.85 56.78 -45.87
CA SER D 2 43.73 55.88 -45.60
C SER D 2 42.42 56.62 -45.85
N LEU D 3 41.34 55.85 -45.79
CA LEU D 3 39.99 56.36 -45.99
C LEU D 3 39.09 55.75 -44.92
N GLU D 4 38.08 56.50 -44.49
CA GLU D 4 37.19 56.00 -43.44
C GLU D 4 35.78 56.51 -43.67
N GLU D 5 34.80 55.62 -43.51
CA GLU D 5 33.41 55.97 -43.74
C GLU D 5 32.69 56.21 -42.42
N SER D 6 31.71 57.10 -42.45
CA SER D 6 30.95 57.45 -41.27
C SER D 6 29.54 57.83 -41.67
N GLY D 7 28.62 57.74 -40.71
CA GLY D 7 27.24 58.11 -40.93
C GLY D 7 26.29 56.96 -41.18
N GLY D 8 26.77 55.72 -41.18
CA GLY D 8 25.88 54.58 -41.36
C GLY D 8 25.08 54.32 -40.11
N ARG D 9 23.75 54.32 -40.24
CA ARG D 9 22.85 54.33 -39.10
C ARG D 9 21.53 53.72 -39.53
N LEU D 10 20.82 53.13 -38.57
CA LEU D 10 19.46 52.64 -38.78
C LEU D 10 18.53 53.83 -38.97
N VAL D 11 17.85 53.87 -40.11
CA VAL D 11 16.81 54.86 -40.36
C VAL D 11 15.59 54.14 -40.92
N THR D 12 14.47 54.86 -40.92
CA THR D 12 13.20 54.35 -41.43
C THR D 12 13.22 54.32 -42.95
N PRO D 13 12.31 53.56 -43.59
CA PRO D 13 12.09 53.73 -45.04
C PRO D 13 11.63 55.14 -45.39
N GLY D 14 12.19 55.66 -46.49
CA GLY D 14 11.91 57.01 -46.94
C GLY D 14 12.79 58.08 -46.35
N THR D 15 13.59 57.77 -45.34
CA THR D 15 14.45 58.76 -44.72
C THR D 15 15.70 58.98 -45.57
N PRO D 16 16.03 60.22 -45.91
CA PRO D 16 17.33 60.49 -46.56
C PRO D 16 18.48 60.29 -45.59
N LEU D 17 19.63 59.91 -46.14
CA LEU D 17 20.81 59.62 -45.34
C LEU D 17 22.05 60.17 -46.02
N THR D 18 23.01 60.65 -45.23
CA THR D 18 24.26 61.18 -45.76
C THR D 18 25.42 60.45 -45.12
N LEU D 19 26.26 59.84 -45.95
CA LEU D 19 27.50 59.22 -45.51
C LEU D 19 28.68 60.13 -45.83
N THR D 20 29.73 60.03 -45.01
CA THR D 20 30.92 60.86 -45.15
C THR D 20 32.14 59.97 -45.25
N CYS D 21 32.87 60.09 -46.35
CA CYS D 21 34.16 59.46 -46.54
C CYS D 21 35.25 60.48 -46.21
N THR D 22 35.91 60.29 -45.09
CA THR D 22 37.01 61.15 -44.66
C THR D 22 38.32 60.50 -45.09
N VAL D 23 39.11 61.20 -45.89
CA VAL D 23 40.36 60.68 -46.40
C VAL D 23 41.52 61.32 -45.66
N SER D 24 42.69 60.71 -45.74
CA SER D 24 43.89 61.23 -45.11
C SER D 24 45.11 60.76 -45.90
N GLY D 25 46.06 61.67 -46.13
CA GLY D 25 47.29 61.31 -46.78
C GLY D 25 47.42 61.80 -48.21
N PHE D 26 46.34 61.70 -48.97
CA PHE D 26 46.34 62.11 -50.37
C PHE D 26 45.41 63.30 -50.56
N SER D 27 45.43 63.85 -51.77
CA SER D 27 44.63 65.01 -52.13
C SER D 27 43.50 64.59 -53.06
N LEU D 28 42.34 65.25 -52.91
CA LEU D 28 41.20 64.99 -53.77
C LEU D 28 41.26 65.75 -55.08
N SER D 29 42.24 66.64 -55.25
CA SER D 29 42.49 67.30 -56.53
C SER D 29 43.34 66.45 -57.46
N THR D 30 43.86 65.32 -56.98
CA THR D 30 44.61 64.37 -57.78
C THR D 30 43.86 63.06 -57.99
N TYR D 31 43.13 62.60 -56.98
CA TYR D 31 42.50 61.28 -56.99
C TYR D 31 40.98 61.40 -56.97
N ASN D 32 40.32 60.42 -57.56
CA ASN D 32 38.88 60.33 -57.59
C ASN D 32 38.37 59.53 -56.39
N ILE D 33 37.06 59.57 -56.17
CA ILE D 33 36.44 58.84 -55.06
C ILE D 33 35.36 57.93 -55.63
N HIS D 34 35.49 56.63 -55.40
CA HIS D 34 34.50 55.63 -55.76
C HIS D 34 33.64 55.28 -54.54
N TRP D 35 32.37 54.97 -54.82
CA TRP D 35 31.44 54.45 -53.82
C TRP D 35 30.94 53.09 -54.30
N VAL D 36 31.08 52.09 -53.43
CA VAL D 36 30.74 50.69 -53.68
C VAL D 36 29.92 50.21 -52.48
N ARG D 37 28.84 49.47 -52.72
CA ARG D 37 28.13 48.85 -51.60
C ARG D 37 28.16 47.34 -51.69
N GLN D 38 27.85 46.69 -50.56
CA GLN D 38 27.82 45.23 -50.48
C GLN D 38 26.71 44.84 -49.52
N ALA D 39 25.71 44.10 -49.99
CA ALA D 39 24.67 43.58 -49.13
C ALA D 39 25.23 42.46 -48.24
N PRO D 40 24.63 42.23 -47.06
CA PRO D 40 25.07 41.10 -46.22
C PRO D 40 24.77 39.75 -46.84
N GLY D 41 25.81 38.95 -47.00
CA GLY D 41 25.71 37.66 -47.65
C GLY D 41 25.76 37.69 -49.16
N LYS D 42 25.96 38.87 -49.76
CA LYS D 42 25.95 39.04 -51.21
C LYS D 42 27.29 39.61 -51.66
N GLY D 43 27.38 39.87 -52.97
CA GLY D 43 28.60 40.39 -53.56
C GLY D 43 28.68 41.91 -53.53
N LEU D 44 29.80 42.41 -54.02
CA LEU D 44 30.04 43.84 -54.10
C LEU D 44 29.26 44.45 -55.26
N GLU D 45 28.94 45.74 -55.13
CA GLU D 45 28.11 46.43 -56.10
C GLU D 45 28.57 47.89 -56.19
N TRP D 46 28.98 48.30 -57.39
CA TRP D 46 29.45 49.67 -57.61
C TRP D 46 28.28 50.65 -57.63
N ILE D 47 28.42 51.74 -56.88
CA ILE D 47 27.40 52.79 -56.89
C ILE D 47 27.84 53.89 -57.84
N GLY D 48 28.96 54.54 -57.54
CA GLY D 48 29.27 55.74 -58.30
C GLY D 48 30.71 56.20 -58.14
N VAL D 49 31.00 57.32 -58.79
CA VAL D 49 32.33 57.93 -58.73
C VAL D 49 32.17 59.45 -58.86
N ILE D 50 32.97 60.19 -58.09
CA ILE D 50 33.18 61.62 -58.30
C ILE D 50 34.66 61.81 -58.69
N ASP D 51 34.90 62.67 -59.66
CA ASP D 51 36.25 62.95 -60.12
C ASP D 51 36.83 64.14 -59.36
N THR D 52 37.96 64.65 -59.85
CA THR D 52 38.58 65.81 -59.22
C THR D 52 37.84 67.09 -59.52
N GLY D 53 37.19 67.17 -60.69
CA GLY D 53 36.43 68.35 -61.07
C GLY D 53 35.03 68.43 -60.50
N GLY D 54 34.56 67.38 -59.83
CA GLY D 54 33.25 67.38 -59.24
C GLY D 54 32.17 66.65 -60.03
N GLY D 55 32.51 66.10 -61.20
CA GLY D 55 31.54 65.37 -61.99
C GLY D 55 31.30 63.99 -61.42
N THR D 56 30.03 63.64 -61.25
CA THR D 56 29.64 62.36 -60.67
C THR D 56 28.97 61.49 -61.73
N TYR D 57 29.30 60.21 -61.72
CA TYR D 57 28.62 59.26 -62.60
C TYR D 57 28.27 58.02 -61.79
N PHE D 58 27.10 57.47 -62.07
CA PHE D 58 26.48 56.43 -61.25
C PHE D 58 26.18 55.20 -62.10
N ALA D 59 25.75 54.14 -61.45
CA ALA D 59 25.38 52.91 -62.13
C ALA D 59 24.00 53.03 -62.76
N SER D 60 23.60 51.98 -63.47
CA SER D 60 22.34 51.98 -64.20
C SER D 60 21.14 51.83 -63.28
N TRP D 61 21.33 51.22 -62.11
CA TRP D 61 20.25 51.01 -61.16
C TRP D 61 20.06 52.16 -60.18
N ALA D 62 20.92 53.19 -60.24
CA ALA D 62 20.88 54.26 -59.24
C ALA D 62 19.68 55.17 -59.44
N LYS D 63 19.45 55.60 -60.71
CA LYS D 63 18.28 56.38 -61.17
C LYS D 63 18.14 57.73 -60.46
N GLY D 64 19.27 58.36 -60.13
CA GLY D 64 19.26 59.66 -59.52
C GLY D 64 18.99 59.68 -58.03
N ARG D 65 18.89 58.52 -57.38
CA ARG D 65 18.69 58.46 -55.94
C ARG D 65 19.94 58.78 -55.15
N PHE D 66 21.11 58.67 -55.77
CA PHE D 66 22.39 58.89 -55.10
C PHE D 66 23.00 60.17 -55.64
N ALA D 67 23.70 60.90 -54.76
CA ALA D 67 24.42 62.10 -55.15
C ALA D 67 25.72 62.15 -54.38
N ILE D 68 26.81 62.48 -55.07
CA ILE D 68 28.12 62.62 -54.43
C ILE D 68 28.53 64.08 -54.51
N SER D 69 29.11 64.59 -53.43
CA SER D 69 29.55 65.98 -53.38
C SER D 69 30.88 66.07 -52.66
N LYS D 70 31.73 67.01 -53.10
CA LYS D 70 32.96 67.31 -52.38
C LYS D 70 32.69 68.44 -51.40
N THR D 71 32.72 68.13 -50.11
CA THR D 71 32.40 69.09 -49.07
C THR D 71 33.61 69.86 -48.56
N SER D 72 34.77 69.20 -48.45
CA SER D 72 35.98 69.85 -48.01
C SER D 72 37.15 69.20 -48.74
N SER D 73 38.37 69.50 -48.30
CA SER D 73 39.56 68.93 -48.92
C SER D 73 39.83 67.50 -48.46
N THR D 74 39.18 67.05 -47.38
CA THR D 74 39.36 65.70 -46.87
C THR D 74 38.09 64.87 -46.80
N THR D 75 36.91 65.47 -46.99
CA THR D 75 35.64 64.77 -46.82
C THR D 75 34.85 64.78 -48.12
N VAL D 76 34.23 63.65 -48.41
CA VAL D 76 33.38 63.47 -49.59
C VAL D 76 32.05 62.89 -49.11
N ASP D 77 30.94 63.57 -49.41
CA ASP D 77 29.64 63.15 -48.94
C ASP D 77 28.85 62.42 -50.01
N LEU D 78 28.11 61.40 -49.58
CA LEU D 78 27.19 60.65 -50.42
C LEU D 78 25.79 60.76 -49.82
N LYS D 79 24.91 61.45 -50.52
CA LYS D 79 23.52 61.61 -50.12
C LYS D 79 22.67 60.56 -50.83
N MET D 80 21.86 59.83 -50.07
CA MET D 80 21.13 58.66 -50.53
C MET D 80 19.68 58.76 -50.08
N THR D 81 18.77 58.60 -51.04
CA THR D 81 17.35 58.89 -50.89
C THR D 81 16.49 57.74 -51.39
N SER D 82 15.20 57.82 -51.03
CA SER D 82 14.12 56.89 -51.43
C SER D 82 14.42 55.45 -51.03
N LEU D 83 14.75 55.25 -49.75
CA LEU D 83 15.36 54.02 -49.30
C LEU D 83 14.32 52.98 -48.93
N THR D 84 14.53 51.75 -49.40
CA THR D 84 13.79 50.57 -49.01
C THR D 84 14.76 49.62 -48.30
N ALA D 85 14.28 48.40 -48.03
CA ALA D 85 15.08 47.44 -47.28
C ALA D 85 16.21 46.81 -48.09
N ALA D 86 16.23 47.00 -49.42
CA ALA D 86 17.31 46.47 -50.25
C ALA D 86 18.59 47.30 -50.14
N ASP D 87 18.54 48.50 -49.58
CA ASP D 87 19.71 49.34 -49.39
C ASP D 87 20.41 49.10 -48.07
N THR D 88 19.95 48.12 -47.28
CA THR D 88 20.64 47.68 -46.09
C THR D 88 21.94 46.99 -46.49
N ALA D 89 23.07 47.66 -46.29
CA ALA D 89 24.33 47.23 -46.87
C ALA D 89 25.50 47.86 -46.13
N THR D 90 26.68 47.32 -46.39
CA THR D 90 27.95 47.89 -45.94
C THR D 90 28.56 48.68 -47.09
N TYR D 91 28.87 49.94 -46.85
CA TYR D 91 29.23 50.90 -47.88
C TYR D 91 30.70 51.24 -47.75
N PHE D 92 31.43 51.13 -48.87
CA PHE D 92 32.86 51.41 -48.96
C PHE D 92 33.10 52.60 -49.87
N CYS D 93 34.05 53.45 -49.46
CA CYS D 93 34.59 54.50 -50.32
C CYS D 93 36.03 54.15 -50.65
N ALA D 94 36.45 54.51 -51.85
CA ALA D 94 37.76 54.08 -52.35
C ALA D 94 38.45 55.22 -53.08
N LYS D 95 39.78 55.26 -52.97
CA LYS D 95 40.60 56.21 -53.71
C LYS D 95 40.85 55.66 -55.11
N GLY D 96 40.22 56.26 -56.11
CA GLY D 96 40.36 55.82 -57.48
C GLY D 96 41.46 56.59 -58.19
N PHE D 97 42.39 55.85 -58.79
CA PHE D 97 43.43 56.43 -59.62
C PHE D 97 42.84 57.01 -60.91
N ASP D 98 41.87 56.30 -61.48
CA ASP D 98 41.19 56.74 -62.69
C ASP D 98 39.69 56.48 -62.49
N TYR D 99 38.93 56.54 -63.59
CA TYR D 99 37.50 56.28 -63.54
C TYR D 99 37.16 54.80 -63.34
N SER D 100 38.12 53.91 -63.58
CA SER D 100 37.95 52.52 -63.18
C SER D 100 38.10 52.40 -61.67
N ALA D 101 37.35 51.45 -61.08
CA ALA D 101 37.46 51.17 -59.65
C ALA D 101 38.44 50.02 -59.39
N SER D 102 39.64 50.13 -59.95
CA SER D 102 40.70 49.15 -59.77
C SER D 102 41.73 49.78 -58.84
N THR D 103 41.63 49.48 -57.55
CA THR D 103 42.42 50.19 -56.57
C THR D 103 42.70 49.33 -55.36
N ASN D 104 43.78 49.65 -54.64
CA ASN D 104 44.22 48.91 -53.48
C ASN D 104 43.95 49.62 -52.16
N LEU D 105 43.39 50.83 -52.19
CA LEU D 105 43.15 51.63 -51.00
C LEU D 105 41.65 51.77 -50.81
N TRP D 106 41.12 51.07 -49.80
CA TRP D 106 39.69 51.07 -49.50
C TRP D 106 39.49 51.40 -48.04
N GLY D 107 38.33 51.97 -47.73
CA GLY D 107 37.93 52.18 -46.35
C GLY D 107 37.31 50.94 -45.75
N PRO D 108 37.11 50.94 -44.43
CA PRO D 108 36.53 49.74 -43.79
C PRO D 108 35.04 49.56 -44.02
N GLY D 109 34.32 50.59 -44.45
CA GLY D 109 32.91 50.46 -44.72
C GLY D 109 32.06 50.79 -43.51
N THR D 110 30.86 51.30 -43.77
CA THR D 110 29.90 51.60 -42.72
C THR D 110 28.56 50.93 -43.03
N LEU D 111 27.78 50.68 -42.00
CA LEU D 111 26.67 49.73 -42.09
C LEU D 111 25.35 50.49 -42.01
N VAL D 112 24.48 50.30 -43.01
CA VAL D 112 23.22 51.01 -43.14
C VAL D 112 22.10 49.98 -43.10
N THR D 113 21.16 50.15 -42.15
CA THR D 113 20.09 49.21 -41.89
C THR D 113 18.76 49.92 -42.08
N ILE D 114 17.83 49.27 -42.79
CA ILE D 114 16.47 49.77 -43.00
C ILE D 114 15.54 48.74 -42.39
N SER D 115 15.03 49.02 -41.19
CA SER D 115 14.23 48.04 -40.47
C SER D 115 13.05 48.74 -39.81
N SER D 116 12.22 47.93 -39.13
CA SER D 116 10.95 48.40 -38.58
C SER D 116 10.61 47.75 -37.24
N ALA D 117 11.60 47.27 -36.50
CA ALA D 117 11.33 46.70 -35.19
C ALA D 117 11.81 47.64 -34.09
N SER D 118 11.44 47.31 -32.86
CA SER D 118 11.71 48.16 -31.71
C SER D 118 13.17 48.06 -31.29
N THR D 119 13.72 49.19 -30.84
CA THR D 119 15.10 49.24 -30.37
C THR D 119 15.18 48.68 -28.96
N GLN D 120 15.89 47.58 -28.78
CA GLN D 120 15.99 46.89 -27.51
C GLN D 120 17.45 46.83 -27.05
N SER D 121 17.66 47.08 -25.76
CA SER D 121 18.99 46.96 -25.16
C SER D 121 19.32 45.49 -24.93
N PRO D 122 20.59 45.11 -25.05
CA PRO D 122 20.97 43.71 -24.80
C PRO D 122 20.97 43.37 -23.32
N SER D 123 20.66 42.10 -23.06
CA SER D 123 20.78 41.53 -21.74
C SER D 123 22.06 40.70 -21.72
N VAL D 124 22.93 40.98 -20.76
CA VAL D 124 24.28 40.44 -20.72
C VAL D 124 24.37 39.45 -19.57
N PHE D 125 24.75 38.22 -19.89
CA PHE D 125 24.83 37.17 -18.90
C PHE D 125 26.17 36.46 -18.98
N PRO D 126 26.76 36.08 -17.85
CA PRO D 126 28.03 35.34 -17.89
C PRO D 126 27.83 33.90 -18.32
N LEU D 127 28.88 33.36 -18.94
CA LEU D 127 28.90 32.00 -19.45
C LEU D 127 30.12 31.32 -18.84
N THR D 128 29.89 30.57 -17.77
CA THR D 128 30.93 29.83 -17.10
C THR D 128 30.58 28.35 -17.13
N ARG D 129 31.61 27.51 -17.24
CA ARG D 129 31.39 26.06 -17.21
C ARG D 129 31.12 25.60 -15.77
N CYS D 130 30.71 24.35 -15.65
CA CYS D 130 30.62 23.76 -14.32
C CYS D 130 31.98 23.45 -13.74
N CYS D 131 32.16 23.84 -12.47
CA CYS D 131 33.46 23.82 -11.82
C CYS D 131 33.87 22.41 -11.40
N LYS D 132 32.92 21.49 -11.30
CA LYS D 132 33.28 20.09 -11.17
C LYS D 132 33.73 19.50 -12.51
N ASN D 133 33.20 20.00 -13.62
CA ASN D 133 33.67 19.62 -14.94
C ASN D 133 34.93 20.36 -15.36
N ILE D 134 35.20 21.54 -14.78
CA ILE D 134 36.50 22.17 -14.88
C ILE D 134 37.46 21.35 -14.02
N PRO D 135 38.59 20.90 -14.56
CA PRO D 135 39.54 20.14 -13.74
C PRO D 135 40.28 21.03 -12.76
N SER D 136 40.96 20.37 -11.82
CA SER D 136 41.69 21.08 -10.77
C SER D 136 42.94 21.77 -11.32
N ASN D 137 43.65 21.09 -12.22
CA ASN D 137 44.88 21.62 -12.80
C ASN D 137 44.61 22.75 -13.79
N ALA D 138 43.93 22.44 -14.92
CA ALA D 138 43.24 23.29 -15.90
C ALA D 138 43.95 24.59 -16.30
N THR D 139 45.11 24.48 -16.95
CA THR D 139 46.09 25.54 -17.12
C THR D 139 45.57 26.74 -17.89
N SER D 140 44.70 26.50 -18.88
CA SER D 140 43.92 27.54 -19.51
C SER D 140 42.44 27.25 -19.30
N VAL D 141 41.64 28.31 -19.23
CA VAL D 141 40.20 28.19 -19.06
C VAL D 141 39.53 29.17 -20.03
N THR D 142 38.33 28.82 -20.48
CA THR D 142 37.58 29.62 -21.44
C THR D 142 36.23 29.97 -20.81
N LEU D 143 35.90 31.26 -20.83
CA LEU D 143 34.68 31.80 -20.26
C LEU D 143 34.06 32.74 -21.28
N GLY D 144 32.89 33.28 -20.98
CA GLY D 144 32.29 34.16 -21.99
C GLY D 144 31.17 35.02 -21.46
N CYS D 145 30.63 35.82 -22.36
CA CYS D 145 29.46 36.67 -22.13
C CYS D 145 28.48 36.51 -23.28
N LEU D 146 27.21 36.37 -22.93
CA LEU D 146 26.12 36.29 -23.89
C LEU D 146 25.34 37.61 -23.82
N ALA D 147 25.36 38.37 -24.91
CA ALA D 147 24.58 39.60 -25.03
C ALA D 147 23.44 39.30 -25.99
N THR D 148 22.23 39.15 -25.44
CA THR D 148 21.12 38.62 -26.20
C THR D 148 19.92 39.56 -26.14
N GLY D 149 19.02 39.40 -27.12
CA GLY D 149 17.76 40.09 -27.10
C GLY D 149 17.79 41.52 -27.59
N TYR D 150 18.86 41.95 -28.25
CA TYR D 150 18.97 43.33 -28.68
C TYR D 150 18.55 43.50 -30.13
N PHE D 151 18.09 44.70 -30.43
CA PHE D 151 17.82 45.10 -31.80
C PHE D 151 18.12 46.58 -31.96
N PRO D 152 18.75 47.01 -33.05
CA PRO D 152 19.44 46.21 -34.08
C PRO D 152 20.94 46.11 -33.82
N GLU D 153 21.66 45.78 -34.88
CA GLU D 153 23.11 45.69 -34.83
C GLU D 153 23.74 47.08 -34.73
N PRO D 154 24.93 47.21 -34.09
CA PRO D 154 25.73 46.21 -33.36
C PRO D 154 25.90 46.40 -31.84
N VAL D 155 26.52 45.41 -31.23
CA VAL D 155 27.11 45.52 -29.90
C VAL D 155 28.62 45.38 -30.08
N MET D 156 29.37 45.84 -29.08
CA MET D 156 30.81 45.58 -29.04
C MET D 156 31.17 45.14 -27.64
N VAL D 157 32.01 44.11 -27.54
CA VAL D 157 32.44 43.54 -26.27
C VAL D 157 33.95 43.66 -26.16
N THR D 158 34.42 44.33 -25.11
CA THR D 158 35.82 44.27 -24.72
C THR D 158 35.93 43.55 -23.37
N TRP D 159 37.15 43.31 -22.92
CA TRP D 159 37.36 42.48 -21.75
C TRP D 159 38.38 43.09 -20.80
N ASP D 160 38.04 43.03 -19.52
CA ASP D 160 38.98 43.26 -18.43
C ASP D 160 39.38 41.91 -17.87
N THR D 161 40.65 41.56 -18.06
CA THR D 161 41.22 40.30 -17.59
C THR D 161 42.07 40.48 -16.34
N GLY D 162 42.24 41.71 -15.86
CA GLY D 162 43.15 41.97 -14.76
C GLY D 162 44.59 42.02 -15.21
N SER D 163 45.42 41.14 -14.68
CA SER D 163 46.84 41.10 -14.96
C SER D 163 47.21 40.12 -16.07
N LEU D 164 46.23 39.51 -16.72
CA LEU D 164 46.48 38.43 -17.68
C LEU D 164 46.47 39.00 -19.10
N ASN D 165 47.32 38.43 -19.95
CA ASN D 165 47.36 38.84 -21.36
C ASN D 165 46.14 38.39 -22.17
N GLY D 166 45.81 37.11 -22.20
CA GLY D 166 44.47 36.68 -22.61
C GLY D 166 44.29 36.63 -24.11
N THR D 167 43.23 35.91 -24.52
CA THR D 167 42.75 35.96 -25.90
C THR D 167 41.25 36.14 -25.93
N THR D 168 40.77 37.09 -26.72
CA THR D 168 39.35 37.36 -26.89
C THR D 168 38.92 37.01 -28.31
N MET D 169 37.71 36.46 -28.43
CA MET D 169 37.12 36.29 -29.75
C MET D 169 35.60 36.48 -29.66
N THR D 170 35.06 37.23 -30.61
CA THR D 170 33.64 37.56 -30.63
C THR D 170 32.99 36.89 -31.84
N LEU D 171 31.93 36.13 -31.59
CA LEU D 171 31.26 35.40 -32.66
C LEU D 171 30.29 36.31 -33.41
N PRO D 172 29.97 35.98 -34.67
CA PRO D 172 28.93 36.70 -35.39
C PRO D 172 27.54 36.48 -34.79
N ALA D 173 26.68 37.47 -35.01
CA ALA D 173 25.37 37.50 -34.38
C ALA D 173 24.40 36.55 -35.09
N THR D 174 23.44 36.05 -34.31
CA THR D 174 22.36 35.22 -34.81
C THR D 174 21.03 35.92 -34.59
N THR D 175 20.20 35.95 -35.63
CA THR D 175 18.86 36.47 -35.52
C THR D 175 17.99 35.47 -34.77
N LEU D 176 17.32 35.92 -33.72
CA LEU D 176 16.42 35.05 -32.97
C LEU D 176 15.17 34.78 -33.80
N THR D 177 14.77 33.51 -33.84
CA THR D 177 13.68 33.08 -34.72
C THR D 177 12.32 33.52 -34.20
N LEU D 178 12.18 33.67 -32.88
CA LEU D 178 10.88 34.00 -32.32
C LEU D 178 10.66 35.51 -32.24
N SER D 179 11.70 36.27 -31.88
CA SER D 179 11.55 37.70 -31.65
C SER D 179 12.10 38.58 -32.78
N GLY D 180 13.06 38.09 -33.57
CA GLY D 180 13.74 38.92 -34.53
C GLY D 180 14.92 39.68 -33.99
N HIS D 181 15.21 39.56 -32.70
CA HIS D 181 16.34 40.24 -32.08
C HIS D 181 17.64 39.48 -32.36
N TYR D 182 18.75 40.06 -31.92
CA TYR D 182 20.06 39.49 -32.15
C TYR D 182 20.68 39.01 -30.83
N ALA D 183 21.69 38.16 -30.97
CA ALA D 183 22.43 37.65 -29.83
C ALA D 183 23.86 37.36 -30.24
N THR D 184 24.80 37.73 -29.38
CA THR D 184 26.21 37.48 -29.59
C THR D 184 26.79 36.75 -28.39
N ILE D 185 27.81 35.94 -28.66
CA ILE D 185 28.60 35.29 -27.63
C ILE D 185 30.04 35.74 -27.83
N SER D 186 30.60 36.40 -26.83
CA SER D 186 31.99 36.82 -26.86
C SER D 186 32.75 36.03 -25.79
N LEU D 187 33.82 35.35 -26.20
CA LEU D 187 34.51 34.44 -25.32
C LEU D 187 35.93 34.95 -25.04
N LEU D 188 36.42 34.60 -23.87
CA LEU D 188 37.73 34.98 -23.38
C LEU D 188 38.43 33.75 -22.82
N THR D 189 39.64 33.49 -23.30
CA THR D 189 40.47 32.39 -22.81
C THR D 189 41.62 33.00 -22.03
N VAL D 190 41.71 32.63 -20.74
CA VAL D 190 42.78 33.08 -19.87
C VAL D 190 43.54 31.89 -19.31
N SER D 191 44.60 32.20 -18.55
CA SER D 191 45.50 31.22 -17.97
C SER D 191 46.12 31.80 -16.70
N GLY D 192 46.74 30.93 -15.91
CA GLY D 192 47.46 31.35 -14.73
C GLY D 192 46.63 31.32 -13.46
N ALA D 193 46.50 32.47 -12.81
CA ALA D 193 45.74 32.57 -11.56
C ALA D 193 44.30 33.04 -11.84
N TRP D 194 43.62 32.27 -12.71
CA TRP D 194 42.26 32.57 -13.11
C TRP D 194 41.23 32.22 -12.05
N ALA D 195 41.58 31.38 -11.08
CA ALA D 195 40.61 30.91 -10.09
C ALA D 195 40.25 32.00 -9.09
N LYS D 196 41.16 32.94 -8.85
CA LYS D 196 40.89 34.05 -7.96
C LYS D 196 40.58 35.34 -8.71
N GLN D 197 40.78 35.35 -10.02
CA GLN D 197 40.72 36.58 -10.80
C GLN D 197 39.29 36.90 -11.22
N MET D 198 38.93 38.17 -11.09
CA MET D 198 37.60 38.67 -11.41
C MET D 198 37.64 39.25 -12.83
N PHE D 199 36.78 38.73 -13.72
CA PHE D 199 36.80 39.08 -15.13
C PHE D 199 35.55 39.85 -15.50
N THR D 200 35.70 40.80 -16.42
CA THR D 200 34.62 41.73 -16.76
C THR D 200 34.49 41.86 -18.27
N CYS D 201 33.26 41.85 -18.78
CA CYS D 201 33.01 42.13 -20.18
C CYS D 201 32.27 43.45 -20.34
N ARG D 202 32.73 44.29 -21.27
CA ARG D 202 32.07 45.54 -21.60
C ARG D 202 31.27 45.32 -22.88
N VAL D 203 29.95 45.37 -22.77
CA VAL D 203 29.05 45.29 -23.90
C VAL D 203 28.45 46.68 -24.09
N ALA D 204 28.70 47.26 -25.26
CA ALA D 204 28.16 48.56 -25.61
C ALA D 204 27.24 48.43 -26.81
N HIS D 205 26.13 49.18 -26.78
CA HIS D 205 25.08 49.09 -27.79
C HIS D 205 24.74 50.52 -28.21
N THR D 206 25.52 51.04 -29.15
CA THR D 206 25.19 52.30 -29.82
C THR D 206 23.82 52.43 -30.50
N PRO D 207 23.10 51.36 -30.92
CA PRO D 207 21.67 51.58 -31.24
C PRO D 207 20.78 52.01 -30.07
N SER D 208 21.08 51.60 -28.82
CA SER D 208 20.26 52.07 -27.70
C SER D 208 20.60 53.51 -27.35
N SER D 209 21.84 53.75 -26.95
CA SER D 209 22.36 55.10 -26.75
C SER D 209 23.86 55.04 -26.98
N THR D 210 24.47 56.21 -27.19
CA THR D 210 25.90 56.28 -27.48
C THR D 210 26.76 55.97 -26.27
N ASP D 211 26.22 56.09 -25.05
CA ASP D 211 26.95 55.73 -23.84
C ASP D 211 26.26 54.61 -23.07
N TRP D 212 25.51 53.74 -23.75
CA TRP D 212 25.02 52.52 -23.14
C TRP D 212 26.20 51.58 -22.96
N VAL D 213 26.63 51.38 -21.71
CA VAL D 213 27.79 50.57 -21.40
C VAL D 213 27.40 49.60 -20.29
N ASP D 214 27.61 48.30 -20.53
CA ASP D 214 27.34 47.26 -19.54
C ASP D 214 28.64 46.50 -19.30
N ASN D 215 29.36 46.87 -18.25
CA ASN D 215 30.43 46.04 -17.76
C ASN D 215 29.85 45.00 -16.79
N LYS D 216 30.04 43.73 -17.13
CA LYS D 216 29.47 42.60 -16.39
C LYS D 216 30.62 41.83 -15.77
N THR D 217 30.57 41.69 -14.45
CA THR D 217 31.72 41.35 -13.62
C THR D 217 31.44 40.04 -12.89
N PHE D 218 32.31 39.04 -13.10
CA PHE D 218 32.04 37.69 -12.59
C PHE D 218 33.35 36.92 -12.48
N SER D 219 33.28 35.78 -11.79
CA SER D 219 34.40 34.87 -11.67
C SER D 219 34.13 33.57 -12.44
N VAL D 220 35.18 32.76 -12.55
CA VAL D 220 35.04 31.44 -13.16
C VAL D 220 34.26 30.50 -12.25
N CYS D 221 34.57 30.50 -10.96
CA CYS D 221 34.01 29.55 -10.02
C CYS D 221 33.49 30.27 -8.79
N SER D 222 32.55 29.62 -8.11
CA SER D 222 32.04 30.07 -6.82
C SER D 222 31.66 28.84 -6.00
N ARG D 223 30.36 28.58 -5.83
CA ARG D 223 29.93 27.27 -5.36
C ARG D 223 28.61 26.84 -5.98
N ASP D 224 28.75 26.05 -7.05
CA ASP D 224 27.87 24.97 -7.49
C ASP D 224 26.55 25.35 -8.15
N PHE D 225 26.06 26.58 -7.91
CA PHE D 225 24.63 26.91 -7.97
C PHE D 225 23.82 25.74 -7.38
N THR D 226 23.97 25.57 -6.04
CA THR D 226 23.50 24.43 -5.25
C THR D 226 22.00 24.22 -5.42
N PRO D 227 21.59 23.12 -6.05
CA PRO D 227 20.17 22.86 -6.35
C PRO D 227 19.49 22.01 -5.28
N PRO D 228 18.88 22.63 -4.25
CA PRO D 228 18.36 21.84 -3.13
C PRO D 228 17.09 21.05 -3.47
N THR D 229 17.13 19.76 -3.20
CA THR D 229 16.14 18.84 -3.75
C THR D 229 14.83 18.92 -3.00
N VAL D 230 13.78 19.31 -3.72
CA VAL D 230 12.45 19.52 -3.15
C VAL D 230 11.69 18.21 -3.32
N LYS D 231 10.99 17.79 -2.27
CA LYS D 231 10.03 16.70 -2.39
C LYS D 231 8.86 16.91 -1.44
N ILE D 232 7.69 16.44 -1.85
CA ILE D 232 6.47 16.58 -1.05
C ILE D 232 6.06 15.20 -0.60
N LEU D 233 5.84 15.06 0.70
CA LEU D 233 5.27 13.90 1.35
C LEU D 233 3.89 14.26 1.89
N GLN D 234 3.04 13.25 2.12
CA GLN D 234 1.70 13.58 2.59
C GLN D 234 1.25 12.56 3.63
N SER D 235 0.27 13.03 4.42
CA SER D 235 -0.54 12.28 5.38
C SER D 235 -1.15 10.99 4.86
N SER D 236 -1.44 10.08 5.77
CA SER D 236 -2.15 8.86 5.44
C SER D 236 -3.66 9.05 5.57
N CYS D 237 -4.40 8.48 4.64
CA CYS D 237 -5.73 8.03 5.03
C CYS D 237 -5.51 6.69 5.75
N ASP D 238 -6.50 6.24 6.51
CA ASP D 238 -6.25 5.07 7.35
C ASP D 238 -6.41 3.74 6.60
N GLY D 239 -6.40 2.65 7.38
CA GLY D 239 -6.47 1.30 6.88
C GLY D 239 -7.79 0.92 6.24
N GLY D 240 -8.84 1.70 6.47
CA GLY D 240 -10.05 1.48 5.71
C GLY D 240 -10.14 2.41 4.53
N GLY D 241 -9.10 3.22 4.32
CA GLY D 241 -9.07 4.23 3.29
C GLY D 241 -9.82 5.50 3.59
N HIS D 242 -10.15 5.77 4.84
CA HIS D 242 -10.92 6.97 5.13
C HIS D 242 -9.98 8.12 5.47
N PHE D 243 -10.37 9.33 5.08
CA PHE D 243 -9.51 10.45 5.41
C PHE D 243 -9.65 10.90 6.85
N PRO D 244 -8.57 11.42 7.43
CA PRO D 244 -8.63 11.98 8.80
C PRO D 244 -9.16 13.41 8.75
N PRO D 245 -9.46 14.06 9.91
CA PRO D 245 -10.03 15.43 9.86
C PRO D 245 -9.10 16.47 9.25
N THR D 246 -7.79 16.31 9.40
CA THR D 246 -6.84 17.19 8.73
C THR D 246 -5.80 16.37 7.99
N ILE D 247 -5.14 17.05 7.07
CA ILE D 247 -4.10 16.52 6.19
C ILE D 247 -2.80 17.24 6.52
N GLN D 248 -1.76 16.47 6.80
CA GLN D 248 -0.44 17.05 6.92
C GLN D 248 0.28 16.89 5.58
N LEU D 249 0.87 17.98 5.09
CA LEU D 249 1.80 17.96 3.97
C LEU D 249 3.22 18.29 4.44
N LEU D 250 4.20 17.52 4.01
CA LEU D 250 5.58 17.71 4.49
C LEU D 250 6.52 17.94 3.31
N CYS D 251 7.03 19.17 3.18
CA CYS D 251 7.96 19.52 2.11
C CYS D 251 9.37 19.31 2.66
N LEU D 252 10.17 18.51 1.97
CA LEU D 252 11.51 18.15 2.41
C LEU D 252 12.52 18.72 1.43
N VAL D 253 13.52 19.40 1.97
CA VAL D 253 14.65 19.96 1.26
C VAL D 253 15.91 19.28 1.82
N SER D 254 16.29 18.15 1.23
CA SER D 254 17.23 17.21 1.83
C SER D 254 18.61 17.28 1.19
N GLY D 255 19.65 17.51 2.00
CA GLY D 255 21.04 17.41 1.60
C GLY D 255 21.57 18.47 0.67
N TYR D 256 21.78 19.68 1.19
CA TYR D 256 22.20 20.80 0.36
C TYR D 256 23.20 21.66 1.12
N THR D 257 24.02 22.41 0.36
CA THR D 257 25.00 23.33 0.93
C THR D 257 24.25 24.44 1.66
N PRO D 258 24.58 24.74 2.94
CA PRO D 258 23.80 25.72 3.74
C PRO D 258 23.75 27.13 3.18
N GLY D 259 22.60 27.77 3.39
CA GLY D 259 22.41 29.14 2.99
C GLY D 259 21.00 29.57 3.32
N THR D 260 20.65 30.78 2.91
CA THR D 260 19.34 31.34 3.18
C THR D 260 18.28 30.57 2.39
N ILE D 261 17.14 30.31 3.03
CA ILE D 261 16.09 29.53 2.39
C ILE D 261 14.74 30.05 2.88
N ASN D 262 13.75 30.02 1.99
CA ASN D 262 12.40 30.44 2.29
C ASN D 262 11.43 29.45 1.67
N ILE D 263 10.33 29.16 2.36
CA ILE D 263 9.35 28.17 1.90
C ILE D 263 7.99 28.83 1.94
N THR D 264 7.30 28.84 0.79
CA THR D 264 5.98 29.42 0.68
C THR D 264 5.04 28.34 0.14
N TRP D 265 3.84 28.24 0.69
CA TRP D 265 2.85 27.30 0.17
C TRP D 265 1.82 28.03 -0.67
N LEU D 266 1.49 27.45 -1.81
CA LEU D 266 0.40 27.95 -2.63
C LEU D 266 -0.77 26.98 -2.65
N GLU D 267 -1.97 27.54 -2.64
CA GLU D 267 -3.19 26.78 -2.89
C GLU D 267 -3.76 27.40 -4.16
N ASP D 268 -3.79 26.59 -5.22
CA ASP D 268 -4.09 27.01 -6.62
C ASP D 268 -3.38 28.31 -7.00
N GLY D 269 -2.07 28.35 -6.75
CA GLY D 269 -1.21 29.42 -7.17
C GLY D 269 -1.26 30.70 -6.36
N GLN D 270 -2.05 30.77 -5.28
CA GLN D 270 -2.09 31.96 -4.44
C GLN D 270 -1.41 31.65 -3.09
N VAL D 271 -0.62 32.61 -2.61
CA VAL D 271 0.14 32.45 -1.36
C VAL D 271 -0.75 32.33 -0.13
N MET D 272 -0.53 31.28 0.65
CA MET D 272 -1.23 31.01 1.89
C MET D 272 -0.54 31.70 3.07
N ASP D 273 -1.34 32.02 4.09
CA ASP D 273 -0.92 32.71 5.32
C ASP D 273 0.26 32.00 5.99
N VAL D 274 1.19 32.79 6.50
CA VAL D 274 2.45 32.31 7.09
C VAL D 274 2.24 31.41 8.32
N ASP D 275 1.16 31.64 9.08
CA ASP D 275 0.92 30.89 10.30
C ASP D 275 0.35 29.49 10.07
N LEU D 276 0.06 29.12 8.83
CA LEU D 276 -0.58 27.86 8.47
C LEU D 276 0.46 26.75 8.28
N SER D 277 1.75 27.08 8.37
CA SER D 277 2.82 26.13 8.14
C SER D 277 4.02 26.51 8.98
N THR D 278 4.81 25.50 9.37
CA THR D 278 6.01 25.69 10.18
C THR D 278 7.20 25.00 9.54
N ALA D 279 8.32 25.71 9.47
CA ALA D 279 9.55 25.25 8.86
C ALA D 279 10.63 25.08 9.92
N SER D 280 11.49 24.08 9.73
CA SER D 280 12.61 23.84 10.63
C SER D 280 13.81 23.34 9.82
N THR D 281 15.00 23.58 10.38
CA THR D 281 16.26 23.29 9.70
C THR D 281 17.22 22.57 10.63
N THR D 282 17.89 21.55 10.09
CA THR D 282 18.97 20.86 10.77
C THR D 282 20.17 20.80 9.83
N GLN D 283 21.33 20.48 10.40
CA GLN D 283 22.56 20.32 9.62
C GLN D 283 23.21 19.00 10.00
N GLU D 284 23.79 18.32 9.01
CA GLU D 284 24.51 17.08 9.22
C GLU D 284 25.76 17.08 8.34
N GLY D 285 26.92 17.10 9.01
CA GLY D 285 28.22 17.22 8.34
C GLY D 285 28.36 18.55 7.61
N GLU D 286 28.32 18.48 6.29
CA GLU D 286 28.21 19.66 5.46
C GLU D 286 26.77 19.92 5.04
N LEU D 287 26.02 18.86 4.75
CA LEU D 287 24.72 19.00 4.11
C LEU D 287 23.65 19.46 5.09
N ALA D 288 22.81 20.39 4.64
CA ALA D 288 21.69 20.85 5.45
C ALA D 288 20.44 20.06 5.08
N SER D 289 19.46 20.10 5.97
CA SER D 289 18.15 19.57 5.67
C SER D 289 17.12 20.51 6.25
N THR D 290 16.07 20.71 5.48
CA THR D 290 15.01 21.64 5.81
C THR D 290 13.69 20.89 5.65
N GLN D 291 12.73 21.20 6.50
CA GLN D 291 11.41 20.61 6.36
C GLN D 291 10.39 21.69 6.66
N SER D 292 9.21 21.50 6.11
CA SER D 292 8.09 22.40 6.35
C SER D 292 6.82 21.56 6.43
N GLU D 293 6.00 21.85 7.44
CA GLU D 293 4.79 21.12 7.66
C GLU D 293 3.63 22.08 7.46
N LEU D 294 2.68 21.67 6.61
CA LEU D 294 1.48 22.42 6.26
C LEU D 294 0.25 21.64 6.70
N THR D 295 -0.69 22.30 7.38
CA THR D 295 -1.91 21.64 7.79
C THR D 295 -3.04 22.11 6.90
N LEU D 296 -3.78 21.16 6.34
CA LEU D 296 -4.92 21.42 5.49
C LEU D 296 -6.16 20.80 6.10
N SER D 297 -7.31 21.43 5.89
CA SER D 297 -8.56 20.77 6.20
C SER D 297 -8.82 19.64 5.20
N GLN D 298 -9.56 18.62 5.66
CA GLN D 298 -10.02 17.52 4.81
C GLN D 298 -10.78 18.01 3.59
N LYS D 299 -11.66 19.01 3.79
CA LYS D 299 -12.50 19.59 2.74
C LYS D 299 -11.67 20.23 1.63
N HIS D 300 -10.63 20.98 2.02
CA HIS D 300 -9.71 21.60 1.06
C HIS D 300 -8.95 20.56 0.25
N TRP D 301 -8.44 19.52 0.92
CA TRP D 301 -7.77 18.41 0.23
C TRP D 301 -8.72 17.73 -0.75
N LEU D 302 -9.97 17.52 -0.35
CA LEU D 302 -10.94 16.83 -1.18
C LEU D 302 -11.50 17.71 -2.29
N SER D 303 -11.24 19.02 -2.26
CA SER D 303 -11.71 19.91 -3.30
C SER D 303 -10.89 19.88 -4.59
N ASP D 304 -9.79 19.11 -4.63
CA ASP D 304 -8.91 18.85 -5.78
C ASP D 304 -8.08 20.07 -6.17
N ARG D 305 -7.86 20.97 -5.22
CA ARG D 305 -6.93 22.09 -5.39
C ARG D 305 -5.48 21.62 -5.45
N THR D 306 -4.66 22.44 -6.08
CA THR D 306 -3.24 22.16 -6.26
C THR D 306 -2.48 22.93 -5.18
N TYR D 307 -1.60 22.21 -4.48
CA TYR D 307 -0.78 22.79 -3.42
C TYR D 307 0.66 22.77 -3.90
N THR D 308 1.31 23.92 -3.84
CA THR D 308 2.66 24.08 -4.35
C THR D 308 3.63 24.44 -3.23
N CYS D 309 4.73 23.69 -3.13
CA CYS D 309 5.84 24.02 -2.24
C CYS D 309 6.84 24.84 -3.05
N GLN D 310 7.06 26.09 -2.62
CA GLN D 310 7.90 27.06 -3.32
C GLN D 310 9.11 27.31 -2.45
N VAL D 311 10.28 26.87 -2.92
CA VAL D 311 11.50 26.94 -2.13
C VAL D 311 12.36 28.01 -2.79
N THR D 312 12.76 29.01 -2.03
CA THR D 312 13.65 30.04 -2.55
C THR D 312 14.96 29.92 -1.81
N TYR D 313 16.00 29.53 -2.54
CA TYR D 313 17.31 29.28 -1.96
C TYR D 313 18.27 30.18 -2.74
N GLN D 314 18.96 31.07 -2.01
CA GLN D 314 19.91 32.08 -2.53
C GLN D 314 19.31 32.95 -3.64
N GLY D 315 18.01 33.26 -3.52
CA GLY D 315 17.34 34.07 -4.50
C GLY D 315 16.76 33.31 -5.68
N HIS D 316 17.00 32.01 -5.78
CA HIS D 316 16.49 31.21 -6.90
C HIS D 316 15.37 30.28 -6.45
N THR D 317 14.43 30.02 -7.35
CA THR D 317 13.19 29.31 -7.02
C THR D 317 13.31 27.88 -7.52
N PHE D 318 12.92 26.96 -6.66
CA PHE D 318 12.84 25.52 -6.85
C PHE D 318 11.41 25.15 -6.49
N GLU D 319 10.79 24.29 -7.30
CA GLU D 319 9.37 24.03 -7.11
C GLU D 319 8.99 22.56 -7.07
N ASP D 320 7.95 22.28 -6.28
CA ASP D 320 7.21 21.02 -6.43
C ASP D 320 5.73 21.29 -6.19
N SER D 321 4.88 20.40 -6.71
CA SER D 321 3.44 20.60 -6.65
C SER D 321 2.74 19.28 -6.39
N THR D 322 1.49 19.38 -5.95
CA THR D 322 0.68 18.21 -5.65
C THR D 322 -0.79 18.56 -5.79
N LYS D 323 -1.60 17.53 -5.97
CA LYS D 323 -3.06 17.61 -5.88
C LYS D 323 -3.53 16.22 -5.50
N LYS D 324 -4.84 16.13 -5.22
CA LYS D 324 -5.46 14.87 -4.81
C LYS D 324 -5.28 13.81 -5.90
N CYS D 325 -5.02 12.57 -5.47
CA CYS D 325 -4.72 11.45 -6.35
C CYS D 325 -5.94 11.06 -7.20
N ALA D 326 -5.64 10.36 -8.28
CA ALA D 326 -6.65 9.72 -9.11
C ALA D 326 -6.55 8.22 -8.84
N ASP D 327 -7.68 7.58 -8.57
CA ASP D 327 -7.67 6.31 -7.85
C ASP D 327 -7.83 5.13 -8.82
N SER D 328 -7.36 5.33 -10.07
CA SER D 328 -7.04 4.34 -11.10
C SER D 328 -8.23 3.56 -11.68
N ASN D 329 -9.44 3.77 -11.17
CA ASN D 329 -10.67 3.25 -11.78
C ASN D 329 -11.68 4.38 -11.76
N PRO D 330 -11.65 5.29 -12.75
CA PRO D 330 -12.53 6.47 -12.69
C PRO D 330 -14.00 6.16 -12.94
N ARG D 331 -14.28 5.17 -13.79
CA ARG D 331 -15.63 4.77 -14.14
C ARG D 331 -15.81 3.27 -13.97
N GLY D 332 -15.07 2.66 -13.05
CA GLY D 332 -15.25 1.23 -12.82
C GLY D 332 -14.45 0.36 -13.76
N VAL D 333 -13.76 0.97 -14.73
CA VAL D 333 -12.90 0.29 -15.70
C VAL D 333 -11.72 -0.33 -14.97
N SER D 334 -11.17 -1.41 -15.49
CA SER D 334 -9.88 -1.86 -14.97
C SER D 334 -8.84 -1.94 -16.07
N ALA D 335 -7.59 -1.71 -15.70
CA ALA D 335 -6.46 -1.84 -16.59
C ALA D 335 -5.32 -2.53 -15.88
N TYR D 336 -4.64 -3.41 -16.60
CA TYR D 336 -3.57 -4.23 -16.07
C TYR D 336 -2.42 -4.17 -17.06
N LEU D 337 -1.20 -4.21 -16.54
CA LEU D 337 -0.03 -4.08 -17.37
C LEU D 337 1.02 -5.05 -16.87
N SER D 338 1.45 -5.96 -17.73
CA SER D 338 2.29 -7.06 -17.32
C SER D 338 3.76 -6.71 -17.52
N ARG D 339 4.61 -7.52 -16.94
CA ARG D 339 6.04 -7.52 -17.18
C ARG D 339 6.37 -8.57 -18.23
N PRO D 340 7.55 -8.52 -18.88
CA PRO D 340 7.90 -9.58 -19.85
C PRO D 340 8.06 -10.94 -19.19
N SER D 341 7.75 -11.99 -19.94
CA SER D 341 8.10 -13.28 -19.37
C SER D 341 9.60 -13.49 -19.53
N PRO D 342 10.25 -14.14 -18.55
CA PRO D 342 11.70 -14.39 -18.65
C PRO D 342 12.09 -15.27 -19.83
N PHE D 343 11.23 -16.23 -20.22
CA PHE D 343 11.46 -17.07 -21.40
C PHE D 343 11.49 -16.24 -22.66
N ASP D 344 10.53 -15.32 -22.81
CA ASP D 344 10.48 -14.41 -23.95
C ASP D 344 11.71 -13.51 -23.98
N LEU D 345 12.16 -13.07 -22.80
CA LEU D 345 13.24 -12.12 -22.66
C LEU D 345 14.61 -12.74 -22.93
N PHE D 346 14.88 -13.89 -22.29
CA PHE D 346 16.23 -14.46 -22.31
C PHE D 346 16.43 -15.62 -23.28
N ILE D 347 15.39 -16.33 -23.68
CA ILE D 347 15.57 -17.50 -24.55
C ILE D 347 15.24 -17.12 -25.99
N ARG D 348 14.02 -16.62 -26.21
CA ARG D 348 13.66 -16.19 -27.55
C ARG D 348 14.30 -14.87 -27.91
N LYS D 349 14.68 -14.07 -26.89
CA LYS D 349 15.22 -12.71 -26.99
C LYS D 349 14.29 -11.77 -27.77
N SER D 350 12.99 -11.93 -27.54
CA SER D 350 11.98 -10.99 -28.05
C SER D 350 10.96 -10.71 -26.95
N PRO D 351 11.33 -9.91 -25.93
CA PRO D 351 10.39 -9.67 -24.84
C PRO D 351 9.28 -8.73 -25.27
N THR D 352 8.10 -8.96 -24.69
CA THR D 352 6.94 -8.12 -24.93
C THR D 352 6.27 -7.83 -23.60
N ILE D 353 5.51 -6.75 -23.58
CA ILE D 353 4.64 -6.43 -22.46
C ILE D 353 3.23 -6.25 -23.01
N THR D 354 2.25 -6.45 -22.14
CA THR D 354 0.87 -6.46 -22.58
C THR D 354 0.05 -5.58 -21.66
N CYS D 355 -0.74 -4.69 -22.26
CA CYS D 355 -1.63 -3.80 -21.54
C CYS D 355 -3.04 -4.22 -21.86
N LEU D 356 -3.80 -4.55 -20.83
CA LEU D 356 -5.15 -5.05 -21.01
C LEU D 356 -6.11 -4.16 -20.25
N VAL D 357 -7.14 -3.69 -20.91
CA VAL D 357 -8.11 -2.81 -20.29
C VAL D 357 -9.48 -3.46 -20.48
N VAL D 358 -10.16 -3.71 -19.37
CA VAL D 358 -11.41 -4.45 -19.33
C VAL D 358 -12.52 -3.57 -18.78
N ASP D 359 -13.75 -4.01 -19.11
CA ASP D 359 -15.05 -3.49 -18.66
C ASP D 359 -15.32 -2.08 -19.20
N LEU D 360 -14.81 -1.79 -20.40
CA LEU D 360 -15.20 -0.57 -21.08
C LEU D 360 -16.56 -0.76 -21.75
N ALA D 361 -17.22 0.36 -22.02
CA ALA D 361 -18.49 0.27 -22.73
C ALA D 361 -18.25 0.09 -24.23
N PRO D 362 -19.12 -0.67 -24.93
CA PRO D 362 -18.98 -0.85 -26.39
C PRO D 362 -19.44 0.30 -27.27
N SER D 363 -19.40 1.54 -26.80
CA SER D 363 -19.92 2.69 -27.54
C SER D 363 -19.00 3.04 -28.71
N LYS D 364 -19.43 4.02 -29.50
CA LYS D 364 -18.64 4.50 -30.61
C LYS D 364 -17.48 5.37 -30.14
N GLY D 365 -16.62 5.74 -31.09
CA GLY D 365 -15.44 6.49 -30.77
C GLY D 365 -14.34 5.59 -30.24
N THR D 366 -13.34 5.35 -31.09
CA THR D 366 -12.25 4.44 -30.80
C THR D 366 -11.41 4.91 -29.61
N VAL D 367 -10.96 3.95 -28.79
CA VAL D 367 -10.09 4.28 -27.69
C VAL D 367 -8.72 4.69 -28.22
N ASN D 368 -8.10 5.62 -27.52
CA ASN D 368 -6.78 6.15 -27.89
C ASN D 368 -5.79 5.51 -26.95
N LEU D 369 -4.99 4.58 -27.47
CA LEU D 369 -4.00 3.88 -26.68
C LEU D 369 -2.61 4.27 -27.16
N THR D 370 -1.78 4.73 -26.21
CA THR D 370 -0.44 5.22 -26.52
C THR D 370 0.56 4.65 -25.53
N TRP D 371 1.75 4.32 -26.02
CA TRP D 371 2.81 3.76 -25.21
C TRP D 371 3.87 4.83 -25.03
N SER D 372 4.60 4.78 -23.91
CA SER D 372 5.70 5.73 -23.73
C SER D 372 6.68 5.27 -22.65
N ARG D 373 7.87 5.84 -22.73
CA ARG D 373 8.94 5.70 -21.76
C ARG D 373 9.10 7.03 -21.02
N ALA D 374 9.47 6.94 -19.73
CA ALA D 374 9.70 8.15 -18.92
C ALA D 374 10.86 8.99 -19.43
N SER D 375 11.83 8.35 -20.10
CA SER D 375 12.98 9.04 -20.68
C SER D 375 12.66 9.71 -22.00
N GLY D 376 11.49 9.48 -22.58
CA GLY D 376 11.17 10.09 -23.86
C GLY D 376 11.75 9.44 -25.08
N LYS D 377 12.53 8.36 -24.95
CA LYS D 377 13.04 7.65 -26.10
C LYS D 377 11.90 6.95 -26.85
N PRO D 378 12.07 6.61 -28.15
CA PRO D 378 10.93 6.11 -28.93
C PRO D 378 10.53 4.68 -28.57
N VAL D 379 9.25 4.38 -28.83
CA VAL D 379 8.73 3.04 -28.68
C VAL D 379 8.26 2.58 -30.05
N ASN D 380 8.16 1.27 -30.22
CA ASN D 380 7.67 0.73 -31.48
C ASN D 380 6.15 0.78 -31.56
N HIS D 381 5.64 0.41 -32.72
CA HIS D 381 4.23 0.15 -32.88
C HIS D 381 3.84 -1.11 -32.11
N SER D 382 2.58 -1.19 -31.72
CA SER D 382 2.11 -2.36 -30.99
C SER D 382 0.98 -3.03 -31.76
N THR D 383 0.61 -4.22 -31.30
CA THR D 383 -0.58 -4.93 -31.78
C THR D 383 -1.83 -4.46 -31.03
N ARG D 384 -2.44 -3.40 -31.53
CA ARG D 384 -3.68 -2.91 -30.92
C ARG D 384 -4.82 -3.85 -31.32
N LYS D 385 -5.59 -4.31 -30.34
CA LYS D 385 -6.68 -5.23 -30.59
C LYS D 385 -7.85 -4.94 -29.65
N GLU D 386 -9.06 -4.93 -30.20
CA GLU D 386 -10.27 -4.80 -29.40
C GLU D 386 -11.14 -6.02 -29.68
N GLU D 387 -11.91 -6.46 -28.66
CA GLU D 387 -12.98 -7.42 -28.88
C GLU D 387 -14.06 -7.33 -27.81
N LYS D 388 -15.31 -7.36 -28.27
CA LYS D 388 -16.46 -7.41 -27.39
C LYS D 388 -16.57 -8.80 -26.77
N GLN D 389 -16.92 -8.86 -25.48
CA GLN D 389 -17.00 -10.11 -24.75
C GLN D 389 -18.44 -10.61 -24.74
N ARG D 390 -18.60 -11.88 -24.34
CA ARG D 390 -19.91 -12.53 -24.28
C ARG D 390 -20.83 -11.89 -23.23
N ASN D 391 -20.29 -11.19 -22.24
CA ASN D 391 -21.08 -10.52 -21.22
C ASN D 391 -21.37 -9.08 -21.59
N GLY D 392 -21.15 -8.68 -22.84
CA GLY D 392 -21.48 -7.34 -23.26
C GLY D 392 -20.44 -6.29 -22.96
N THR D 393 -19.30 -6.67 -22.45
CA THR D 393 -18.25 -5.71 -22.17
C THR D 393 -17.29 -5.71 -23.34
N LEU D 394 -16.36 -4.77 -23.33
CA LEU D 394 -15.36 -4.67 -24.38
C LEU D 394 -14.00 -4.65 -23.74
N THR D 395 -13.11 -5.53 -24.20
CA THR D 395 -11.73 -5.51 -23.75
C THR D 395 -10.82 -5.09 -24.88
N VAL D 396 -9.83 -4.28 -24.54
CA VAL D 396 -8.82 -3.85 -25.50
C VAL D 396 -7.51 -4.40 -24.96
N THR D 397 -6.74 -5.03 -25.83
CA THR D 397 -5.47 -5.62 -25.48
C THR D 397 -4.44 -5.10 -26.44
N SER D 398 -3.27 -4.77 -25.91
CA SER D 398 -2.18 -4.34 -26.76
C SER D 398 -0.92 -5.04 -26.28
N THR D 399 -0.09 -5.45 -27.22
CA THR D 399 1.16 -6.10 -26.89
C THR D 399 2.28 -5.33 -27.58
N LEU D 400 3.24 -4.87 -26.80
CA LEU D 400 4.34 -4.09 -27.29
C LEU D 400 5.63 -4.87 -27.18
N PRO D 401 6.41 -5.00 -28.25
CA PRO D 401 7.74 -5.57 -28.11
C PRO D 401 8.68 -4.51 -27.54
N VAL D 402 9.56 -4.95 -26.63
CA VAL D 402 10.47 -4.04 -25.95
C VAL D 402 11.90 -4.56 -26.12
N GLY D 403 12.84 -3.63 -25.98
CA GLY D 403 14.24 -3.99 -26.06
C GLY D 403 14.65 -4.76 -24.81
N THR D 404 15.46 -5.80 -25.03
CA THR D 404 15.98 -6.65 -23.94
C THR D 404 16.85 -5.85 -22.99
N ARG D 405 17.83 -5.13 -23.56
CA ARG D 405 18.77 -4.31 -22.82
C ARG D 405 18.07 -3.14 -22.15
N ASP D 406 17.13 -2.51 -22.88
CA ASP D 406 16.28 -1.43 -22.36
C ASP D 406 15.56 -1.83 -21.08
N TRP D 407 14.96 -3.04 -21.07
CA TRP D 407 14.24 -3.53 -19.89
C TRP D 407 15.20 -3.81 -18.74
N ILE D 408 16.34 -4.47 -19.02
CA ILE D 408 17.27 -4.93 -17.98
C ILE D 408 17.90 -3.74 -17.22
N GLU D 409 18.04 -2.59 -17.86
CA GLU D 409 18.62 -1.44 -17.19
C GLU D 409 17.59 -0.61 -16.42
N GLY D 410 16.34 -1.04 -16.36
CA GLY D 410 15.39 -0.46 -15.44
C GLY D 410 14.50 0.62 -16.01
N GLU D 411 14.22 0.61 -17.31
CA GLU D 411 13.27 1.53 -17.91
C GLU D 411 11.87 1.29 -17.36
N THR D 412 11.07 2.35 -17.33
CA THR D 412 9.67 2.31 -16.94
C THR D 412 8.83 2.52 -18.18
N TYR D 413 7.84 1.66 -18.38
CA TYR D 413 7.00 1.73 -19.55
C TYR D 413 5.59 2.06 -19.11
N GLN D 414 4.91 2.87 -19.92
CA GLN D 414 3.63 3.48 -19.56
C GLN D 414 2.65 3.20 -20.67
N CYS D 415 1.47 2.74 -20.27
CA CYS D 415 0.34 2.49 -21.14
C CYS D 415 -0.71 3.55 -20.81
N ARG D 416 -1.17 4.25 -21.84
CA ARG D 416 -2.05 5.39 -21.69
C ARG D 416 -3.31 5.21 -22.52
N VAL D 417 -4.46 5.29 -21.85
CA VAL D 417 -5.74 5.04 -22.50
C VAL D 417 -6.66 6.25 -22.31
N THR D 418 -7.25 6.70 -23.41
CA THR D 418 -8.24 7.77 -23.39
C THR D 418 -9.48 7.30 -24.12
N HIS D 419 -10.63 7.39 -23.47
CA HIS D 419 -11.91 7.12 -24.09
C HIS D 419 -12.76 8.39 -23.98
N PRO D 420 -13.66 8.66 -24.96
CA PRO D 420 -14.47 9.88 -24.91
C PRO D 420 -15.41 9.98 -23.71
N HIS D 421 -15.89 8.85 -23.20
CA HIS D 421 -16.80 8.86 -22.05
C HIS D 421 -16.03 8.90 -20.73
N LEU D 422 -14.73 8.60 -20.75
CA LEU D 422 -13.96 8.68 -19.51
C LEU D 422 -13.63 10.14 -19.21
N PRO D 423 -13.66 10.56 -17.92
CA PRO D 423 -13.47 11.97 -17.59
C PRO D 423 -12.01 12.39 -17.68
N ARG D 424 -11.09 11.45 -17.47
CA ARG D 424 -9.67 11.75 -17.57
C ARG D 424 -8.95 10.53 -18.08
N ALA D 425 -7.71 10.74 -18.52
CA ALA D 425 -6.86 9.69 -19.05
C ALA D 425 -6.48 8.73 -17.93
N LEU D 426 -6.32 7.47 -18.29
CA LEU D 426 -5.95 6.41 -17.35
C LEU D 426 -4.55 5.91 -17.69
N MET D 427 -3.71 5.75 -16.67
CA MET D 427 -2.32 5.41 -16.90
C MET D 427 -1.97 4.15 -16.13
N ARG D 428 -1.11 3.32 -16.74
CA ARG D 428 -0.53 2.19 -16.03
C ARG D 428 0.98 2.22 -16.31
N SER D 429 1.77 1.80 -15.32
CA SER D 429 3.21 1.82 -15.46
C SER D 429 3.82 0.53 -14.94
N THR D 430 4.91 0.10 -15.57
CA THR D 430 5.58 -1.12 -15.16
C THR D 430 7.08 -0.88 -15.29
N THR D 431 7.84 -1.57 -14.42
CA THR D 431 9.29 -1.45 -14.40
C THR D 431 9.89 -2.65 -13.70
N LYS D 432 11.20 -2.78 -13.86
CA LYS D 432 11.98 -3.86 -13.26
C LYS D 432 11.98 -3.66 -11.74
N THR D 433 12.20 -4.75 -11.01
CA THR D 433 12.18 -4.75 -9.54
C THR D 433 13.30 -3.92 -8.93
N SER D 434 13.02 -3.38 -7.75
CA SER D 434 13.98 -2.58 -7.00
C SER D 434 14.54 -3.33 -5.81
N GLY D 435 14.23 -4.61 -5.69
CA GLY D 435 14.66 -5.40 -4.57
C GLY D 435 15.98 -6.06 -4.93
N PRO D 436 16.45 -7.02 -4.12
CA PRO D 436 17.73 -7.66 -4.43
C PRO D 436 17.63 -8.70 -5.53
N ARG D 437 18.75 -9.36 -5.83
CA ARG D 437 18.75 -10.47 -6.77
C ARG D 437 19.36 -11.71 -6.13
N ALA D 438 18.76 -12.86 -6.41
CA ALA D 438 19.24 -14.14 -5.90
C ALA D 438 18.93 -15.19 -6.96
N ALA D 439 19.92 -16.00 -7.30
CA ALA D 439 19.72 -16.97 -8.37
C ALA D 439 18.90 -18.16 -7.86
N PRO D 440 18.12 -18.83 -8.73
CA PRO D 440 17.32 -19.95 -8.24
C PRO D 440 18.14 -21.22 -8.06
N GLU D 441 17.73 -22.00 -7.07
CA GLU D 441 18.15 -23.38 -6.94
C GLU D 441 17.17 -24.27 -7.69
N VAL D 442 17.71 -25.29 -8.37
CA VAL D 442 16.92 -26.19 -9.20
C VAL D 442 17.18 -27.61 -8.75
N TYR D 443 16.12 -28.32 -8.40
CA TYR D 443 16.19 -29.72 -7.99
C TYR D 443 15.18 -30.51 -8.79
N ALA D 444 15.55 -31.69 -9.25
CA ALA D 444 14.63 -32.47 -10.07
C ALA D 444 14.62 -33.91 -9.58
N PHE D 445 13.41 -34.48 -9.46
CA PHE D 445 13.23 -35.80 -8.90
C PHE D 445 12.31 -36.63 -9.78
N ALA D 446 12.58 -37.93 -9.82
CA ALA D 446 11.72 -38.91 -10.45
C ALA D 446 11.08 -39.73 -9.34
N THR D 447 9.77 -39.94 -9.44
CA THR D 447 9.08 -40.80 -8.49
C THR D 447 9.49 -42.26 -8.68
N PRO D 448 9.58 -43.03 -7.60
CA PRO D 448 9.70 -44.49 -7.75
C PRO D 448 8.39 -45.10 -8.25
N GLU D 449 8.51 -46.33 -8.76
CA GLU D 449 7.35 -47.07 -9.26
C GLU D 449 6.32 -47.35 -8.17
N TRP D 450 5.07 -47.03 -8.47
CA TRP D 450 3.94 -47.33 -7.60
C TRP D 450 3.21 -48.56 -8.14
N PRO D 451 2.85 -49.52 -7.27
CA PRO D 451 2.21 -50.77 -7.72
C PRO D 451 0.91 -50.54 -8.51
N GLY D 452 0.84 -51.13 -9.71
CA GLY D 452 -0.33 -50.93 -10.56
C GLY D 452 -0.25 -49.81 -11.57
N SER D 453 0.86 -49.06 -11.64
CA SER D 453 0.98 -47.94 -12.57
C SER D 453 2.29 -48.07 -13.35
N ARG D 454 2.40 -49.18 -14.09
CA ARG D 454 3.61 -49.57 -14.80
C ARG D 454 3.97 -48.60 -15.93
N ASP D 455 3.00 -47.94 -16.54
CA ASP D 455 3.25 -47.23 -17.78
C ASP D 455 3.24 -45.71 -17.60
N LYS D 456 3.29 -45.21 -16.38
CA LYS D 456 3.33 -43.78 -16.11
C LYS D 456 4.28 -43.48 -14.98
N ARG D 457 4.90 -42.29 -15.05
CA ARG D 457 5.68 -41.74 -13.95
C ARG D 457 5.40 -40.25 -13.84
N THR D 458 5.73 -39.69 -12.69
CA THR D 458 5.62 -38.26 -12.46
C THR D 458 7.01 -37.69 -12.16
N LEU D 459 7.34 -36.58 -12.81
CA LEU D 459 8.57 -35.84 -12.55
C LEU D 459 8.22 -34.59 -11.75
N ALA D 460 9.03 -34.29 -10.73
CA ALA D 460 8.81 -33.12 -9.89
C ALA D 460 10.06 -32.25 -9.90
N CYS D 461 9.86 -30.94 -10.06
CA CYS D 461 10.95 -29.98 -10.08
C CYS D 461 10.69 -28.93 -9.01
N LEU D 462 11.68 -28.70 -8.15
CA LEU D 462 11.63 -27.65 -7.13
C LEU D 462 12.58 -26.51 -7.48
N ILE D 463 12.03 -25.30 -7.56
CA ILE D 463 12.80 -24.11 -7.92
C ILE D 463 12.66 -23.15 -6.76
N GLN D 464 13.77 -22.75 -6.16
CA GLN D 464 13.62 -22.06 -4.89
C GLN D 464 14.72 -21.05 -4.63
N ASN D 465 14.40 -20.12 -3.72
CA ASN D 465 15.30 -19.11 -3.14
C ASN D 465 15.70 -18.06 -4.16
N PHE D 466 14.87 -17.85 -5.18
CA PHE D 466 15.19 -16.83 -6.16
C PHE D 466 14.57 -15.50 -5.81
N MET D 467 15.20 -14.44 -6.29
CA MET D 467 14.71 -13.11 -6.12
C MET D 467 15.14 -12.37 -7.39
N PRO D 468 14.27 -11.59 -8.04
CA PRO D 468 12.85 -11.34 -7.77
C PRO D 468 11.90 -12.49 -8.16
N GLU D 469 10.58 -12.28 -8.12
CA GLU D 469 9.65 -13.39 -8.27
C GLU D 469 9.40 -13.81 -9.71
N ASP D 470 9.82 -13.03 -10.72
CA ASP D 470 9.47 -13.36 -12.10
C ASP D 470 10.35 -14.50 -12.60
N ILE D 471 9.71 -15.57 -13.10
CA ILE D 471 10.45 -16.76 -13.51
C ILE D 471 9.64 -17.52 -14.56
N SER D 472 10.35 -18.20 -15.47
CA SER D 472 9.74 -19.13 -16.42
C SER D 472 10.30 -20.52 -16.25
N VAL D 473 9.44 -21.53 -16.40
CA VAL D 473 9.84 -22.92 -16.28
C VAL D 473 9.49 -23.66 -17.56
N GLN D 474 10.43 -24.44 -18.08
CA GLN D 474 10.17 -25.27 -19.23
C GLN D 474 10.61 -26.69 -18.91
N TRP D 475 10.01 -27.64 -19.60
CA TRP D 475 10.43 -29.04 -19.57
C TRP D 475 10.86 -29.42 -20.97
N LEU D 476 11.95 -30.16 -21.06
CA LEU D 476 12.44 -30.63 -22.34
C LEU D 476 12.60 -32.14 -22.35
N HIS D 477 12.32 -32.74 -23.50
CA HIS D 477 12.53 -34.15 -23.77
C HIS D 477 13.03 -34.28 -25.20
N ASN D 478 14.16 -35.01 -25.35
CA ASN D 478 14.84 -35.27 -26.63
C ASN D 478 15.27 -33.97 -27.28
N GLU D 479 15.83 -33.06 -26.47
CA GLU D 479 16.37 -31.73 -26.76
C GLU D 479 15.33 -30.71 -27.26
N VAL D 480 14.04 -31.06 -27.27
CA VAL D 480 12.99 -30.17 -27.73
C VAL D 480 12.08 -29.89 -26.54
N GLN D 481 11.61 -28.65 -26.46
CA GLN D 481 10.76 -28.24 -25.35
C GLN D 481 9.35 -28.79 -25.51
N LEU D 482 8.86 -29.41 -24.45
CA LEU D 482 7.54 -30.03 -24.43
C LEU D 482 6.46 -28.95 -24.33
N PRO D 483 5.25 -29.21 -24.86
CA PRO D 483 4.13 -28.25 -24.72
C PRO D 483 3.78 -27.92 -23.27
N ASP D 484 3.36 -26.67 -23.07
CA ASP D 484 3.01 -26.16 -21.74
C ASP D 484 1.84 -26.90 -21.10
N ALA D 485 0.90 -27.41 -21.91
CA ALA D 485 -0.25 -28.14 -21.39
C ALA D 485 0.12 -29.48 -20.73
N ARG D 486 1.34 -29.99 -20.96
CA ARG D 486 1.76 -31.28 -20.43
C ARG D 486 2.11 -31.22 -18.95
N HIS D 487 2.41 -30.04 -18.44
CA HIS D 487 2.94 -29.90 -17.09
C HIS D 487 2.24 -28.76 -16.36
N SER D 488 2.25 -28.86 -15.03
CA SER D 488 1.54 -27.93 -14.16
C SER D 488 2.52 -27.29 -13.19
N THR D 489 2.46 -25.97 -13.05
CA THR D 489 3.34 -25.24 -12.16
C THR D 489 2.53 -24.27 -11.32
N THR D 490 2.85 -24.20 -10.02
CA THR D 490 2.16 -23.33 -9.10
C THR D 490 2.64 -21.89 -9.26
N GLN D 491 1.92 -20.97 -8.64
CA GLN D 491 2.27 -19.57 -8.66
C GLN D 491 3.34 -19.31 -7.60
N PRO D 492 4.25 -18.34 -7.83
CA PRO D 492 5.31 -18.07 -6.84
C PRO D 492 4.78 -17.60 -5.49
N ARG D 493 5.31 -18.23 -4.44
CA ARG D 493 5.01 -17.91 -3.06
C ARG D 493 6.33 -17.82 -2.31
N LYS D 494 6.34 -17.02 -1.24
CA LYS D 494 7.55 -16.78 -0.46
C LYS D 494 7.98 -18.03 0.30
N THR D 495 9.30 -18.24 0.35
CA THR D 495 9.91 -19.21 1.26
C THR D 495 9.84 -18.76 2.72
N LYS D 496 10.50 -19.54 3.58
CA LYS D 496 10.57 -19.17 4.99
C LYS D 496 11.55 -18.02 5.25
N GLY D 497 12.57 -17.88 4.43
CA GLY D 497 13.51 -16.79 4.59
C GLY D 497 13.47 -15.88 3.38
N SER D 498 14.58 -15.81 2.67
CA SER D 498 14.69 -14.97 1.49
C SER D 498 14.26 -15.74 0.25
N GLY D 499 13.47 -15.09 -0.59
CA GLY D 499 13.19 -15.61 -1.92
C GLY D 499 11.89 -16.38 -2.01
N PHE D 500 11.66 -16.92 -3.20
CA PHE D 500 10.39 -17.51 -3.57
C PHE D 500 10.64 -18.94 -4.03
N PHE D 501 9.58 -19.74 -4.08
CA PHE D 501 9.68 -21.05 -4.68
C PHE D 501 8.48 -21.36 -5.56
N VAL D 502 8.70 -22.29 -6.51
CA VAL D 502 7.64 -22.94 -7.26
C VAL D 502 8.00 -24.42 -7.39
N PHE D 503 6.96 -25.22 -7.58
CA PHE D 503 7.06 -26.63 -7.96
C PHE D 503 6.50 -26.83 -9.35
N SER D 504 7.09 -27.73 -10.12
CA SER D 504 6.54 -28.13 -11.41
C SER D 504 6.34 -29.64 -11.45
N ARG D 505 5.26 -30.07 -12.10
CA ARG D 505 4.82 -31.46 -12.13
C ARG D 505 4.60 -31.87 -13.58
N LEU D 506 5.19 -33.00 -13.98
CA LEU D 506 5.01 -33.50 -15.33
C LEU D 506 4.75 -35.00 -15.33
N GLU D 507 3.55 -35.40 -15.77
CA GLU D 507 3.25 -36.82 -15.95
C GLU D 507 3.78 -37.28 -17.30
N VAL D 508 4.46 -38.43 -17.30
CA VAL D 508 5.03 -39.00 -18.51
C VAL D 508 4.57 -40.44 -18.67
N THR D 509 4.69 -40.93 -19.91
CA THR D 509 4.27 -42.25 -20.35
C THR D 509 5.50 -43.08 -20.65
N ARG D 510 5.30 -44.41 -20.66
CA ARG D 510 6.36 -45.38 -20.91
C ARG D 510 7.04 -45.20 -22.25
N ALA D 511 6.25 -44.89 -23.31
CA ALA D 511 6.77 -44.63 -24.67
C ALA D 511 7.79 -43.49 -24.69
N GLU D 512 7.56 -42.47 -23.86
CA GLU D 512 8.44 -41.31 -23.79
C GLU D 512 9.77 -41.67 -23.16
N TRP D 513 9.75 -42.34 -21.98
CA TRP D 513 11.02 -42.64 -21.32
C TRP D 513 11.75 -43.78 -22.01
N GLU D 514 11.04 -44.68 -22.71
CA GLU D 514 11.75 -45.66 -23.52
C GLU D 514 12.35 -45.01 -24.76
N GLN D 515 11.75 -43.92 -25.23
CA GLN D 515 12.33 -43.16 -26.34
C GLN D 515 13.57 -42.40 -25.88
N LYS D 516 13.46 -41.68 -24.76
CA LYS D 516 14.58 -41.07 -24.04
C LYS D 516 14.16 -40.85 -22.61
N ASP D 517 14.91 -41.40 -21.66
CA ASP D 517 14.52 -41.39 -20.26
C ASP D 517 15.13 -40.18 -19.55
N GLU D 518 15.90 -39.37 -20.25
CA GLU D 518 16.44 -38.16 -19.66
C GLU D 518 15.51 -37.00 -20.02
N PHE D 519 15.05 -36.27 -19.00
CA PHE D 519 14.16 -35.12 -19.14
C PHE D 519 14.74 -33.94 -18.37
N ILE D 520 14.68 -32.75 -18.95
CA ILE D 520 15.36 -31.58 -18.38
C ILE D 520 14.32 -30.60 -17.86
N CYS D 521 14.44 -30.22 -16.58
CA CYS D 521 13.69 -29.12 -15.99
C CYS D 521 14.56 -27.87 -16.02
N ARG D 522 14.14 -26.86 -16.76
CA ARG D 522 14.94 -25.66 -16.95
C ARG D 522 14.19 -24.44 -16.44
N ALA D 523 14.85 -23.64 -15.62
CA ALA D 523 14.29 -22.40 -15.11
C ALA D 523 15.02 -21.23 -15.74
N VAL D 524 14.25 -20.23 -16.17
CA VAL D 524 14.78 -18.97 -16.67
C VAL D 524 14.42 -17.88 -15.67
N HIS D 525 15.44 -17.16 -15.20
CA HIS D 525 15.29 -16.20 -14.13
C HIS D 525 16.39 -15.16 -14.29
N GLU D 526 16.03 -13.88 -14.07
CA GLU D 526 16.91 -12.73 -14.35
C GLU D 526 18.20 -12.70 -13.52
N ALA D 527 18.22 -13.36 -12.36
CA ALA D 527 19.36 -13.33 -11.45
C ALA D 527 20.34 -14.47 -11.69
N ALA D 528 20.01 -15.37 -12.61
CA ALA D 528 20.82 -16.54 -12.92
C ALA D 528 21.97 -16.17 -13.84
N SER D 529 23.13 -16.79 -13.60
CA SER D 529 24.34 -16.45 -14.31
C SER D 529 24.95 -17.68 -14.98
N PRO D 530 25.55 -17.55 -16.18
CA PRO D 530 25.80 -16.33 -16.96
C PRO D 530 24.73 -15.94 -17.98
N SER D 531 23.72 -16.75 -18.27
CA SER D 531 22.81 -16.40 -19.36
C SER D 531 21.36 -16.48 -18.93
N GLN D 532 21.12 -16.21 -17.63
CA GLN D 532 19.79 -16.13 -17.00
C GLN D 532 19.02 -17.44 -17.09
N THR D 533 19.73 -18.56 -17.05
CA THR D 533 19.15 -19.86 -17.35
C THR D 533 19.91 -20.91 -16.55
N VAL D 534 19.18 -21.66 -15.72
CA VAL D 534 19.78 -22.75 -14.96
C VAL D 534 18.85 -23.96 -15.02
N GLN D 535 19.42 -25.13 -15.27
CA GLN D 535 18.62 -26.30 -15.54
C GLN D 535 19.20 -27.50 -14.81
N ARG D 536 18.38 -28.54 -14.72
CA ARG D 536 18.80 -29.80 -14.14
C ARG D 536 18.04 -30.90 -14.86
N ALA D 537 18.78 -31.88 -15.33
CA ALA D 537 18.17 -33.01 -15.98
C ALA D 537 17.92 -34.11 -14.94
N VAL D 538 17.00 -35.02 -15.25
CA VAL D 538 16.77 -36.16 -14.39
C VAL D 538 16.39 -37.36 -15.25
N SER D 539 16.77 -38.54 -14.79
CA SER D 539 16.48 -39.82 -15.42
C SER D 539 15.68 -40.66 -14.44
N SER D 540 14.99 -41.70 -14.95
CA SER D 540 14.40 -42.71 -14.08
C SER D 540 15.27 -43.98 -14.03
N VAL D 541 16.53 -43.80 -13.61
CA VAL D 541 17.43 -44.93 -13.48
C VAL D 541 17.86 -45.06 -12.02
N ASN D 542 18.49 -46.18 -11.72
CA ASN D 542 19.12 -46.50 -10.45
C ASN D 542 20.64 -46.38 -10.61
N PRO D 543 21.41 -46.31 -9.52
CA PRO D 543 22.88 -46.40 -9.65
C PRO D 543 23.42 -47.69 -10.29
N GLY D 544 22.86 -48.85 -9.91
CA GLY D 544 23.15 -50.19 -10.46
C GLY D 544 24.62 -50.60 -10.44
N GLU E 1 22.01 46.83 -68.22
CA GLU E 1 21.83 46.17 -69.51
C GLU E 1 22.89 45.11 -69.72
N LEU E 2 24.16 45.53 -69.71
CA LEU E 2 25.27 44.63 -69.97
C LEU E 2 25.53 43.73 -68.77
N ASP E 3 25.87 42.47 -69.07
CA ASP E 3 26.08 41.46 -68.05
C ASP E 3 27.56 41.12 -67.95
N MET E 4 27.95 40.55 -66.80
CA MET E 4 29.32 40.14 -66.56
C MET E 4 29.31 38.92 -65.65
N THR E 5 29.52 37.75 -66.22
CA THR E 5 29.27 36.45 -65.59
C THR E 5 30.57 35.90 -65.02
N GLN E 6 30.55 35.56 -63.73
CA GLN E 6 31.68 34.95 -63.04
C GLN E 6 31.38 33.48 -62.81
N THR E 7 32.20 32.59 -63.38
CA THR E 7 32.03 31.15 -63.29
C THR E 7 33.32 30.52 -62.74
N PRO E 8 33.21 29.54 -61.83
CA PRO E 8 32.01 29.06 -61.12
C PRO E 8 31.70 29.91 -59.90
N SER E 9 30.54 29.73 -59.28
CA SER E 9 30.26 30.42 -58.02
C SER E 9 31.01 29.80 -56.85
N SER E 10 31.41 28.53 -56.95
CA SER E 10 32.19 27.85 -55.93
C SER E 10 33.18 26.91 -56.59
N VAL E 11 34.40 26.88 -56.07
CA VAL E 11 35.44 25.96 -56.56
C VAL E 11 36.28 25.55 -55.34
N SER E 12 36.74 24.30 -55.35
CA SER E 12 37.46 23.74 -54.22
C SER E 12 38.71 23.04 -54.69
N ALA E 13 39.81 23.24 -53.96
CA ALA E 13 41.09 22.60 -54.25
C ALA E 13 41.90 22.55 -52.96
N PRO E 14 42.72 21.52 -52.76
CA PRO E 14 43.53 21.43 -51.53
C PRO E 14 44.77 22.33 -51.58
N VAL E 15 45.61 22.17 -50.55
CA VAL E 15 46.84 22.94 -50.45
C VAL E 15 47.85 22.44 -51.49
N GLY E 16 48.34 23.36 -52.32
CA GLY E 16 49.26 23.03 -53.39
C GLY E 16 48.61 22.92 -54.76
N GLY E 17 47.29 22.98 -54.83
CA GLY E 17 46.59 22.92 -56.10
C GLY E 17 46.42 24.29 -56.72
N SER E 18 45.53 24.35 -57.71
CA SER E 18 45.25 25.58 -58.43
C SER E 18 43.76 25.69 -58.69
N VAL E 19 43.25 26.93 -58.72
CA VAL E 19 41.88 27.20 -59.13
C VAL E 19 41.90 28.19 -60.27
N THR E 20 40.88 28.09 -61.13
CA THR E 20 40.69 29.01 -62.25
C THR E 20 39.31 29.62 -62.14
N ILE E 21 39.25 30.95 -62.15
CA ILE E 21 38.00 31.70 -62.09
C ILE E 21 37.87 32.48 -63.39
N ASN E 22 36.78 32.29 -64.11
CA ASN E 22 36.58 32.92 -65.40
C ASN E 22 35.51 33.99 -65.29
N CYS E 23 35.72 35.11 -65.98
CA CYS E 23 34.74 36.17 -66.09
C CYS E 23 34.54 36.50 -67.56
N GLN E 24 33.28 36.42 -67.99
CA GLN E 24 32.89 36.65 -69.37
C GLN E 24 31.92 37.82 -69.43
N SER E 25 32.23 38.80 -70.26
CA SER E 25 31.40 40.00 -70.35
C SER E 25 30.61 40.02 -71.65
N SER E 26 29.41 40.61 -71.59
CA SER E 26 28.57 40.72 -72.77
C SER E 26 29.10 41.77 -73.75
N GLN E 27 29.77 42.79 -73.25
CA GLN E 27 30.40 43.82 -74.08
C GLN E 27 31.84 43.92 -73.65
N SER E 28 32.74 44.13 -74.62
CA SER E 28 34.17 44.22 -74.36
C SER E 28 34.52 45.45 -73.52
N VAL E 29 35.53 45.29 -72.66
CA VAL E 29 35.90 46.32 -71.68
C VAL E 29 36.64 47.47 -72.36
N TYR E 30 36.81 48.56 -71.62
CA TYR E 30 37.37 49.80 -72.14
C TYR E 30 38.87 49.65 -72.42
N GLY E 31 39.23 49.71 -73.71
CA GLY E 31 40.61 49.52 -74.11
C GLY E 31 41.14 48.11 -73.92
N ASN E 32 40.23 47.12 -73.98
CA ASN E 32 40.31 45.65 -73.98
C ASN E 32 41.22 45.05 -72.91
N ASN E 33 41.55 45.79 -71.82
CA ASN E 33 42.18 45.15 -70.68
C ASN E 33 41.74 45.71 -69.33
N TYR E 34 40.79 46.62 -69.27
CA TYR E 34 40.46 47.29 -68.00
C TYR E 34 39.58 46.35 -67.16
N LEU E 35 40.25 45.47 -66.43
CA LEU E 35 39.57 44.56 -65.51
C LEU E 35 40.48 44.28 -64.32
N ALA E 36 39.87 44.19 -63.14
CA ALA E 36 40.56 43.97 -61.88
C ALA E 36 40.08 42.66 -61.26
N TRP E 37 40.95 42.08 -60.44
CA TRP E 37 40.66 40.91 -59.62
C TRP E 37 40.92 41.27 -58.16
N TYR E 38 39.90 41.07 -57.34
CA TYR E 38 39.86 41.42 -55.94
C TYR E 38 39.69 40.17 -55.08
N GLN E 39 40.27 40.21 -53.88
CA GLN E 39 40.09 39.19 -52.86
C GLN E 39 39.46 39.82 -51.63
N GLN E 40 38.35 39.25 -51.17
CA GLN E 40 37.61 39.77 -50.02
C GLN E 40 37.31 38.66 -49.04
N LYS E 41 37.59 38.92 -47.77
CA LYS E 41 37.25 38.05 -46.66
C LYS E 41 36.07 38.67 -45.91
N ALA E 42 35.64 37.98 -44.84
CA ALA E 42 34.46 38.40 -44.10
C ALA E 42 34.77 39.59 -43.20
N GLY E 43 33.94 40.63 -43.28
CA GLY E 43 34.12 41.81 -42.47
C GLY E 43 35.23 42.74 -42.92
N GLN E 44 35.78 42.56 -44.12
CA GLN E 44 36.91 43.32 -44.59
C GLN E 44 36.61 43.93 -45.96
N PRO E 45 37.23 45.06 -46.30
CA PRO E 45 37.17 45.55 -47.68
C PRO E 45 37.95 44.65 -48.62
N PRO E 46 37.61 44.63 -49.91
CA PRO E 46 38.36 43.80 -50.87
C PRO E 46 39.75 44.35 -51.13
N LYS E 47 40.69 43.43 -51.32
CA LYS E 47 42.10 43.74 -51.57
C LYS E 47 42.42 43.47 -53.03
N LEU E 48 43.08 44.42 -53.67
CA LEU E 48 43.39 44.30 -55.09
C LEU E 48 44.51 43.30 -55.32
N LEU E 49 44.26 42.32 -56.19
CA LEU E 49 45.26 41.38 -56.64
C LEU E 49 45.75 41.71 -58.05
N ILE E 50 44.83 41.85 -59.00
CA ILE E 50 45.19 42.13 -60.39
C ILE E 50 44.50 43.43 -60.80
N TYR E 51 45.25 44.33 -61.42
CA TYR E 51 44.66 45.42 -62.19
C TYR E 51 45.22 45.34 -63.61
N ARG E 52 44.43 45.88 -64.55
CA ARG E 52 44.70 45.90 -66.01
C ARG E 52 44.85 44.49 -66.60
N ALA E 53 44.17 43.51 -65.97
CA ALA E 53 43.89 42.13 -66.37
C ALA E 53 45.10 41.19 -66.43
N SER E 54 46.32 41.70 -66.29
CA SER E 54 47.47 40.81 -66.18
C SER E 54 48.50 41.32 -65.17
N THR E 55 48.43 42.60 -64.82
CA THR E 55 49.47 43.21 -64.01
C THR E 55 49.19 42.99 -62.53
N LEU E 56 50.18 42.44 -61.83
CA LEU E 56 50.05 42.15 -60.41
C LEU E 56 50.10 43.43 -59.59
N ALA E 57 49.21 43.51 -58.60
CA ALA E 57 49.20 44.66 -57.71
C ALA E 57 50.34 44.57 -56.70
N SER E 58 50.63 45.71 -56.07
CA SER E 58 51.71 45.78 -55.09
C SER E 58 51.26 45.14 -53.78
N GLY E 59 52.06 44.21 -53.27
CA GLY E 59 51.74 43.47 -52.07
C GLY E 59 51.09 42.13 -52.32
N ALA E 60 50.52 41.92 -53.50
CA ALA E 60 49.96 40.64 -53.88
C ALA E 60 51.08 39.66 -54.21
N PRO E 61 50.94 38.38 -53.86
CA PRO E 61 51.98 37.40 -54.21
C PRO E 61 51.96 37.07 -55.70
N SER E 62 53.07 36.48 -56.15
CA SER E 62 53.26 36.17 -57.57
C SER E 62 52.44 34.97 -58.03
N ARG E 63 51.87 34.20 -57.10
CA ARG E 63 51.08 33.02 -57.43
C ARG E 63 49.70 33.37 -57.99
N PHE E 64 49.24 34.61 -57.85
CA PHE E 64 48.01 35.07 -58.48
C PHE E 64 48.36 35.54 -59.90
N LYS E 65 47.78 34.91 -60.91
CA LYS E 65 48.09 35.25 -62.29
C LYS E 65 46.80 35.60 -63.03
N GLY E 66 46.74 36.81 -63.56
CA GLY E 66 45.62 37.24 -64.38
C GLY E 66 45.96 37.10 -65.85
N SER E 67 44.94 36.78 -66.64
CA SER E 67 45.11 36.64 -68.08
C SER E 67 43.76 36.91 -68.75
N GLY E 68 43.81 37.07 -70.06
CA GLY E 68 42.60 37.24 -70.86
C GLY E 68 42.54 38.60 -71.51
N SER E 69 41.59 38.71 -72.43
CA SER E 69 41.41 39.93 -73.21
C SER E 69 39.98 40.00 -73.71
N GLY E 70 39.57 41.21 -74.09
CA GLY E 70 38.33 41.40 -74.81
C GLY E 70 37.12 41.26 -73.90
N THR E 71 36.47 40.12 -74.02
CA THR E 71 35.39 39.73 -73.14
C THR E 71 35.77 38.60 -72.18
N GLN E 72 36.81 37.82 -72.47
CA GLN E 72 37.09 36.59 -71.74
C GLN E 72 38.33 36.78 -70.88
N PHE E 73 38.18 36.61 -69.56
CA PHE E 73 39.25 36.86 -68.61
C PHE E 73 39.30 35.73 -67.59
N THR E 74 40.51 35.43 -67.10
CA THR E 74 40.73 34.27 -66.24
C THR E 74 41.78 34.60 -65.18
N LEU E 75 41.43 34.34 -63.91
CA LEU E 75 42.39 34.36 -62.81
C LEU E 75 42.78 32.93 -62.47
N THR E 76 44.08 32.68 -62.39
CA THR E 76 44.62 31.39 -61.97
C THR E 76 45.35 31.59 -60.65
N ILE E 77 44.94 30.84 -59.64
CA ILE E 77 45.63 30.82 -58.36
C ILE E 77 46.27 29.43 -58.23
N SER E 78 47.55 29.36 -58.55
CA SER E 78 48.36 28.19 -58.31
C SER E 78 49.05 28.31 -56.96
N ASP E 79 49.57 27.16 -56.47
CA ASP E 79 50.30 26.99 -55.20
C ASP E 79 49.46 27.48 -54.01
N LEU E 80 48.34 26.81 -53.81
CA LEU E 80 47.29 27.30 -52.93
C LEU E 80 47.65 27.10 -51.47
N GLU E 81 47.43 28.15 -50.67
CA GLU E 81 47.62 28.12 -49.23
C GLU E 81 46.26 28.22 -48.54
N SER E 82 46.27 28.06 -47.21
CA SER E 82 45.03 28.16 -46.45
C SER E 82 44.60 29.61 -46.22
N ASP E 83 45.49 30.58 -46.49
CA ASP E 83 45.12 31.98 -46.39
C ASP E 83 44.26 32.42 -47.57
N ASP E 84 44.31 31.70 -48.69
CA ASP E 84 43.64 32.09 -49.91
C ASP E 84 42.17 31.70 -49.96
N ALA E 85 41.62 31.10 -48.90
CA ALA E 85 40.20 30.77 -48.85
C ALA E 85 39.42 32.06 -48.59
N ALA E 86 38.87 32.64 -49.66
CA ALA E 86 38.14 33.89 -49.59
C ALA E 86 37.17 33.95 -50.76
N THR E 87 36.50 35.09 -50.90
CA THR E 87 35.59 35.33 -52.01
C THR E 87 36.28 36.26 -53.00
N TYR E 88 36.36 35.83 -54.25
CA TYR E 88 37.12 36.54 -55.27
C TYR E 88 36.18 37.18 -56.28
N TYR E 89 36.48 38.41 -56.66
CA TYR E 89 35.61 39.20 -57.52
C TYR E 89 36.38 39.72 -58.72
N CYS E 90 35.66 39.96 -59.82
CA CYS E 90 36.21 40.58 -61.01
C CYS E 90 35.44 41.86 -61.35
N LEU E 91 36.19 42.90 -61.68
CA LEU E 91 35.64 44.24 -61.90
C LEU E 91 35.95 44.67 -63.32
N GLY E 92 34.92 45.05 -64.06
CA GLY E 92 35.05 45.47 -65.44
C GLY E 92 34.73 46.94 -65.59
N TYR E 93 35.63 47.66 -66.23
CA TYR E 93 35.41 49.06 -66.58
C TYR E 93 35.12 49.15 -68.07
N TYR E 94 34.13 49.97 -68.41
CA TYR E 94 33.55 49.97 -69.75
C TYR E 94 33.51 51.40 -70.27
N ASN E 95 33.09 51.54 -71.53
CA ASN E 95 32.82 52.86 -72.07
C ASN E 95 31.58 53.49 -71.45
N GLY E 96 31.56 54.82 -71.40
CA GLY E 96 30.50 55.54 -70.72
C GLY E 96 30.67 55.63 -69.22
N VAL E 97 31.86 55.29 -68.71
CA VAL E 97 32.28 55.24 -67.31
C VAL E 97 31.34 54.29 -66.57
N ILE E 98 31.53 52.98 -66.78
CA ILE E 98 30.69 51.95 -66.18
C ILE E 98 31.58 50.94 -65.49
N ASN E 99 31.40 50.75 -64.18
CA ASN E 99 32.11 49.73 -63.43
C ASN E 99 31.12 48.67 -62.95
N VAL E 100 31.35 47.43 -63.36
CA VAL E 100 30.46 46.31 -63.03
C VAL E 100 31.28 45.24 -62.32
N PHE E 101 30.85 44.87 -61.11
CA PHE E 101 31.47 43.78 -60.37
C PHE E 101 31.03 42.43 -60.91
N GLY E 102 31.84 41.41 -60.63
CA GLY E 102 31.45 40.05 -60.93
C GLY E 102 30.53 39.47 -59.88
N GLY E 103 30.03 38.26 -60.16
CA GLY E 103 29.13 37.58 -59.24
C GLY E 103 29.80 37.04 -58.00
N GLY E 104 31.09 36.76 -58.05
CA GLY E 104 31.81 36.24 -56.91
C GLY E 104 32.07 34.74 -57.03
N THR E 105 33.20 34.31 -56.47
CA THR E 105 33.58 32.90 -56.47
C THR E 105 34.17 32.55 -55.11
N ASN E 106 33.58 31.58 -54.44
CA ASN E 106 34.09 31.10 -53.16
C ASN E 106 35.12 30.00 -53.42
N VAL E 107 36.34 30.21 -52.93
CA VAL E 107 37.44 29.26 -53.06
C VAL E 107 37.59 28.53 -51.73
N GLU E 108 37.46 27.21 -51.76
CA GLU E 108 37.50 26.40 -50.55
C GLU E 108 38.79 25.58 -50.53
N ILE E 109 39.57 25.76 -49.46
CA ILE E 109 40.85 25.10 -49.31
C ILE E 109 40.62 23.82 -48.50
N LYS E 110 41.29 22.73 -48.88
CA LYS E 110 41.47 21.62 -47.95
C LYS E 110 42.83 21.74 -47.26
N ARG E 111 42.84 21.87 -45.93
CA ARG E 111 44.06 21.81 -45.14
C ARG E 111 43.89 20.74 -44.08
N THR E 112 44.83 20.71 -43.12
CA THR E 112 44.94 19.64 -42.14
C THR E 112 43.78 19.66 -41.15
N VAL E 113 43.44 18.47 -40.67
CA VAL E 113 42.17 18.26 -39.97
C VAL E 113 42.37 18.47 -38.47
N GLY E 114 41.58 19.38 -37.90
CA GLY E 114 41.59 19.61 -36.47
C GLY E 114 40.30 19.24 -35.77
N ALA E 115 40.40 18.47 -34.68
CA ALA E 115 39.22 18.10 -33.93
C ALA E 115 38.71 19.28 -33.09
N PRO E 116 37.41 19.44 -32.93
CA PRO E 116 36.91 20.55 -32.10
C PRO E 116 37.08 20.29 -30.62
N SER E 117 37.41 21.34 -29.89
CA SER E 117 37.40 21.30 -28.43
C SER E 117 36.02 21.71 -27.96
N VAL E 118 35.33 20.81 -27.29
CA VAL E 118 33.93 21.00 -26.92
C VAL E 118 33.86 21.49 -25.48
N PHE E 119 33.11 22.56 -25.27
CA PHE E 119 32.80 23.06 -23.94
C PHE E 119 31.30 23.28 -23.85
N ILE E 120 30.75 23.18 -22.65
CA ILE E 120 29.33 23.41 -22.45
C ILE E 120 29.15 24.39 -21.29
N PHE E 121 28.23 25.33 -21.48
CA PHE E 121 27.96 26.42 -20.55
C PHE E 121 26.51 26.36 -20.12
N PRO E 122 26.23 26.16 -18.83
CA PRO E 122 24.87 26.34 -18.31
C PRO E 122 24.48 27.81 -18.33
N PRO E 123 23.18 28.10 -18.40
CA PRO E 123 22.74 29.50 -18.24
C PRO E 123 22.97 30.01 -16.84
N SER E 124 23.35 31.28 -16.75
CA SER E 124 23.64 31.92 -15.48
C SER E 124 22.34 32.29 -14.78
N ASP E 125 22.47 32.55 -13.46
CA ASP E 125 21.33 32.79 -12.58
C ASP E 125 20.63 34.11 -12.86
N GLU E 126 21.32 35.07 -13.44
CA GLU E 126 20.70 36.33 -13.84
C GLU E 126 19.78 36.14 -15.04
N GLN E 127 20.08 35.17 -15.90
CA GLN E 127 19.17 34.83 -16.98
C GLN E 127 17.98 34.03 -16.47
N LEU E 128 18.16 33.27 -15.38
CA LEU E 128 17.09 32.44 -14.84
C LEU E 128 16.04 33.25 -14.08
N LYS E 129 16.33 34.52 -13.76
CA LYS E 129 15.31 35.39 -13.21
C LYS E 129 14.45 36.04 -14.29
N SER E 130 14.85 35.92 -15.56
CA SER E 130 14.15 36.56 -16.66
C SER E 130 13.18 35.63 -17.39
N GLY E 131 13.11 34.36 -17.01
CA GLY E 131 12.16 33.45 -17.62
C GLY E 131 12.67 32.70 -18.84
N THR E 132 13.94 32.83 -19.18
CA THR E 132 14.51 32.23 -20.38
C THR E 132 15.82 31.57 -19.97
N ALA E 133 16.15 30.43 -20.57
CA ALA E 133 17.42 29.75 -20.31
C ALA E 133 18.09 29.43 -21.64
N SER E 134 19.35 29.83 -21.78
CA SER E 134 20.13 29.55 -22.97
C SER E 134 21.34 28.69 -22.60
N VAL E 135 21.44 27.52 -23.21
CA VAL E 135 22.51 26.58 -22.96
C VAL E 135 23.47 26.61 -24.12
N VAL E 136 24.76 26.78 -23.84
CA VAL E 136 25.74 27.09 -24.88
C VAL E 136 26.65 25.88 -25.06
N CYS E 137 26.82 25.44 -26.31
CA CYS E 137 27.84 24.46 -26.65
C CYS E 137 28.85 25.10 -27.59
N LEU E 138 30.12 25.09 -27.19
CA LEU E 138 31.20 25.71 -27.94
C LEU E 138 32.07 24.64 -28.58
N LEU E 139 32.33 24.79 -29.86
CA LEU E 139 33.25 23.96 -30.63
C LEU E 139 34.40 24.87 -31.02
N ASN E 140 35.60 24.59 -30.51
CA ASN E 140 36.72 25.51 -30.61
C ASN E 140 37.83 24.92 -31.47
N ASN E 141 38.26 25.70 -32.47
CA ASN E 141 39.51 25.54 -33.24
C ASN E 141 39.53 24.21 -34.01
N PHE E 142 38.61 24.10 -34.96
CA PHE E 142 38.45 22.87 -35.73
C PHE E 142 38.62 23.14 -37.22
N TYR E 143 38.95 22.07 -37.94
CA TYR E 143 38.97 22.03 -39.38
C TYR E 143 38.60 20.61 -39.77
N PRO E 144 37.68 20.39 -40.73
CA PRO E 144 36.93 21.36 -41.55
C PRO E 144 35.70 21.93 -40.89
N ARG E 145 34.98 22.79 -41.62
CA ARG E 145 33.82 23.52 -41.10
C ARG E 145 32.63 22.59 -40.86
N GLU E 146 32.58 21.45 -41.56
CA GLU E 146 31.44 20.53 -41.52
C GLU E 146 31.44 19.77 -40.20
N ALA E 147 30.49 20.13 -39.33
CA ALA E 147 30.28 19.45 -38.06
C ALA E 147 28.79 19.48 -37.75
N LYS E 148 28.36 18.55 -36.91
CA LYS E 148 26.96 18.44 -36.53
C LYS E 148 26.84 18.50 -35.02
N VAL E 149 25.92 19.35 -34.55
CA VAL E 149 25.66 19.53 -33.12
C VAL E 149 24.24 19.06 -32.85
N GLN E 150 24.10 18.17 -31.86
CA GLN E 150 22.81 17.65 -31.46
C GLN E 150 22.58 17.94 -29.98
N TRP E 151 21.39 18.42 -29.64
CA TRP E 151 21.04 18.74 -28.28
C TRP E 151 20.18 17.64 -27.68
N LYS E 152 20.52 17.20 -26.47
CA LYS E 152 19.79 16.14 -25.79
C LYS E 152 19.31 16.67 -24.45
N VAL E 153 17.99 16.75 -24.28
CA VAL E 153 17.37 17.23 -23.06
C VAL E 153 16.56 16.07 -22.50
N ASP E 154 17.06 15.50 -21.38
CA ASP E 154 16.61 14.24 -20.76
C ASP E 154 16.54 13.09 -21.77
N ASN E 155 17.63 12.92 -22.53
CA ASN E 155 17.84 11.97 -23.62
C ASN E 155 16.81 12.09 -24.74
N ALA E 156 16.26 13.28 -24.96
CA ALA E 156 15.37 13.55 -26.08
C ALA E 156 16.02 14.56 -27.01
N LEU E 157 16.04 14.26 -28.30
CA LEU E 157 16.70 15.11 -29.27
C LEU E 157 15.88 16.35 -29.55
N GLN E 158 16.51 17.52 -29.43
CA GLN E 158 15.81 18.78 -29.62
C GLN E 158 15.77 19.17 -31.09
N SER E 159 14.72 19.90 -31.45
CA SER E 159 14.53 20.35 -32.82
C SER E 159 13.79 21.68 -32.80
N GLY E 160 14.38 22.70 -33.42
CA GLY E 160 13.73 23.98 -33.58
C GLY E 160 13.95 24.98 -32.47
N ASN E 161 14.80 24.68 -31.48
CA ASN E 161 15.04 25.59 -30.36
C ASN E 161 16.52 25.87 -30.17
N SER E 162 17.33 25.67 -31.21
CA SER E 162 18.76 25.93 -31.14
C SER E 162 19.21 26.66 -32.40
N GLN E 163 20.21 27.52 -32.22
CA GLN E 163 20.77 28.29 -33.33
C GLN E 163 22.28 28.30 -33.23
N GLU E 164 22.95 28.28 -34.38
CA GLU E 164 24.40 28.18 -34.43
C GLU E 164 25.02 29.44 -35.04
N SER E 165 26.17 29.81 -34.48
CA SER E 165 26.98 30.91 -34.98
C SER E 165 28.35 30.37 -35.33
N VAL E 166 28.80 30.66 -36.56
CA VAL E 166 30.07 30.20 -37.09
C VAL E 166 30.93 31.43 -37.40
N THR E 167 32.15 31.45 -36.88
CA THR E 167 33.08 32.53 -37.18
C THR E 167 33.67 32.36 -38.59
N GLU E 168 34.40 33.39 -39.01
CA GLU E 168 35.21 33.28 -40.22
C GLU E 168 36.46 32.45 -39.95
N GLN E 169 37.14 32.07 -41.03
CA GLN E 169 38.38 31.32 -40.91
C GLN E 169 39.49 32.22 -40.38
N ASP E 170 40.27 31.68 -39.45
CA ASP E 170 41.26 32.46 -38.72
C ASP E 170 42.46 32.80 -39.60
N SER E 171 43.11 33.92 -39.31
CA SER E 171 44.25 34.38 -40.10
C SER E 171 45.57 33.78 -39.67
N LYS E 172 45.60 32.98 -38.60
CA LYS E 172 46.84 32.41 -38.09
C LYS E 172 46.91 30.90 -38.24
N ASP E 173 45.93 30.17 -37.68
CA ASP E 173 45.92 28.72 -37.74
C ASP E 173 44.87 28.15 -38.68
N SER E 174 44.04 29.03 -39.29
CA SER E 174 43.03 28.72 -40.32
C SER E 174 41.98 27.73 -39.84
N THR E 175 41.55 27.84 -38.58
CA THR E 175 40.52 26.99 -38.03
C THR E 175 39.20 27.76 -37.91
N TYR E 176 38.15 27.03 -37.55
CA TYR E 176 36.82 27.59 -37.35
C TYR E 176 36.39 27.42 -35.90
N SER E 177 35.43 28.24 -35.50
CA SER E 177 34.83 28.16 -34.17
C SER E 177 33.31 28.27 -34.31
N LEU E 178 32.60 27.45 -33.54
CA LEU E 178 31.15 27.35 -33.64
C LEU E 178 30.55 27.43 -32.25
N SER E 179 29.33 27.98 -32.17
CA SER E 179 28.54 27.88 -30.95
C SER E 179 27.10 27.52 -31.30
N SER E 180 26.53 26.60 -30.54
CA SER E 180 25.11 26.28 -30.63
C SER E 180 24.44 26.72 -29.34
N THR E 181 23.43 27.55 -29.46
CA THR E 181 22.66 28.04 -28.32
C THR E 181 21.29 27.37 -28.35
N LEU E 182 20.99 26.64 -27.28
CA LEU E 182 19.69 26.03 -27.09
C LEU E 182 18.85 26.94 -26.20
N THR E 183 17.74 27.43 -26.74
CA THR E 183 16.91 28.41 -26.06
C THR E 183 15.64 27.72 -25.56
N LEU E 184 15.40 27.80 -24.26
CA LEU E 184 14.25 27.17 -23.62
C LEU E 184 13.57 28.17 -22.69
N SER E 185 12.31 27.88 -22.37
CA SER E 185 11.60 28.65 -21.37
C SER E 185 11.99 28.18 -19.97
N LYS E 186 11.52 28.92 -18.96
CA LYS E 186 11.87 28.61 -17.58
C LYS E 186 11.12 27.39 -17.07
N ALA E 187 9.88 27.20 -17.53
CA ALA E 187 9.11 26.02 -17.15
C ALA E 187 9.68 24.76 -17.79
N ASP E 188 10.19 24.88 -19.01
CA ASP E 188 10.80 23.73 -19.67
C ASP E 188 12.19 23.43 -19.14
N TYR E 189 12.91 24.44 -18.66
CA TYR E 189 14.27 24.22 -18.17
C TYR E 189 14.26 23.56 -16.79
N GLU E 190 13.25 23.85 -15.98
CA GLU E 190 13.15 23.28 -14.64
C GLU E 190 12.42 21.94 -14.62
N LYS E 191 11.86 21.49 -15.74
CA LYS E 191 11.25 20.18 -15.80
C LYS E 191 12.22 19.10 -16.24
N HIS E 192 13.45 19.45 -16.58
CA HIS E 192 14.42 18.49 -17.06
C HIS E 192 15.74 18.62 -16.33
N LYS E 193 16.49 17.52 -16.32
CA LYS E 193 17.55 17.30 -15.35
C LYS E 193 18.93 17.29 -15.99
N VAL E 194 19.14 16.44 -16.98
CA VAL E 194 20.42 16.29 -17.66
C VAL E 194 20.35 17.03 -18.99
N TYR E 195 21.45 17.67 -19.39
CA TYR E 195 21.51 18.47 -20.61
C TYR E 195 22.82 18.15 -21.32
N ALA E 196 22.74 17.63 -22.55
CA ALA E 196 23.90 17.11 -23.26
C ALA E 196 24.06 17.76 -24.63
N CYS E 197 25.31 17.99 -25.02
CA CYS E 197 25.67 18.42 -26.36
C CYS E 197 26.52 17.33 -27.00
N GLU E 198 26.07 16.83 -28.16
CA GLU E 198 26.76 15.78 -28.89
C GLU E 198 27.32 16.37 -30.17
N VAL E 199 28.61 16.19 -30.40
CA VAL E 199 29.36 16.81 -31.49
C VAL E 199 29.90 15.71 -32.39
N THR E 200 29.54 15.78 -33.67
CA THR E 200 30.05 14.88 -34.70
C THR E 200 30.91 15.67 -35.66
N HIS E 201 32.13 15.20 -35.89
CA HIS E 201 33.08 15.87 -36.77
C HIS E 201 33.94 14.81 -37.43
N GLN E 202 34.51 15.16 -38.59
CA GLN E 202 35.30 14.23 -39.38
C GLN E 202 36.64 13.91 -38.73
N GLY E 203 37.16 14.79 -37.87
CA GLY E 203 38.34 14.48 -37.10
C GLY E 203 38.11 13.66 -35.85
N LEU E 204 36.85 13.41 -35.51
CA LEU E 204 36.49 12.59 -34.36
C LEU E 204 36.00 11.24 -34.85
N SER E 205 36.54 10.16 -34.25
CA SER E 205 36.11 8.82 -34.62
C SER E 205 34.74 8.49 -34.05
N SER E 206 34.38 9.11 -32.94
CA SER E 206 33.08 8.96 -32.30
C SER E 206 32.55 10.34 -32.01
N PRO E 207 31.22 10.53 -31.99
CA PRO E 207 30.65 11.82 -31.57
C PRO E 207 30.85 12.03 -30.07
N VAL E 208 31.56 13.10 -29.73
CA VAL E 208 31.91 13.37 -28.35
C VAL E 208 30.76 14.12 -27.68
N THR E 209 30.42 13.71 -26.46
CA THR E 209 29.30 14.31 -25.74
C THR E 209 29.81 14.98 -24.48
N LYS E 210 29.51 16.26 -24.35
CA LYS E 210 29.72 16.97 -23.09
C LYS E 210 28.35 17.29 -22.50
N SER E 211 28.15 16.91 -21.24
CA SER E 211 26.85 17.02 -20.60
C SER E 211 27.02 17.62 -19.21
N PHE E 212 25.94 18.20 -18.71
CA PHE E 212 25.89 18.61 -17.32
C PHE E 212 24.50 18.31 -16.78
N ASN E 213 24.47 17.98 -15.50
CA ASN E 213 23.23 17.87 -14.73
C ASN E 213 22.96 19.25 -14.14
N ARG E 214 21.67 19.52 -13.86
CA ARG E 214 21.17 20.80 -13.38
C ARG E 214 21.76 21.19 -12.03
N GLY E 215 22.48 22.30 -12.00
CA GLY E 215 23.33 22.65 -10.88
C GLY E 215 24.68 21.94 -11.00
N GLU E 216 25.12 21.33 -9.89
CA GLU E 216 26.35 20.50 -9.69
C GLU E 216 27.62 21.11 -10.28
N CYS E 217 27.73 22.43 -10.18
CA CYS E 217 28.86 23.10 -10.80
C CYS E 217 30.01 23.40 -9.85
#